data_5FTT
#
_entry.id   5FTT
#
_cell.length_a   231.961
_cell.length_b   141.486
_cell.length_c   151.491
_cell.angle_alpha   90.00
_cell.angle_beta   117.94
_cell.angle_gamma   90.00
#
_symmetry.space_group_name_H-M   'C 1 2 1'
#
loop_
_entity.id
_entity.type
_entity.pdbx_description
1 polymer 'NETRIN RECEPTOR UNC5D'
2 polymer 'LEUCINE-RICH REPEAT TRANSMEMBRANE PROTEIN FLRT2'
3 polymer 'ADHESION G PROTEIN-COUPLED RECEPTOR L3'
4 non-polymer 2-acetamido-2-deoxy-beta-D-glucopyranose
5 non-polymer 'SODIUM ION'
6 non-polymer 'CALCIUM ION'
#
loop_
_entity_poly.entity_id
_entity_poly.type
_entity_poly.pdbx_seq_one_letter_code
_entity_poly.pdbx_strand_id
1 'polypeptide(L)'
;RGADSGEVLPDSIPSAPGTLPHFIEEPEDAYIIKSNPIALRCKARPAMQIFFKCNGEWVHQNEHVSEESLDESSGLKVRE
VFINVTRQQVEDFHGPEDYWCQCVAWSHLGTSKSRKASVRIAYLRKNFEQDPQGREVPIEGMIVLHCRPPEGVPAAEVEW
LKNEEPIDSEQDENIDTRADHNLIIRQARLSDSGNYTCMAANIVAKRRSLSATVVVYVNGGWSSWTEWSACNVRCGRGWQ
KRSRTCTNPAPLNGGAFCEGMSVQKITCTALCPVDGGTKHHHHHH
;
A,E
2 'polypeptide(L)'
;TGACPSVCRCDRNFVYCNERSLTSVPLGIPEGVTVLYLHNNQINNAGFPAELHNVQSVHTVYLYGNQLDEFPMNLPKNVR
VLHLQENNIQTISRAALAQLLKLEELHLDDNSISTVGVEDGAFREAISLKLLFLSKNHLSSVPVGLPVDLQELRVDENRI
AVISDMAFQNLTSLERLIVDGNLLTNKGIAEGTFSHLTKLKEFSIVRNSLSHPPPDLPGTHLIRLYLQDNQINHIPLTAF
ANLRKLERLDISNNQLRMLTQGVFDHLSNLKQLTARNNPWFCDCSIKWVTEWLKYIPSSLNVRGFMCQGPEQVRGMAVRE
LNMNLLSCPTRTKHHHHHH
;
B,F
3 'polypeptide(L)'
;TGPIPMAVVRRELSCESYPIELRCPGTDVIMIESANYGRTDDKICDSDPAQMENIRCYLPDAYKIMSQRCNNRTQCAVVA
GPDVFPDPCPGTYKYLEVQYECVPYKVEQKVFLCPGLLKGVYQSEHLFESDHQSGAWCKDPLQASDKIYYMPWTPYRTDT
LTEYSSKDDFIAGRPTTTYKLPHRVDGTGFVVYDGALFFNKERTRNIVKFDLRTRIKSGEAIIANANYHDTSPYRWGGKS
DIDLAVDENGLWVIYATEQNNGKIVISQLNPYTLRIEGTWDTAYDKRSASNAFMICGILYVVKSVYEDDDNEATGNKIDY
IYNTDQSKDSLVDVPFPNSYQYIAAVDYNPRDNLLYVWNNYHVVKYSLDFGPLDGTKHHHHHH
;
C,D,G,H
#
# COMPACT_ATOMS: atom_id res chain seq x y z
N SER A 15 20.90 -70.57 13.46
CA SER A 15 20.54 -70.91 12.09
C SER A 15 19.95 -69.72 11.32
N ALA A 16 19.21 -68.84 12.03
CA ALA A 16 18.58 -67.65 11.47
C ALA A 16 19.63 -66.62 11.00
N PRO A 17 19.43 -65.91 9.87
CA PRO A 17 20.45 -64.95 9.41
C PRO A 17 20.50 -63.67 10.25
N GLY A 18 21.73 -63.29 10.61
CA GLY A 18 22.00 -62.11 11.43
C GLY A 18 22.52 -60.94 10.62
N THR A 19 21.78 -59.83 10.66
CA THR A 19 22.11 -58.58 9.96
C THR A 19 21.69 -57.34 10.78
N LEU A 20 22.07 -56.12 10.32
CA LEU A 20 21.72 -54.85 10.94
C LEU A 20 20.20 -54.62 10.87
N PRO A 21 19.58 -53.73 11.70
CA PRO A 21 18.12 -53.56 11.59
C PRO A 21 17.69 -52.85 10.32
N HIS A 22 16.65 -53.40 9.66
CA HIS A 22 16.08 -52.86 8.42
C HIS A 22 14.71 -52.28 8.75
N PHE A 23 14.49 -51.00 8.36
CA PHE A 23 13.24 -50.28 8.62
C PHE A 23 12.13 -50.63 7.63
N ILE A 24 10.93 -50.88 8.16
CA ILE A 24 9.73 -51.21 7.38
C ILE A 24 8.86 -49.95 7.30
N GLU A 25 8.40 -49.44 8.46
CA GLU A 25 7.58 -48.23 8.55
C GLU A 25 8.42 -47.08 9.13
N GLU A 26 9.10 -46.34 8.25
CA GLU A 26 9.93 -45.19 8.61
C GLU A 26 9.03 -44.02 9.03
N PRO A 27 9.42 -43.19 10.03
CA PRO A 27 8.54 -42.08 10.45
C PRO A 27 8.29 -41.02 9.38
N GLU A 28 7.00 -40.70 9.16
CA GLU A 28 6.53 -39.72 8.18
C GLU A 28 6.21 -38.39 8.88
N ASP A 29 6.44 -37.26 8.17
CA ASP A 29 6.21 -35.89 8.63
C ASP A 29 4.79 -35.68 9.17
N ALA A 30 4.70 -35.27 10.45
CA ALA A 30 3.44 -35.02 11.14
C ALA A 30 3.07 -33.53 11.17
N TYR A 31 1.77 -33.24 11.31
CA TYR A 31 1.25 -31.88 11.36
C TYR A 31 0.15 -31.78 12.42
N ILE A 32 0.30 -30.85 13.37
CA ILE A 32 -0.66 -30.66 14.45
C ILE A 32 -1.83 -29.78 14.00
N ILE A 33 -3.06 -30.30 14.19
CA ILE A 33 -4.31 -29.63 13.80
C ILE A 33 -5.23 -29.52 15.03
N LYS A 34 -5.68 -28.28 15.33
CA LYS A 34 -6.60 -27.92 16.43
C LYS A 34 -6.20 -28.51 17.80
N SER A 35 -4.89 -28.41 18.14
CA SER A 35 -4.25 -28.89 19.37
C SER A 35 -4.45 -30.40 19.67
N ASN A 36 -4.60 -31.22 18.61
CA ASN A 36 -4.76 -32.67 18.73
C ASN A 36 -3.37 -33.34 18.59
N PRO A 37 -2.81 -33.89 19.69
CA PRO A 37 -1.45 -34.50 19.60
C PRO A 37 -1.38 -35.75 18.74
N ILE A 38 -0.54 -35.69 17.69
CA ILE A 38 -0.36 -36.79 16.74
C ILE A 38 0.99 -37.46 16.96
N ALA A 39 0.95 -38.79 17.19
CA ALA A 39 2.11 -39.64 17.46
C ALA A 39 2.89 -40.06 16.20
N LEU A 40 4.15 -40.49 16.39
CA LEU A 40 5.06 -40.94 15.33
C LEU A 40 5.26 -42.45 15.37
N ARG A 41 5.12 -43.11 14.21
CA ARG A 41 5.26 -44.57 14.04
C ARG A 41 6.68 -44.96 13.65
N CYS A 42 7.13 -46.16 14.09
CA CYS A 42 8.46 -46.69 13.78
C CYS A 42 8.46 -48.22 13.80
N LYS A 43 8.96 -48.85 12.72
CA LYS A 43 9.02 -50.32 12.58
C LYS A 43 10.35 -50.77 11.99
N ALA A 44 10.99 -51.76 12.64
CA ALA A 44 12.28 -52.31 12.21
C ALA A 44 12.42 -53.79 12.54
N ARG A 45 13.28 -54.50 11.76
CA ARG A 45 13.56 -55.93 11.88
C ARG A 45 14.95 -56.28 11.30
N PRO A 46 15.85 -56.98 12.04
CA PRO A 46 15.73 -57.48 13.42
C PRO A 46 15.99 -56.41 14.48
N ALA A 47 15.09 -56.32 15.48
CA ALA A 47 15.21 -55.31 16.54
C ALA A 47 14.83 -55.82 17.91
N MET A 48 15.57 -55.35 18.93
CA MET A 48 15.37 -55.64 20.35
C MET A 48 15.09 -54.35 21.13
N GLN A 49 15.66 -53.22 20.66
CA GLN A 49 15.48 -51.89 21.25
C GLN A 49 15.32 -50.83 20.18
N ILE A 50 14.26 -50.02 20.29
CA ILE A 50 13.98 -48.91 19.38
C ILE A 50 13.71 -47.66 20.20
N PHE A 51 14.49 -46.59 19.94
CA PHE A 51 14.38 -45.31 20.62
C PHE A 51 14.34 -44.13 19.65
N PHE A 52 13.80 -42.99 20.12
CA PHE A 52 13.69 -41.76 19.35
C PHE A 52 14.68 -40.68 19.79
N LYS A 53 15.28 -39.97 18.82
CA LYS A 53 16.23 -38.90 19.06
C LYS A 53 15.64 -37.61 18.47
N CYS A 54 14.80 -36.92 19.25
CA CYS A 54 14.14 -35.70 18.79
C CYS A 54 14.95 -34.44 19.08
N ASN A 55 15.30 -33.74 17.99
CA ASN A 55 16.05 -32.49 17.94
C ASN A 55 17.44 -32.58 18.59
N GLY A 56 18.19 -33.61 18.19
CA GLY A 56 19.55 -33.86 18.67
C GLY A 56 19.68 -34.75 19.88
N GLU A 57 18.72 -34.70 20.82
CA GLU A 57 18.77 -35.48 22.05
C GLU A 57 17.69 -36.59 22.14
N TRP A 58 18.04 -37.68 22.88
CA TRP A 58 17.20 -38.86 23.12
C TRP A 58 15.90 -38.52 23.85
N VAL A 59 14.82 -39.26 23.51
CA VAL A 59 13.52 -39.11 24.15
C VAL A 59 13.47 -40.13 25.29
N HIS A 60 12.94 -39.71 26.46
CA HIS A 60 12.82 -40.55 27.66
C HIS A 60 12.11 -41.88 27.41
N GLN A 61 12.59 -42.95 28.06
CA GLN A 61 12.09 -44.33 27.98
C GLN A 61 10.58 -44.45 28.26
N ASN A 62 10.06 -43.68 29.24
CA ASN A 62 8.65 -43.66 29.65
C ASN A 62 7.71 -43.20 28.54
N GLU A 63 8.18 -42.29 27.67
CA GLU A 63 7.43 -41.74 26.54
C GLU A 63 7.19 -42.80 25.45
N HIS A 64 8.11 -43.79 25.34
CA HIS A 64 8.06 -44.87 24.36
C HIS A 64 7.04 -45.95 24.72
N VAL A 65 6.31 -46.46 23.69
CA VAL A 65 5.32 -47.53 23.81
C VAL A 65 5.69 -48.61 22.77
N SER A 66 6.32 -49.71 23.24
CA SER A 66 6.79 -50.82 22.42
C SER A 66 5.74 -51.90 22.17
N GLU A 67 5.81 -52.54 20.99
CA GLU A 67 4.91 -53.60 20.56
C GLU A 67 5.71 -54.60 19.70
N GLU A 68 6.24 -55.65 20.34
CA GLU A 68 7.04 -56.69 19.67
C GLU A 68 6.11 -57.70 18.97
N SER A 69 5.45 -57.25 17.89
CA SER A 69 4.54 -58.06 17.09
C SER A 69 5.31 -58.71 15.95
N LEU A 70 5.27 -60.04 15.88
CA LEU A 70 5.98 -60.83 14.87
C LEU A 70 5.14 -60.95 13.59
N ASP A 71 5.62 -60.32 12.50
CA ASP A 71 4.98 -60.35 11.18
C ASP A 71 5.16 -61.75 10.59
N GLU A 72 4.15 -62.25 9.87
CA GLU A 72 4.22 -63.57 9.23
C GLU A 72 5.18 -63.56 8.05
N SER A 73 5.01 -62.59 7.10
CA SER A 73 5.79 -62.39 5.88
C SER A 73 7.32 -62.45 6.07
N SER A 74 7.81 -62.10 7.27
CA SER A 74 9.23 -62.10 7.61
C SER A 74 9.55 -63.02 8.80
N GLY A 75 10.68 -63.71 8.73
CA GLY A 75 11.13 -64.66 9.73
C GLY A 75 11.64 -64.07 11.04
N LEU A 76 12.46 -63.01 10.96
CA LEU A 76 13.07 -62.36 12.13
C LEU A 76 12.06 -61.54 12.98
N LYS A 77 12.46 -61.21 14.23
CA LYS A 77 11.68 -60.47 15.22
C LYS A 77 11.47 -59.00 14.84
N VAL A 78 10.20 -58.58 14.77
CA VAL A 78 9.81 -57.21 14.41
C VAL A 78 9.39 -56.43 15.66
N ARG A 79 9.79 -55.16 15.76
CA ARG A 79 9.46 -54.29 16.90
C ARG A 79 8.87 -52.96 16.41
N GLU A 80 7.77 -52.52 17.06
CA GLU A 80 7.07 -51.29 16.69
C GLU A 80 6.91 -50.37 17.91
N VAL A 81 7.45 -49.13 17.81
CA VAL A 81 7.41 -48.15 18.90
C VAL A 81 6.73 -46.84 18.45
N PHE A 82 5.79 -46.33 19.30
CA PHE A 82 5.04 -45.11 19.07
C PHE A 82 5.33 -44.06 20.15
N ILE A 83 5.47 -42.78 19.76
CA ILE A 83 5.73 -41.66 20.68
C ILE A 83 4.80 -40.47 20.38
N ASN A 84 4.02 -40.03 21.37
CA ASN A 84 3.10 -38.89 21.25
C ASN A 84 3.86 -37.56 21.24
N VAL A 85 3.49 -36.64 20.34
CA VAL A 85 4.07 -35.30 20.25
C VAL A 85 2.91 -34.29 20.39
N THR A 86 2.94 -33.49 21.48
CA THR A 86 1.90 -32.49 21.77
C THR A 86 2.22 -31.12 21.14
N ARG A 87 1.20 -30.24 21.07
CA ARG A 87 1.31 -28.87 20.54
C ARG A 87 2.27 -28.07 21.40
N GLN A 88 2.18 -28.25 22.74
CA GLN A 88 3.01 -27.59 23.75
C GLN A 88 4.51 -27.87 23.54
N GLN A 89 4.85 -29.06 23.01
CA GLN A 89 6.23 -29.46 22.73
C GLN A 89 6.82 -28.64 21.56
N VAL A 90 6.02 -28.44 20.49
CA VAL A 90 6.43 -27.72 19.28
C VAL A 90 6.48 -26.20 19.47
N GLU A 91 5.43 -25.62 20.08
CA GLU A 91 5.34 -24.17 20.30
C GLU A 91 6.36 -23.65 21.33
N ASP A 92 6.82 -24.52 22.24
CA ASP A 92 7.82 -24.14 23.26
C ASP A 92 9.25 -24.45 22.80
N PHE A 93 9.41 -25.15 21.66
CA PHE A 93 10.72 -25.46 21.08
C PHE A 93 11.19 -24.23 20.28
N HIS A 94 12.34 -23.65 20.68
CA HIS A 94 12.88 -22.46 20.03
C HIS A 94 14.26 -22.71 19.39
N GLY A 95 14.34 -23.78 18.61
CA GLY A 95 15.57 -24.18 17.92
C GLY A 95 15.72 -23.50 16.57
N PRO A 96 16.78 -23.83 15.79
CA PRO A 96 16.95 -23.17 14.49
C PRO A 96 16.14 -23.81 13.36
N GLU A 97 15.98 -25.15 13.38
CA GLU A 97 15.25 -25.93 12.38
C GLU A 97 13.87 -26.33 12.89
N ASP A 98 13.04 -26.93 12.02
CA ASP A 98 11.70 -27.42 12.36
C ASP A 98 11.83 -28.63 13.27
N TYR A 99 10.90 -28.76 14.25
CA TYR A 99 10.87 -29.85 15.23
C TYR A 99 10.96 -31.22 14.52
N TRP A 100 12.18 -31.80 14.48
CA TRP A 100 12.43 -33.08 13.80
C TRP A 100 12.69 -34.23 14.77
N CYS A 101 12.45 -35.47 14.30
CA CYS A 101 12.67 -36.69 15.05
C CYS A 101 13.29 -37.77 14.19
N GLN A 102 14.16 -38.61 14.79
CA GLN A 102 14.83 -39.71 14.11
C GLN A 102 14.65 -41.00 14.92
N CYS A 103 14.78 -42.16 14.25
CA CYS A 103 14.59 -43.46 14.87
C CYS A 103 15.87 -44.30 14.84
N VAL A 104 16.28 -44.82 16.01
CA VAL A 104 17.47 -45.66 16.16
C VAL A 104 17.04 -47.06 16.63
N ALA A 105 17.46 -48.10 15.89
CA ALA A 105 17.14 -49.50 16.20
C ALA A 105 18.40 -50.30 16.54
N TRP A 106 18.29 -51.19 17.55
CA TRP A 106 19.40 -52.02 18.04
C TRP A 106 19.33 -53.49 17.61
N SER A 107 20.48 -54.01 17.18
CA SER A 107 20.68 -55.40 16.76
C SER A 107 21.96 -55.95 17.41
N HIS A 108 22.23 -57.25 17.26
CA HIS A 108 23.43 -57.88 17.81
C HIS A 108 24.70 -57.48 17.05
N LEU A 109 24.56 -56.90 15.84
CA LEU A 109 25.67 -56.45 15.01
C LEU A 109 25.92 -54.95 15.07
N GLY A 110 24.86 -54.17 15.23
CA GLY A 110 24.97 -52.71 15.30
C GLY A 110 23.65 -51.96 15.36
N THR A 111 23.67 -50.72 14.85
CA THR A 111 22.53 -49.79 14.84
C THR A 111 22.25 -49.20 13.47
N SER A 112 21.03 -48.65 13.28
CA SER A 112 20.61 -48.02 12.03
C SER A 112 19.65 -46.85 12.28
N LYS A 113 19.88 -45.74 11.58
CA LYS A 113 19.07 -44.52 11.66
C LYS A 113 18.01 -44.49 10.54
N SER A 114 16.89 -43.80 10.79
CA SER A 114 15.78 -43.68 9.85
C SER A 114 15.67 -42.24 9.26
N ARG A 115 14.51 -41.93 8.64
CA ARG A 115 14.21 -40.61 8.07
C ARG A 115 13.95 -39.59 9.19
N LYS A 116 14.33 -38.33 8.96
CA LYS A 116 14.07 -37.26 9.91
C LYS A 116 12.65 -36.71 9.68
N ALA A 117 11.69 -37.18 10.49
CA ALA A 117 10.28 -36.77 10.40
C ALA A 117 10.09 -35.44 11.11
N SER A 118 9.67 -34.40 10.36
CA SER A 118 9.49 -33.06 10.90
C SER A 118 8.05 -32.70 11.25
N VAL A 119 7.80 -32.52 12.55
CA VAL A 119 6.52 -32.12 13.14
C VAL A 119 6.39 -30.60 12.99
N ARG A 120 5.32 -30.15 12.31
CA ARG A 120 5.06 -28.73 12.06
C ARG A 120 3.63 -28.34 12.49
N ILE A 121 3.39 -27.03 12.69
CA ILE A 121 2.09 -26.47 13.08
C ILE A 121 1.31 -26.18 11.79
N ALA A 122 0.30 -27.01 11.48
CA ALA A 122 -0.50 -26.90 10.27
C ALA A 122 -1.43 -25.69 10.27
N TYR A 123 -1.41 -24.91 9.17
CA TYR A 123 -2.24 -23.70 8.98
C TYR A 123 -2.49 -23.43 7.49
N LEU A 124 -3.44 -22.50 7.19
CA LEU A 124 -3.81 -22.07 5.84
C LEU A 124 -4.55 -20.73 5.86
N ARG A 125 -4.16 -19.80 4.97
CA ARG A 125 -4.74 -18.46 4.87
C ARG A 125 -5.94 -18.43 3.90
N LYS A 126 -6.84 -17.44 4.08
CA LYS A 126 -8.04 -17.23 3.25
C LYS A 126 -7.71 -16.50 1.94
N ASN A 127 -6.96 -15.40 2.05
CA ASN A 127 -6.55 -14.54 0.94
C ASN A 127 -5.49 -15.19 0.06
N PHE A 128 -5.75 -15.27 -1.25
CA PHE A 128 -4.82 -15.82 -2.25
C PHE A 128 -3.69 -14.84 -2.50
N GLU A 129 -2.45 -15.35 -2.67
CA GLU A 129 -1.26 -14.52 -2.92
C GLU A 129 -1.35 -13.76 -4.25
N GLN A 130 -1.89 -14.43 -5.30
CA GLN A 130 -2.12 -13.85 -6.62
C GLN A 130 -3.22 -14.64 -7.33
N ASP A 131 -4.35 -13.96 -7.58
CA ASP A 131 -5.54 -14.52 -8.25
C ASP A 131 -5.34 -14.55 -9.78
N PRO A 132 -5.90 -15.54 -10.51
CA PRO A 132 -5.73 -15.55 -11.98
C PRO A 132 -6.41 -14.37 -12.66
N GLN A 133 -5.75 -13.80 -13.70
CA GLN A 133 -6.23 -12.65 -14.44
C GLN A 133 -6.87 -13.04 -15.78
N GLY A 134 -8.04 -12.47 -16.07
CA GLY A 134 -8.79 -12.71 -17.30
C GLY A 134 -8.10 -12.13 -18.52
N ARG A 135 -8.17 -12.85 -19.66
CA ARG A 135 -7.52 -12.45 -20.91
C ARG A 135 -8.37 -12.64 -22.17
N GLU A 136 -8.08 -11.83 -23.22
CA GLU A 136 -8.69 -11.87 -24.55
C GLU A 136 -7.60 -12.44 -25.46
N VAL A 137 -7.87 -13.60 -26.08
CA VAL A 137 -6.86 -14.31 -26.89
C VAL A 137 -7.41 -14.75 -28.26
N PRO A 138 -6.65 -14.55 -29.37
CA PRO A 138 -7.13 -15.00 -30.70
C PRO A 138 -7.32 -16.52 -30.83
N ILE A 139 -7.76 -17.01 -32.01
CA ILE A 139 -8.01 -18.44 -32.25
C ILE A 139 -6.71 -19.28 -32.28
N GLU A 140 -5.59 -18.71 -32.75
CA GLU A 140 -4.31 -19.44 -32.83
C GLU A 140 -3.35 -19.11 -31.68
N GLY A 141 -3.62 -17.99 -30.99
CA GLY A 141 -2.81 -17.48 -29.89
C GLY A 141 -2.69 -18.38 -28.67
N MET A 142 -1.65 -18.13 -27.85
CA MET A 142 -1.35 -18.88 -26.63
C MET A 142 -1.42 -18.02 -25.36
N ILE A 143 -1.96 -18.59 -24.25
CA ILE A 143 -2.11 -17.89 -22.97
C ILE A 143 -1.75 -18.75 -21.77
N VAL A 144 -1.15 -18.10 -20.75
CA VAL A 144 -0.73 -18.72 -19.49
C VAL A 144 -1.50 -18.08 -18.34
N LEU A 145 -2.18 -18.90 -17.51
CA LEU A 145 -2.94 -18.43 -16.36
C LEU A 145 -2.14 -18.65 -15.08
N HIS A 146 -1.76 -17.55 -14.43
CA HIS A 146 -0.93 -17.52 -13.22
C HIS A 146 -1.76 -17.66 -11.95
N CYS A 147 -1.21 -18.36 -10.94
CA CYS A 147 -1.88 -18.58 -9.66
C CYS A 147 -0.87 -18.79 -8.54
N ARG A 148 -0.96 -17.96 -7.48
CA ARG A 148 -0.12 -18.06 -6.30
C ARG A 148 -1.00 -18.38 -5.09
N PRO A 149 -0.95 -19.65 -4.60
CA PRO A 149 -1.82 -20.05 -3.48
C PRO A 149 -1.52 -19.33 -2.15
N PRO A 150 -2.46 -19.35 -1.16
CA PRO A 150 -2.18 -18.68 0.12
C PRO A 150 -1.11 -19.38 0.95
N GLU A 151 -0.45 -18.65 1.86
CA GLU A 151 0.58 -19.18 2.75
C GLU A 151 -0.01 -20.25 3.68
N GLY A 152 0.70 -21.37 3.81
CA GLY A 152 0.27 -22.48 4.64
C GLY A 152 1.25 -23.63 4.70
N VAL A 153 1.22 -24.38 5.81
CA VAL A 153 2.08 -25.55 6.01
C VAL A 153 1.21 -26.82 6.15
N PRO A 154 1.36 -27.83 5.26
CA PRO A 154 2.30 -27.90 4.12
C PRO A 154 1.90 -27.03 2.92
N ALA A 155 2.76 -27.00 1.88
CA ALA A 155 2.53 -26.24 0.66
C ALA A 155 1.23 -26.68 -0.01
N ALA A 156 0.38 -25.71 -0.37
CA ALA A 156 -0.93 -25.91 -0.98
C ALA A 156 -0.87 -26.60 -2.35
N GLU A 157 -1.82 -27.53 -2.59
CA GLU A 157 -1.95 -28.29 -3.83
C GLU A 157 -2.96 -27.59 -4.76
N VAL A 158 -2.43 -26.96 -5.82
CA VAL A 158 -3.21 -26.20 -6.79
C VAL A 158 -3.88 -27.12 -7.82
N GLU A 159 -5.19 -26.90 -8.03
CA GLU A 159 -6.04 -27.62 -8.98
C GLU A 159 -6.85 -26.59 -9.78
N TRP A 160 -6.90 -26.76 -11.10
CA TRP A 160 -7.62 -25.85 -12.01
C TRP A 160 -9.01 -26.35 -12.36
N LEU A 161 -9.97 -25.41 -12.44
CA LEU A 161 -11.37 -25.70 -12.75
C LEU A 161 -11.87 -24.81 -13.88
N LYS A 162 -12.42 -25.43 -14.95
CA LYS A 162 -13.02 -24.69 -16.05
C LYS A 162 -14.53 -24.71 -15.80
N ASN A 163 -15.09 -23.54 -15.46
CA ASN A 163 -16.52 -23.34 -15.15
C ASN A 163 -17.00 -24.30 -14.04
N GLU A 164 -16.37 -24.18 -12.85
CA GLU A 164 -16.62 -24.94 -11.62
C GLU A 164 -16.57 -26.48 -11.82
N GLU A 165 -15.77 -26.94 -12.78
CA GLU A 165 -15.56 -28.37 -13.07
C GLU A 165 -14.08 -28.64 -13.36
N PRO A 166 -13.45 -29.62 -12.67
CA PRO A 166 -12.01 -29.88 -12.89
C PRO A 166 -11.59 -30.25 -14.31
N ILE A 167 -10.33 -29.91 -14.66
CA ILE A 167 -9.72 -30.16 -15.97
C ILE A 167 -8.62 -31.20 -15.85
N ASP A 168 -8.54 -32.14 -16.81
CA ASP A 168 -7.53 -33.17 -16.83
C ASP A 168 -6.43 -32.77 -17.81
N SER A 169 -5.20 -32.59 -17.30
CA SER A 169 -4.02 -32.20 -18.07
C SER A 169 -3.55 -33.28 -19.05
N GLU A 170 -3.76 -34.56 -18.70
CA GLU A 170 -3.39 -35.72 -19.52
C GLU A 170 -4.40 -35.99 -20.64
N GLN A 171 -5.64 -35.45 -20.50
CA GLN A 171 -6.75 -35.59 -21.46
C GLN A 171 -6.44 -34.92 -22.80
N ASP A 172 -5.70 -33.79 -22.77
CA ASP A 172 -5.33 -33.03 -23.96
C ASP A 172 -3.87 -32.56 -23.89
N GLU A 173 -3.15 -32.61 -25.03
CA GLU A 173 -1.76 -32.17 -25.14
C GLU A 173 -1.64 -30.64 -25.08
N ASN A 174 -2.71 -29.94 -25.47
CA ASN A 174 -2.83 -28.47 -25.51
C ASN A 174 -2.81 -27.83 -24.11
N ILE A 175 -3.31 -28.54 -23.09
CA ILE A 175 -3.38 -28.05 -21.71
C ILE A 175 -2.45 -28.87 -20.80
N ASP A 176 -1.71 -28.19 -19.90
CA ASP A 176 -0.79 -28.83 -18.95
C ASP A 176 -0.63 -28.05 -17.65
N THR A 177 -0.41 -28.76 -16.54
CA THR A 177 -0.22 -28.19 -15.21
C THR A 177 1.28 -28.15 -14.85
N ARG A 178 1.76 -26.97 -14.42
CA ARG A 178 3.16 -26.73 -14.06
C ARG A 178 3.41 -26.75 -12.57
N ALA A 179 4.64 -27.11 -12.16
CA ALA A 179 5.12 -27.21 -10.78
C ALA A 179 5.03 -25.88 -10.01
N ASP A 180 5.09 -24.74 -10.74
CA ASP A 180 5.00 -23.40 -10.16
C ASP A 180 3.56 -22.81 -10.28
N HIS A 181 2.56 -23.73 -10.37
CA HIS A 181 1.11 -23.49 -10.44
C HIS A 181 0.72 -22.53 -11.59
N ASN A 182 0.77 -23.05 -12.83
CA ASN A 182 0.42 -22.29 -14.04
C ASN A 182 -0.33 -23.15 -15.05
N LEU A 183 -1.37 -22.57 -15.70
CA LEU A 183 -2.18 -23.25 -16.71
C LEU A 183 -1.85 -22.70 -18.10
N ILE A 184 -1.25 -23.54 -18.97
CA ILE A 184 -0.84 -23.14 -20.31
C ILE A 184 -1.75 -23.75 -21.39
N ILE A 185 -2.21 -22.88 -22.32
CA ILE A 185 -3.03 -23.23 -23.47
C ILE A 185 -2.24 -22.72 -24.68
N ARG A 186 -1.78 -23.65 -25.54
CA ARG A 186 -0.92 -23.35 -26.68
C ARG A 186 -1.65 -22.99 -28.00
N GLN A 187 -2.91 -23.43 -28.21
CA GLN A 187 -3.62 -23.17 -29.46
C GLN A 187 -4.86 -22.26 -29.33
N ALA A 188 -5.77 -22.53 -28.36
CA ALA A 188 -7.06 -21.85 -28.07
C ALA A 188 -8.27 -22.57 -28.67
N ARG A 189 -8.06 -23.29 -29.79
CA ARG A 189 -9.06 -24.12 -30.47
C ARG A 189 -9.41 -25.35 -29.62
N LEU A 190 -8.38 -26.06 -29.09
CA LEU A 190 -8.51 -27.29 -28.28
C LEU A 190 -9.02 -27.04 -26.84
N SER A 191 -9.00 -25.77 -26.40
CA SER A 191 -9.50 -25.32 -25.09
C SER A 191 -10.02 -23.90 -25.25
N ASP A 192 -11.32 -23.77 -25.53
CA ASP A 192 -11.97 -22.48 -25.76
C ASP A 192 -12.30 -21.72 -24.46
N SER A 193 -13.01 -20.58 -24.60
CA SER A 193 -13.44 -19.64 -23.57
C SER A 193 -14.14 -20.29 -22.36
N GLY A 194 -14.09 -19.60 -21.22
CA GLY A 194 -14.72 -20.04 -19.99
C GLY A 194 -14.25 -19.28 -18.76
N ASN A 195 -14.95 -19.46 -17.64
CA ASN A 195 -14.61 -18.84 -16.36
C ASN A 195 -13.72 -19.79 -15.54
N TYR A 196 -12.40 -19.68 -15.77
CA TYR A 196 -11.37 -20.48 -15.12
C TYR A 196 -11.15 -20.03 -13.68
N THR A 197 -11.15 -20.98 -12.74
CA THR A 197 -10.92 -20.70 -11.33
C THR A 197 -9.86 -21.65 -10.75
N CYS A 198 -8.88 -21.05 -10.05
CA CYS A 198 -7.77 -21.74 -9.40
C CYS A 198 -8.16 -22.10 -7.97
N MET A 199 -7.86 -23.35 -7.55
CA MET A 199 -8.21 -23.80 -6.20
C MET A 199 -7.05 -24.50 -5.50
N ALA A 200 -6.73 -24.04 -4.28
CA ALA A 200 -5.65 -24.58 -3.45
C ALA A 200 -6.21 -25.52 -2.39
N ALA A 201 -5.63 -26.71 -2.26
CA ALA A 201 -6.05 -27.74 -1.30
C ALA A 201 -4.94 -28.07 -0.31
N ASN A 202 -5.31 -28.26 0.98
CA ASN A 202 -4.38 -28.57 2.07
C ASN A 202 -5.03 -29.49 3.10
N ILE A 203 -4.22 -30.07 4.02
CA ILE A 203 -4.69 -30.96 5.09
C ILE A 203 -5.58 -30.18 6.07
N VAL A 204 -5.39 -28.85 6.15
CA VAL A 204 -6.18 -27.95 7.00
C VAL A 204 -7.56 -27.77 6.35
N ALA A 205 -7.60 -27.18 5.13
CA ALA A 205 -8.83 -26.93 4.36
C ALA A 205 -8.54 -26.63 2.87
N LYS A 206 -9.55 -26.11 2.13
CA LYS A 206 -9.48 -25.71 0.72
C LYS A 206 -9.85 -24.24 0.56
N ARG A 207 -9.26 -23.56 -0.45
CA ARG A 207 -9.52 -22.15 -0.71
C ARG A 207 -9.70 -21.88 -2.21
N ARG A 208 -10.78 -21.15 -2.57
CA ARG A 208 -11.12 -20.79 -3.95
C ARG A 208 -10.67 -19.36 -4.27
N SER A 209 -10.05 -19.16 -5.45
CA SER A 209 -9.57 -17.87 -5.91
C SER A 209 -10.64 -17.15 -6.73
N LEU A 210 -10.36 -15.90 -7.15
CA LEU A 210 -11.25 -15.10 -7.99
C LEU A 210 -11.16 -15.65 -9.42
N SER A 211 -12.32 -15.93 -10.04
CA SER A 211 -12.43 -16.51 -11.38
C SER A 211 -11.97 -15.56 -12.49
N ALA A 212 -11.10 -16.07 -13.39
CA ALA A 212 -10.55 -15.32 -14.53
C ALA A 212 -11.41 -15.52 -15.76
N THR A 213 -11.85 -14.40 -16.36
CA THR A 213 -12.71 -14.41 -17.54
C THR A 213 -11.86 -14.48 -18.81
N VAL A 214 -11.60 -15.73 -19.26
CA VAL A 214 -10.82 -16.01 -20.46
C VAL A 214 -11.81 -16.11 -21.62
N VAL A 215 -11.68 -15.20 -22.61
CA VAL A 215 -12.57 -15.14 -23.76
C VAL A 215 -11.76 -15.23 -25.06
N VAL A 216 -12.09 -16.23 -25.90
CA VAL A 216 -11.45 -16.44 -27.20
C VAL A 216 -12.18 -15.65 -28.29
N TYR A 217 -11.45 -14.78 -29.01
CA TYR A 217 -12.02 -13.96 -30.07
C TYR A 217 -11.53 -14.38 -31.46
N VAL A 218 -12.42 -14.31 -32.47
CA VAL A 218 -12.12 -14.66 -33.85
C VAL A 218 -12.00 -13.36 -34.66
N ASN A 219 -10.84 -13.15 -35.31
CA ASN A 219 -10.58 -11.97 -36.13
C ASN A 219 -11.21 -12.13 -37.51
N GLY A 220 -11.66 -11.01 -38.06
CA GLY A 220 -12.31 -10.94 -39.36
C GLY A 220 -11.41 -11.23 -40.53
N GLY A 221 -11.94 -11.99 -41.48
CA GLY A 221 -11.27 -12.37 -42.71
C GLY A 221 -12.22 -12.25 -43.88
N TRP A 222 -11.73 -11.64 -44.98
CA TRP A 222 -12.50 -11.40 -46.20
C TRP A 222 -12.97 -12.69 -46.89
N SER A 223 -14.16 -12.65 -47.49
CA SER A 223 -14.73 -13.77 -48.24
C SER A 223 -14.36 -13.62 -49.71
N SER A 224 -14.51 -14.71 -50.49
CA SER A 224 -14.20 -14.76 -51.91
C SER A 224 -14.99 -13.74 -52.73
N TRP A 225 -14.35 -13.20 -53.79
CA TRP A 225 -14.92 -12.21 -54.70
C TRP A 225 -16.13 -12.77 -55.44
N THR A 226 -17.08 -11.88 -55.80
CA THR A 226 -18.27 -12.28 -56.55
C THR A 226 -18.04 -12.11 -58.06
N GLU A 227 -19.10 -12.26 -58.86
CA GLU A 227 -19.01 -12.09 -60.32
C GLU A 227 -19.22 -10.63 -60.68
N TRP A 228 -18.65 -10.20 -61.82
CA TRP A 228 -18.77 -8.83 -62.31
C TRP A 228 -20.17 -8.62 -62.90
N SER A 229 -20.88 -7.60 -62.42
CA SER A 229 -22.24 -7.28 -62.86
C SER A 229 -22.26 -6.72 -64.28
N ALA A 230 -23.41 -6.85 -64.96
CA ALA A 230 -23.62 -6.37 -66.34
C ALA A 230 -23.51 -4.85 -66.42
N CYS A 231 -22.98 -4.35 -67.55
CA CYS A 231 -22.80 -2.91 -67.79
C CYS A 231 -24.13 -2.19 -67.95
N ASN A 232 -24.43 -1.28 -67.00
CA ASN A 232 -25.67 -0.48 -66.94
C ASN A 232 -25.97 0.30 -68.22
N VAL A 233 -24.92 0.87 -68.85
CA VAL A 233 -25.04 1.64 -70.11
C VAL A 233 -24.86 0.66 -71.28
N ARG A 234 -25.77 0.73 -72.26
CA ARG A 234 -25.77 -0.13 -73.45
C ARG A 234 -24.60 0.17 -74.39
N CYS A 235 -24.35 1.46 -74.69
CA CYS A 235 -23.26 1.90 -75.57
C CYS A 235 -22.38 2.95 -74.90
N GLY A 236 -21.07 2.69 -74.87
CA GLY A 236 -20.07 3.59 -74.30
C GLY A 236 -19.47 3.09 -73.01
N ARG A 237 -19.26 4.01 -72.04
CA ARG A 237 -18.68 3.71 -70.72
C ARG A 237 -19.72 3.05 -69.83
N GLY A 238 -19.40 1.85 -69.36
CA GLY A 238 -20.26 1.05 -68.48
C GLY A 238 -19.72 0.86 -67.09
N TRP A 239 -20.45 0.09 -66.27
CA TRP A 239 -20.10 -0.17 -64.88
C TRP A 239 -20.21 -1.65 -64.53
N GLN A 240 -19.22 -2.17 -63.80
CA GLN A 240 -19.21 -3.55 -63.32
C GLN A 240 -18.78 -3.61 -61.86
N LYS A 241 -19.60 -4.27 -61.04
CA LYS A 241 -19.39 -4.38 -59.59
C LYS A 241 -19.01 -5.78 -59.12
N ARG A 242 -18.22 -5.82 -58.03
CA ARG A 242 -17.75 -7.04 -57.39
C ARG A 242 -17.72 -6.81 -55.87
N SER A 243 -18.48 -7.62 -55.10
CA SER A 243 -18.55 -7.52 -53.64
C SER A 243 -17.59 -8.49 -52.93
N ARG A 244 -17.15 -8.08 -51.74
CA ARG A 244 -16.20 -8.79 -50.88
C ARG A 244 -16.67 -8.58 -49.43
N THR A 245 -17.40 -9.56 -48.86
CA THR A 245 -17.94 -9.45 -47.50
C THR A 245 -16.96 -9.98 -46.43
N CYS A 246 -17.15 -9.57 -45.16
CA CYS A 246 -16.32 -10.00 -44.03
C CYS A 246 -17.03 -11.14 -43.31
N THR A 247 -17.05 -12.33 -43.94
CA THR A 247 -17.72 -13.52 -43.40
C THR A 247 -16.86 -14.81 -43.45
N ASN A 248 -15.62 -14.73 -43.94
CA ASN A 248 -14.76 -15.91 -44.04
C ASN A 248 -13.36 -15.74 -43.36
N PRO A 249 -13.26 -15.80 -42.01
CA PRO A 249 -14.33 -15.99 -41.02
C PRO A 249 -14.98 -14.67 -40.59
N ALA A 250 -16.22 -14.75 -40.08
CA ALA A 250 -16.95 -13.60 -39.58
C ALA A 250 -16.45 -13.30 -38.15
N PRO A 251 -16.22 -12.01 -37.79
CA PRO A 251 -15.71 -11.71 -36.44
C PRO A 251 -16.58 -12.24 -35.29
N LEU A 252 -15.93 -12.78 -34.25
CA LEU A 252 -16.59 -13.35 -33.08
C LEU A 252 -15.99 -12.85 -31.77
N ASN A 253 -16.83 -12.76 -30.72
CA ASN A 253 -16.50 -12.35 -29.35
C ASN A 253 -15.64 -11.06 -29.26
N GLY A 254 -15.94 -10.10 -30.13
CA GLY A 254 -15.24 -8.82 -30.19
C GLY A 254 -13.95 -8.84 -30.99
N GLY A 255 -13.92 -9.66 -32.03
CA GLY A 255 -12.77 -9.78 -32.92
C GLY A 255 -12.63 -8.56 -33.82
N ALA A 256 -11.40 -8.29 -34.28
CA ALA A 256 -11.11 -7.16 -35.16
C ALA A 256 -11.80 -7.29 -36.51
N PHE A 257 -12.41 -6.19 -37.00
CA PHE A 257 -13.10 -6.15 -38.28
C PHE A 257 -12.12 -6.21 -39.45
N CYS A 258 -12.63 -6.56 -40.64
CA CYS A 258 -11.85 -6.68 -41.87
C CYS A 258 -11.19 -5.37 -42.28
N GLU A 259 -9.95 -5.47 -42.80
CA GLU A 259 -9.17 -4.31 -43.21
C GLU A 259 -9.19 -4.10 -44.72
N GLY A 260 -9.58 -2.88 -45.13
CA GLY A 260 -9.65 -2.49 -46.54
C GLY A 260 -11.03 -2.16 -47.04
N MET A 261 -11.19 -2.18 -48.38
CA MET A 261 -12.44 -1.88 -49.08
C MET A 261 -13.32 -3.13 -49.29
N SER A 262 -14.64 -2.91 -49.40
CA SER A 262 -15.65 -3.96 -49.57
C SER A 262 -16.19 -4.09 -51.00
N VAL A 263 -16.11 -3.02 -51.81
CA VAL A 263 -16.63 -3.02 -53.18
C VAL A 263 -15.52 -2.72 -54.21
N GLN A 264 -15.67 -3.28 -55.43
CA GLN A 264 -14.73 -3.12 -56.55
C GLN A 264 -15.49 -2.68 -57.81
N LYS A 265 -15.03 -1.59 -58.46
CA LYS A 265 -15.66 -1.04 -59.67
C LYS A 265 -14.65 -0.79 -60.80
N ILE A 266 -15.00 -1.22 -62.03
CA ILE A 266 -14.17 -1.08 -63.24
C ILE A 266 -15.01 -0.50 -64.40
N THR A 267 -14.37 0.32 -65.25
CA THR A 267 -14.99 0.92 -66.44
C THR A 267 -15.04 -0.14 -67.54
N CYS A 268 -16.20 -0.30 -68.17
CA CYS A 268 -16.39 -1.28 -69.24
C CYS A 268 -16.77 -0.58 -70.55
N THR A 269 -16.67 -1.33 -71.68
CA THR A 269 -17.07 -0.84 -73.01
C THR A 269 -17.85 -1.96 -73.72
N ALA A 270 -19.15 -1.74 -73.95
CA ALA A 270 -20.02 -2.71 -74.64
C ALA A 270 -20.16 -2.32 -76.11
N LEU A 271 -19.75 -3.24 -77.02
CA LEU A 271 -19.77 -3.04 -78.48
C LEU A 271 -21.18 -3.01 -79.04
N CYS A 272 -21.48 -2.00 -79.87
CA CYS A 272 -22.80 -1.78 -80.46
C CYS A 272 -22.80 -1.85 -82.01
N PRO A 273 -23.06 -3.05 -82.59
CA PRO A 273 -23.09 -3.16 -84.05
C PRO A 273 -24.37 -2.55 -84.65
N VAL A 274 -25.51 -3.29 -84.62
CA VAL A 274 -26.80 -2.85 -85.17
C VAL A 274 -27.84 -2.75 -84.03
N ASP A 275 -28.56 -1.61 -83.97
CA ASP A 275 -29.60 -1.33 -82.97
C ASP A 275 -30.93 -2.00 -83.36
N GLY A 276 -31.57 -2.63 -82.38
CA GLY A 276 -32.85 -3.32 -82.55
C GLY A 276 -33.88 -2.93 -81.52
N CYS B 4 49.82 -26.86 -3.02
CA CYS B 4 48.45 -26.53 -2.64
C CYS B 4 47.42 -26.97 -3.68
N PRO B 5 46.20 -27.41 -3.27
CA PRO B 5 45.22 -27.85 -4.26
C PRO B 5 44.56 -26.69 -4.99
N SER B 6 43.87 -26.98 -6.10
CA SER B 6 43.17 -25.97 -6.88
C SER B 6 41.79 -25.69 -6.27
N VAL B 7 41.02 -26.76 -6.00
CA VAL B 7 39.67 -26.70 -5.40
C VAL B 7 39.69 -26.17 -3.97
N CYS B 8 40.73 -26.56 -3.22
CA CYS B 8 40.96 -26.24 -1.83
C CYS B 8 41.91 -25.05 -1.70
N ARG B 9 41.54 -24.04 -0.91
CA ARG B 9 42.35 -22.83 -0.73
C ARG B 9 43.11 -22.80 0.60
N CYS B 10 44.42 -23.05 0.52
CA CYS B 10 45.32 -23.06 1.68
C CYS B 10 45.65 -21.63 2.09
N ASP B 11 45.77 -21.39 3.40
CA ASP B 11 46.09 -20.08 3.96
C ASP B 11 47.25 -20.24 4.99
N ARG B 12 48.47 -19.81 4.63
CA ARG B 12 49.69 -19.86 5.45
C ARG B 12 50.11 -21.29 5.83
N ASN B 13 50.02 -21.66 7.14
CA ASN B 13 50.35 -22.97 7.71
C ASN B 13 49.10 -23.82 7.95
N PHE B 14 48.01 -23.46 7.26
CA PHE B 14 46.70 -24.10 7.37
C PHE B 14 46.19 -24.46 5.98
N VAL B 15 45.32 -25.47 5.92
CA VAL B 15 44.68 -25.93 4.68
C VAL B 15 43.17 -25.94 4.90
N TYR B 16 42.45 -25.17 4.09
CA TYR B 16 41.01 -25.00 4.20
C TYR B 16 40.19 -25.70 3.13
N CYS B 17 39.91 -27.00 3.32
CA CYS B 17 39.10 -27.79 2.38
C CYS B 17 37.66 -27.94 2.90
N ASN B 18 37.26 -27.06 3.83
CA ASN B 18 35.94 -27.08 4.45
C ASN B 18 34.81 -26.51 3.59
N GLU B 19 33.63 -27.17 3.69
CA GLU B 19 32.36 -26.86 3.00
C GLU B 19 32.53 -26.62 1.49
N ARG B 20 33.25 -27.55 0.84
CA ARG B 20 33.56 -27.47 -0.59
C ARG B 20 32.99 -28.65 -1.40
N SER B 21 31.97 -29.35 -0.85
CA SER B 21 31.26 -30.49 -1.44
C SER B 21 32.20 -31.66 -1.87
N LEU B 22 33.40 -31.74 -1.26
CA LEU B 22 34.40 -32.76 -1.54
C LEU B 22 34.00 -34.14 -1.01
N THR B 23 34.21 -35.18 -1.82
CA THR B 23 33.92 -36.58 -1.48
C THR B 23 35.19 -37.34 -1.09
N SER B 24 36.37 -36.73 -1.33
CA SER B 24 37.68 -37.28 -1.02
C SER B 24 38.68 -36.17 -0.65
N VAL B 25 39.82 -36.55 -0.05
CA VAL B 25 40.87 -35.62 0.35
C VAL B 25 41.68 -35.19 -0.90
N PRO B 26 41.84 -33.86 -1.16
CA PRO B 26 42.64 -33.42 -2.32
C PRO B 26 44.09 -33.91 -2.28
N LEU B 27 44.68 -34.10 -3.47
CA LEU B 27 46.04 -34.64 -3.61
C LEU B 27 47.17 -33.71 -3.18
N GLY B 28 47.22 -32.50 -3.74
CA GLY B 28 48.28 -31.52 -3.49
C GLY B 28 48.36 -30.96 -2.09
N ILE B 29 48.89 -31.74 -1.12
CA ILE B 29 49.04 -31.28 0.27
C ILE B 29 50.54 -31.00 0.58
N PRO B 30 50.90 -29.74 0.94
CA PRO B 30 52.30 -29.42 1.25
C PRO B 30 52.85 -30.12 2.50
N GLU B 31 54.18 -30.20 2.61
CA GLU B 31 54.85 -30.85 3.75
C GLU B 31 55.17 -29.91 4.92
N GLY B 32 54.60 -28.71 4.92
CA GLY B 32 54.80 -27.74 5.99
C GLY B 32 53.57 -27.47 6.84
N VAL B 33 52.41 -27.98 6.40
CA VAL B 33 51.09 -27.81 7.03
C VAL B 33 51.03 -28.43 8.43
N THR B 34 50.40 -27.72 9.38
CA THR B 34 50.22 -28.17 10.77
C THR B 34 48.75 -28.53 11.04
N VAL B 35 47.79 -27.68 10.58
CA VAL B 35 46.35 -27.88 10.77
C VAL B 35 45.65 -28.08 9.41
N LEU B 36 44.84 -29.15 9.30
CA LEU B 36 44.09 -29.54 8.12
C LEU B 36 42.59 -29.49 8.38
N TYR B 37 41.87 -28.61 7.65
CA TYR B 37 40.41 -28.46 7.77
C TYR B 37 39.74 -29.15 6.58
N LEU B 38 38.88 -30.13 6.85
CA LEU B 38 38.17 -30.90 5.82
C LEU B 38 36.70 -31.12 6.23
N HIS B 39 36.26 -30.37 7.26
CA HIS B 39 34.92 -30.44 7.83
C HIS B 39 33.80 -29.92 6.92
N ASN B 40 32.55 -30.38 7.18
CA ASN B 40 31.31 -30.06 6.47
C ASN B 40 31.34 -30.40 4.97
N ASN B 41 32.01 -31.50 4.62
CA ASN B 41 32.07 -32.00 3.25
C ASN B 41 31.24 -33.29 3.14
N GLN B 42 31.41 -34.03 2.04
CA GLN B 42 30.71 -35.28 1.78
C GLN B 42 31.74 -36.44 1.70
N ILE B 43 32.89 -36.27 2.38
CA ILE B 43 33.99 -37.24 2.39
C ILE B 43 33.54 -38.57 3.00
N ASN B 44 33.57 -39.61 2.17
CA ASN B 44 33.25 -40.99 2.53
C ASN B 44 34.52 -41.66 3.00
N ASN B 45 34.40 -42.73 3.80
CA ASN B 45 35.54 -43.49 4.35
C ASN B 45 36.44 -44.13 3.27
N ALA B 46 35.97 -44.17 2.00
CA ALA B 46 36.69 -44.70 0.85
C ALA B 46 37.65 -43.68 0.21
N GLY B 47 37.38 -42.39 0.39
CA GLY B 47 38.18 -41.31 -0.19
C GLY B 47 39.34 -40.81 0.66
N PHE B 48 40.27 -41.71 1.01
CA PHE B 48 41.46 -41.38 1.79
C PHE B 48 42.76 -41.91 1.14
N PRO B 49 43.54 -41.02 0.47
CA PRO B 49 44.78 -41.48 -0.19
C PRO B 49 45.87 -41.88 0.79
N ALA B 50 46.79 -42.76 0.35
CA ALA B 50 47.91 -43.25 1.16
C ALA B 50 48.96 -42.17 1.42
N GLU B 51 49.10 -41.21 0.50
CA GLU B 51 50.05 -40.08 0.58
C GLU B 51 49.76 -39.14 1.76
N LEU B 52 48.49 -39.10 2.21
CA LEU B 52 47.99 -38.29 3.33
C LEU B 52 48.68 -38.72 4.64
N HIS B 53 48.91 -40.04 4.79
CA HIS B 53 49.59 -40.65 5.93
C HIS B 53 51.02 -40.13 6.03
N ASN B 54 51.70 -39.97 4.89
CA ASN B 54 53.09 -39.52 4.77
C ASN B 54 53.33 -38.07 5.22
N VAL B 55 52.30 -37.20 5.21
CA VAL B 55 52.44 -35.81 5.66
C VAL B 55 52.62 -35.81 7.18
N GLN B 56 53.88 -35.83 7.62
CA GLN B 56 54.28 -35.92 9.02
C GLN B 56 53.96 -34.66 9.83
N SER B 57 54.17 -33.47 9.22
CA SER B 57 53.98 -32.14 9.81
C SER B 57 52.58 -31.86 10.41
N VAL B 58 51.51 -32.47 9.85
CA VAL B 58 50.12 -32.28 10.32
C VAL B 58 49.93 -32.88 11.71
N HIS B 59 49.39 -32.06 12.65
CA HIS B 59 49.13 -32.46 14.04
C HIS B 59 47.65 -32.34 14.45
N THR B 60 46.84 -31.57 13.69
CA THR B 60 45.41 -31.39 13.95
C THR B 60 44.58 -31.52 12.66
N VAL B 61 43.60 -32.44 12.65
CA VAL B 61 42.73 -32.71 11.51
C VAL B 61 41.26 -32.54 11.93
N TYR B 62 40.49 -31.74 11.15
CA TYR B 62 39.06 -31.48 11.38
C TYR B 62 38.25 -32.13 10.25
N LEU B 63 37.48 -33.19 10.59
CA LEU B 63 36.65 -33.94 9.63
C LEU B 63 35.20 -34.09 10.12
N TYR B 64 34.68 -33.10 10.86
CA TYR B 64 33.31 -33.16 11.37
C TYR B 64 32.25 -32.83 10.32
N GLY B 65 31.04 -33.38 10.50
CA GLY B 65 29.91 -33.17 9.61
C GLY B 65 30.08 -33.72 8.21
N ASN B 66 30.79 -34.87 8.10
CA ASN B 66 31.03 -35.54 6.83
C ASN B 66 30.11 -36.76 6.67
N GLN B 67 30.43 -37.68 5.74
CA GLN B 67 29.61 -38.87 5.53
C GLN B 67 30.45 -40.15 5.58
N LEU B 68 31.10 -40.37 6.73
CA LEU B 68 31.97 -41.51 7.01
C LEU B 68 31.16 -42.69 7.57
N ASP B 69 31.69 -43.93 7.43
CA ASP B 69 31.07 -45.15 7.93
C ASP B 69 31.93 -45.80 8.99
N GLU B 70 33.25 -45.78 8.76
CA GLU B 70 34.27 -46.37 9.63
C GLU B 70 35.32 -45.31 9.99
N PHE B 71 36.20 -45.61 10.97
CA PHE B 71 37.30 -44.73 11.36
C PHE B 71 38.24 -44.66 10.12
N PRO B 72 38.72 -43.47 9.70
CA PRO B 72 39.55 -43.41 8.48
C PRO B 72 40.93 -44.08 8.52
N MET B 73 41.38 -44.52 7.34
CA MET B 73 42.67 -45.15 7.12
C MET B 73 43.58 -44.16 6.40
N ASN B 74 44.91 -44.30 6.59
CA ASN B 74 45.96 -43.47 6.01
C ASN B 74 45.87 -41.98 6.42
N LEU B 75 45.46 -41.72 7.69
CA LEU B 75 45.40 -40.36 8.23
C LEU B 75 46.83 -39.88 8.56
N PRO B 76 47.15 -38.56 8.59
CA PRO B 76 48.54 -38.14 8.86
C PRO B 76 49.17 -38.77 10.11
N LYS B 77 50.24 -39.54 9.87
CA LYS B 77 51.04 -40.33 10.83
C LYS B 77 51.22 -39.70 12.22
N ASN B 78 51.78 -38.48 12.26
CA ASN B 78 52.10 -37.78 13.51
C ASN B 78 51.00 -36.77 13.93
N VAL B 79 49.73 -37.23 13.94
CA VAL B 79 48.58 -36.42 14.37
C VAL B 79 48.38 -36.54 15.88
N ARG B 80 48.05 -35.40 16.53
CA ARG B 80 47.81 -35.33 17.97
C ARG B 80 46.31 -35.17 18.28
N VAL B 81 45.63 -34.21 17.61
CA VAL B 81 44.20 -33.93 17.82
C VAL B 81 43.38 -34.24 16.55
N LEU B 82 42.27 -34.99 16.72
CA LEU B 82 41.38 -35.41 15.63
C LEU B 82 39.90 -35.08 15.92
N HIS B 83 39.20 -34.52 14.93
CA HIS B 83 37.80 -34.13 15.05
C HIS B 83 36.88 -34.89 14.06
N LEU B 84 36.38 -36.07 14.48
CA LEU B 84 35.48 -36.93 13.69
C LEU B 84 34.09 -36.96 14.33
N GLN B 85 33.37 -35.83 14.32
CA GLN B 85 32.04 -35.77 14.91
C GLN B 85 30.94 -35.42 13.91
N GLU B 86 29.67 -35.50 14.36
CA GLU B 86 28.46 -35.20 13.59
C GLU B 86 28.38 -35.98 12.24
N ASN B 87 28.81 -37.25 12.24
CA ASN B 87 28.73 -38.12 11.04
C ASN B 87 28.24 -39.54 11.41
N ASN B 88 28.45 -40.55 10.52
CA ASN B 88 27.91 -41.88 10.73
C ASN B 88 28.96 -42.99 10.99
N ILE B 89 29.90 -42.76 11.92
CA ILE B 89 30.91 -43.78 12.25
C ILE B 89 30.24 -44.90 13.07
N GLN B 90 30.36 -46.16 12.58
CA GLN B 90 29.75 -47.35 13.21
C GLN B 90 30.76 -48.46 13.50
N THR B 91 31.91 -48.46 12.79
CA THR B 91 32.95 -49.47 12.97
C THR B 91 34.31 -48.86 13.28
N ILE B 92 34.96 -49.38 14.34
CA ILE B 92 36.29 -48.96 14.77
C ILE B 92 37.21 -50.17 14.65
N SER B 93 38.29 -50.05 13.85
CA SER B 93 39.25 -51.12 13.62
C SER B 93 40.58 -50.87 14.33
N ARG B 94 41.25 -51.96 14.75
CA ARG B 94 42.54 -51.93 15.44
C ARG B 94 43.64 -51.35 14.56
N ALA B 95 43.66 -51.74 13.27
CA ALA B 95 44.64 -51.32 12.26
C ALA B 95 44.65 -49.82 12.03
N ALA B 96 43.47 -49.16 12.09
CA ALA B 96 43.33 -47.72 11.88
C ALA B 96 44.00 -46.93 13.01
N LEU B 97 43.68 -47.25 14.28
CA LEU B 97 44.26 -46.60 15.45
C LEU B 97 45.73 -46.94 15.66
N ALA B 98 46.19 -48.05 15.04
CA ALA B 98 47.58 -48.49 15.11
C ALA B 98 48.50 -47.57 14.29
N GLN B 99 47.96 -46.91 13.24
CA GLN B 99 48.68 -45.98 12.38
C GLN B 99 49.02 -44.69 13.14
N LEU B 100 48.00 -44.07 13.75
CA LEU B 100 48.10 -42.83 14.52
C LEU B 100 48.47 -43.13 15.97
N LEU B 101 49.76 -43.40 16.22
CA LEU B 101 50.26 -43.71 17.56
C LEU B 101 50.35 -42.48 18.44
N LYS B 102 50.75 -41.33 17.85
CA LYS B 102 50.93 -40.05 18.53
C LYS B 102 49.63 -39.34 18.91
N LEU B 103 48.46 -39.90 18.52
CA LEU B 103 47.12 -39.37 18.81
C LEU B 103 46.87 -39.27 20.32
N GLU B 104 46.54 -38.04 20.78
CA GLU B 104 46.30 -37.71 22.18
C GLU B 104 44.85 -37.34 22.47
N GLU B 105 44.24 -36.51 21.60
CA GLU B 105 42.88 -36.02 21.75
C GLU B 105 42.00 -36.53 20.61
N LEU B 106 40.92 -37.25 20.95
CA LEU B 106 40.00 -37.82 19.98
C LEU B 106 38.54 -37.51 20.33
N HIS B 107 37.83 -36.86 19.39
CA HIS B 107 36.43 -36.48 19.53
C HIS B 107 35.61 -37.29 18.52
N LEU B 108 34.63 -38.05 19.01
CA LEU B 108 33.77 -38.89 18.16
C LEU B 108 32.28 -38.67 18.47
N ASP B 109 31.92 -37.42 18.77
CA ASP B 109 30.57 -36.96 19.13
C ASP B 109 29.52 -37.15 18.00
N ASP B 110 28.24 -37.34 18.39
CA ASP B 110 27.06 -37.50 17.52
C ASP B 110 27.12 -38.63 16.46
N ASN B 111 28.08 -39.57 16.57
CA ASN B 111 28.20 -40.67 15.62
C ASN B 111 27.31 -41.85 16.03
N SER B 112 27.21 -42.89 15.17
CA SER B 112 26.39 -44.07 15.43
C SER B 112 27.21 -45.25 16.00
N ILE B 113 28.20 -44.94 16.86
CA ILE B 113 29.10 -45.93 17.48
C ILE B 113 28.36 -46.85 18.46
N SER B 114 28.41 -48.16 18.19
CA SER B 114 27.82 -49.22 19.00
C SER B 114 28.94 -50.05 19.64
N THR B 115 28.63 -50.72 20.77
CA THR B 115 29.56 -51.58 21.54
C THR B 115 30.18 -52.70 20.70
N VAL B 116 29.34 -53.36 19.87
CA VAL B 116 29.73 -54.48 18.99
C VAL B 116 30.58 -54.02 17.79
N GLY B 117 30.34 -52.79 17.33
CA GLY B 117 31.03 -52.17 16.20
C GLY B 117 32.51 -51.89 16.42
N VAL B 118 32.89 -51.68 17.69
CA VAL B 118 34.28 -51.40 18.09
C VAL B 118 35.03 -52.72 18.29
N GLU B 119 36.21 -52.84 17.65
CA GLU B 119 37.08 -54.02 17.75
C GLU B 119 37.64 -54.16 19.16
N ASP B 120 37.91 -55.41 19.61
CA ASP B 120 38.43 -55.69 20.95
C ASP B 120 39.82 -55.09 21.13
N GLY B 121 39.90 -54.07 21.97
CA GLY B 121 41.13 -53.33 22.27
C GLY B 121 41.61 -52.47 21.12
N ALA B 122 40.68 -51.81 20.43
CA ALA B 122 40.98 -50.93 19.30
C ALA B 122 41.51 -49.59 19.78
N PHE B 123 40.97 -49.08 20.91
CA PHE B 123 41.39 -47.82 21.50
C PHE B 123 42.75 -47.94 22.19
N ARG B 124 43.12 -49.16 22.61
CA ARG B 124 44.40 -49.43 23.27
C ARG B 124 45.59 -49.29 22.31
N GLU B 125 45.33 -49.37 20.97
CA GLU B 125 46.34 -49.21 19.91
C GLU B 125 46.91 -47.79 19.88
N ALA B 126 46.07 -46.78 20.21
CA ALA B 126 46.46 -45.37 20.30
C ALA B 126 47.04 -45.22 21.71
N ILE B 127 48.33 -45.56 21.82
CA ILE B 127 49.12 -45.59 23.05
C ILE B 127 49.21 -44.22 23.73
N SER B 128 49.28 -43.13 22.95
CA SER B 128 49.41 -41.77 23.47
C SER B 128 48.06 -41.09 23.79
N LEU B 129 46.92 -41.80 23.62
CA LEU B 129 45.59 -41.26 23.87
C LEU B 129 45.31 -40.95 25.34
N LYS B 130 44.79 -39.73 25.60
CA LYS B 130 44.46 -39.19 26.92
C LYS B 130 43.02 -38.67 26.99
N LEU B 131 42.50 -38.12 25.89
CA LEU B 131 41.13 -37.59 25.83
C LEU B 131 40.27 -38.32 24.80
N LEU B 132 39.25 -39.03 25.28
CA LEU B 132 38.32 -39.76 24.42
C LEU B 132 36.89 -39.27 24.62
N PHE B 133 36.26 -38.81 23.53
CA PHE B 133 34.90 -38.27 23.56
C PHE B 133 33.94 -39.14 22.76
N LEU B 134 33.35 -40.14 23.43
CA LEU B 134 32.37 -41.06 22.85
C LEU B 134 30.95 -40.60 23.24
N SER B 135 30.74 -39.29 23.21
CA SER B 135 29.50 -38.63 23.56
C SER B 135 28.48 -38.67 22.42
N LYS B 136 27.18 -38.77 22.77
CA LYS B 136 26.01 -38.79 21.87
C LYS B 136 25.99 -39.97 20.86
N ASN B 137 26.66 -41.09 21.19
CA ASN B 137 26.69 -42.28 20.34
C ASN B 137 25.58 -43.29 20.68
N HIS B 138 25.60 -44.48 20.04
CA HIS B 138 24.60 -45.53 20.27
C HIS B 138 25.16 -46.63 21.20
N LEU B 139 25.80 -46.23 22.31
CA LEU B 139 26.41 -47.14 23.28
C LEU B 139 25.43 -47.69 24.29
N SER B 140 25.55 -49.01 24.59
CA SER B 140 24.72 -49.75 25.53
C SER B 140 25.48 -50.07 26.82
N SER B 141 26.83 -50.06 26.75
CA SER B 141 27.77 -50.33 27.84
C SER B 141 29.13 -49.68 27.54
N VAL B 142 30.00 -49.55 28.56
CA VAL B 142 31.34 -48.96 28.39
C VAL B 142 32.26 -50.00 27.73
N PRO B 143 32.97 -49.66 26.61
CA PRO B 143 33.86 -50.64 25.95
C PRO B 143 34.95 -51.23 26.86
N VAL B 144 35.40 -52.45 26.54
CA VAL B 144 36.39 -53.16 27.35
C VAL B 144 37.82 -52.60 27.17
N GLY B 145 38.42 -52.84 26.01
CA GLY B 145 39.78 -52.43 25.67
C GLY B 145 40.02 -50.94 25.51
N LEU B 146 40.04 -50.21 26.65
CA LEU B 146 40.27 -48.76 26.70
C LEU B 146 41.75 -48.45 26.93
N PRO B 147 42.27 -47.24 26.54
CA PRO B 147 43.70 -46.95 26.77
C PRO B 147 44.05 -46.87 28.26
N VAL B 148 45.20 -47.45 28.64
CA VAL B 148 45.68 -47.51 30.04
C VAL B 148 45.98 -46.11 30.58
N ASP B 149 46.66 -45.28 29.77
CA ASP B 149 47.08 -43.93 30.14
C ASP B 149 46.04 -42.83 29.81
N LEU B 150 44.74 -43.21 29.77
CA LEU B 150 43.64 -42.27 29.48
C LEU B 150 43.36 -41.41 30.72
N GLN B 151 43.09 -40.11 30.49
CA GLN B 151 42.82 -39.10 31.54
C GLN B 151 41.36 -38.66 31.60
N GLU B 152 40.68 -38.64 30.45
CA GLU B 152 39.27 -38.23 30.37
C GLU B 152 38.46 -39.12 29.44
N LEU B 153 37.44 -39.79 29.99
CA LEU B 153 36.52 -40.62 29.24
C LEU B 153 35.15 -39.98 29.29
N ARG B 154 34.73 -39.40 28.16
CA ARG B 154 33.44 -38.75 28.07
C ARG B 154 32.53 -39.64 27.24
N VAL B 155 31.81 -40.52 27.94
CA VAL B 155 30.90 -41.49 27.34
C VAL B 155 29.46 -41.22 27.88
N ASP B 156 28.98 -39.99 27.63
CA ASP B 156 27.68 -39.50 28.07
C ASP B 156 26.68 -39.40 26.92
N GLU B 157 25.39 -39.21 27.26
CA GLU B 157 24.26 -39.05 26.34
C GLU B 157 24.12 -40.23 25.35
N ASN B 158 24.11 -41.47 25.89
CA ASN B 158 23.94 -42.70 25.10
C ASN B 158 22.67 -43.45 25.53
N ARG B 159 22.77 -44.78 25.70
CA ARG B 159 21.68 -45.66 26.12
C ARG B 159 22.29 -46.73 27.06
N ILE B 160 23.38 -46.35 27.77
CA ILE B 160 24.08 -47.25 28.70
C ILE B 160 23.23 -47.58 29.92
N ALA B 161 22.90 -48.87 30.07
CA ALA B 161 22.09 -49.42 31.16
C ALA B 161 22.93 -50.25 32.12
N VAL B 162 23.99 -50.90 31.60
CA VAL B 162 24.89 -51.76 32.38
C VAL B 162 26.37 -51.35 32.25
N ILE B 163 27.10 -51.45 33.37
CA ILE B 163 28.53 -51.18 33.48
C ILE B 163 29.20 -52.36 34.18
N SER B 164 30.20 -52.98 33.51
CA SER B 164 30.96 -54.11 34.05
C SER B 164 32.10 -53.61 34.92
N ASP B 165 32.55 -54.45 35.87
CA ASP B 165 33.67 -54.15 36.76
C ASP B 165 34.99 -54.07 35.98
N MET B 166 35.13 -54.91 34.93
CA MET B 166 36.32 -55.00 34.07
C MET B 166 36.42 -53.89 33.03
N ALA B 167 35.35 -53.07 32.87
CA ALA B 167 35.33 -51.94 31.93
C ALA B 167 36.29 -50.84 32.39
N PHE B 168 36.44 -50.67 33.72
CA PHE B 168 37.34 -49.69 34.33
C PHE B 168 38.57 -50.34 34.99
N GLN B 169 39.23 -51.22 34.23
CA GLN B 169 40.44 -51.94 34.63
C GLN B 169 41.66 -51.22 34.04
N ASN B 170 42.74 -51.08 34.83
CA ASN B 170 44.02 -50.42 34.47
C ASN B 170 43.89 -48.90 34.18
N LEU B 171 42.67 -48.34 34.22
CA LEU B 171 42.40 -46.92 34.00
C LEU B 171 42.64 -46.13 35.31
N THR B 172 43.81 -46.36 35.95
CA THR B 172 44.23 -45.72 37.21
C THR B 172 44.48 -44.23 37.01
N SER B 173 45.07 -43.89 35.84
CA SER B 173 45.44 -42.54 35.41
C SER B 173 44.24 -41.61 35.07
N LEU B 174 43.00 -42.17 34.99
CA LEU B 174 41.78 -41.41 34.67
C LEU B 174 41.41 -40.39 35.75
N GLU B 175 41.08 -39.16 35.32
CA GLU B 175 40.74 -38.01 36.17
C GLU B 175 39.27 -37.56 36.06
N ARG B 176 38.72 -37.52 34.82
CA ARG B 176 37.33 -37.11 34.60
C ARG B 176 36.50 -38.18 33.90
N LEU B 177 35.42 -38.60 34.57
CA LEU B 177 34.48 -39.60 34.06
C LEU B 177 33.07 -39.02 34.03
N ILE B 178 32.53 -38.89 32.80
CA ILE B 178 31.21 -38.33 32.54
C ILE B 178 30.35 -39.42 31.88
N VAL B 179 29.37 -39.94 32.64
CA VAL B 179 28.46 -41.01 32.20
C VAL B 179 26.98 -40.57 32.29
N ASP B 180 26.72 -39.25 32.22
CA ASP B 180 25.38 -38.71 32.37
C ASP B 180 24.50 -38.81 31.12
N GLY B 181 23.19 -38.80 31.34
CA GLY B 181 22.18 -38.92 30.29
C GLY B 181 22.09 -40.32 29.70
N ASN B 182 22.04 -41.34 30.57
CA ASN B 182 21.97 -42.74 30.15
C ASN B 182 20.85 -43.50 30.90
N LEU B 183 20.59 -44.77 30.52
CA LEU B 183 19.56 -45.60 31.15
C LEU B 183 20.13 -46.41 32.33
N LEU B 184 21.14 -45.84 33.01
CA LEU B 184 21.85 -46.43 34.13
C LEU B 184 21.06 -46.43 35.44
N THR B 185 21.00 -47.62 36.07
CA THR B 185 20.35 -47.91 37.36
C THR B 185 21.39 -48.47 38.34
N ASN B 186 21.01 -48.72 39.61
CA ASN B 186 21.93 -49.28 40.60
C ASN B 186 22.24 -50.76 40.37
N LYS B 187 21.33 -51.47 39.66
CA LYS B 187 21.50 -52.87 39.29
C LYS B 187 22.51 -52.98 38.15
N GLY B 188 22.63 -51.90 37.37
CA GLY B 188 23.53 -51.78 36.22
C GLY B 188 24.99 -51.66 36.60
N ILE B 189 25.28 -50.91 37.68
CA ILE B 189 26.65 -50.70 38.17
C ILE B 189 27.12 -51.89 39.01
N ALA B 190 28.28 -52.46 38.61
CA ALA B 190 28.92 -53.62 39.25
C ALA B 190 29.44 -53.26 40.65
N GLU B 191 29.52 -54.26 41.56
CA GLU B 191 29.99 -54.11 42.94
C GLU B 191 31.41 -53.55 43.02
N GLY B 192 31.49 -52.22 43.13
CA GLY B 192 32.73 -51.46 43.22
C GLY B 192 33.53 -51.44 41.94
N THR B 193 32.91 -50.99 40.84
CA THR B 193 33.57 -50.89 39.54
C THR B 193 34.53 -49.69 39.50
N PHE B 194 34.07 -48.54 40.04
CA PHE B 194 34.81 -47.28 40.07
C PHE B 194 35.91 -47.20 41.13
N SER B 195 35.93 -48.15 42.08
CA SER B 195 36.89 -48.21 43.20
C SER B 195 38.37 -48.17 42.80
N HIS B 196 38.72 -48.72 41.62
CA HIS B 196 40.11 -48.81 41.15
C HIS B 196 40.58 -47.60 40.33
N LEU B 197 39.91 -46.44 40.50
CA LEU B 197 40.25 -45.19 39.81
C LEU B 197 40.68 -44.14 40.83
N THR B 198 41.84 -44.38 41.44
CA THR B 198 42.44 -43.54 42.47
C THR B 198 42.61 -42.08 42.06
N LYS B 199 43.13 -41.84 40.84
CA LYS B 199 43.38 -40.49 40.32
C LYS B 199 42.12 -39.71 39.87
N LEU B 200 40.92 -40.33 39.96
CA LEU B 200 39.66 -39.69 39.56
C LEU B 200 39.35 -38.49 40.46
N LYS B 201 39.12 -37.32 39.82
CA LYS B 201 38.84 -36.03 40.46
C LYS B 201 37.40 -35.57 40.31
N GLU B 202 36.78 -35.86 39.13
CA GLU B 202 35.39 -35.46 38.84
C GLU B 202 34.57 -36.64 38.31
N PHE B 203 33.39 -36.85 38.92
CA PHE B 203 32.46 -37.90 38.53
C PHE B 203 31.05 -37.35 38.37
N SER B 204 30.37 -37.75 37.27
CA SER B 204 29.02 -37.29 36.96
C SER B 204 28.10 -38.34 36.32
N ILE B 205 26.96 -38.62 36.99
CA ILE B 205 25.89 -39.50 36.53
C ILE B 205 24.55 -38.73 36.64
N VAL B 206 24.47 -37.55 35.99
CA VAL B 206 23.27 -36.73 36.03
C VAL B 206 22.27 -37.20 34.97
N ARG B 207 20.97 -36.97 35.18
CA ARG B 207 19.89 -37.35 34.26
C ARG B 207 19.83 -38.88 33.97
N ASN B 208 20.14 -39.70 35.00
CA ASN B 208 20.09 -41.16 34.89
C ASN B 208 18.91 -41.73 35.68
N SER B 209 19.03 -42.96 36.21
CA SER B 209 17.94 -43.60 36.94
C SER B 209 18.44 -44.32 38.19
N LEU B 210 19.28 -43.63 38.99
CA LEU B 210 19.86 -44.18 40.22
C LEU B 210 18.91 -44.05 41.40
N SER B 211 18.64 -45.17 42.09
CA SER B 211 17.77 -45.20 43.27
C SER B 211 18.50 -44.73 44.55
N HIS B 212 19.85 -44.73 44.51
CA HIS B 212 20.77 -44.31 45.59
C HIS B 212 22.19 -44.08 44.98
N PRO B 213 23.12 -43.31 45.61
CA PRO B 213 24.45 -43.10 45.00
C PRO B 213 25.25 -44.39 44.80
N PRO B 214 26.13 -44.48 43.76
CA PRO B 214 26.89 -45.72 43.55
C PRO B 214 27.85 -46.01 44.71
N PRO B 215 27.75 -47.20 45.34
CA PRO B 215 28.65 -47.52 46.45
C PRO B 215 30.08 -47.80 45.98
N ASP B 216 31.04 -47.70 46.92
CA ASP B 216 32.48 -47.93 46.72
C ASP B 216 33.07 -47.00 45.65
N LEU B 217 32.97 -45.69 45.92
CA LEU B 217 33.49 -44.64 45.05
C LEU B 217 34.91 -44.25 45.47
N PRO B 218 35.81 -43.86 44.54
CA PRO B 218 37.16 -43.46 44.96
C PRO B 218 37.14 -42.09 45.64
N GLY B 219 37.82 -41.98 46.79
CA GLY B 219 37.88 -40.75 47.56
C GLY B 219 39.23 -40.09 47.61
N THR B 220 40.29 -40.83 47.20
CA THR B 220 41.70 -40.43 47.18
C THR B 220 41.99 -39.13 46.43
N HIS B 221 41.23 -38.85 45.35
CA HIS B 221 41.43 -37.63 44.57
C HIS B 221 40.13 -36.93 44.18
N LEU B 222 38.97 -37.57 44.43
CA LEU B 222 37.65 -37.01 44.09
C LEU B 222 37.37 -35.68 44.78
N ILE B 223 37.04 -34.66 43.97
CA ILE B 223 36.74 -33.29 44.38
C ILE B 223 35.28 -32.93 44.05
N ARG B 224 34.83 -33.30 42.83
CA ARG B 224 33.47 -33.00 42.34
C ARG B 224 32.64 -34.26 42.07
N LEU B 225 31.44 -34.32 42.67
CA LEU B 225 30.49 -35.42 42.52
C LEU B 225 29.11 -34.87 42.19
N TYR B 226 28.57 -35.25 41.01
CA TYR B 226 27.28 -34.77 40.54
C TYR B 226 26.28 -35.91 40.29
N LEU B 227 25.17 -35.91 41.08
CA LEU B 227 24.09 -36.90 41.05
C LEU B 227 22.71 -36.23 40.94
N GLN B 228 22.44 -35.56 39.80
CA GLN B 228 21.18 -34.86 39.57
C GLN B 228 20.20 -35.66 38.70
N ASP B 229 18.91 -35.30 38.78
CA ASP B 229 17.77 -35.86 38.03
C ASP B 229 17.63 -37.40 38.14
N ASN B 230 18.21 -37.97 39.21
CA ASN B 230 18.13 -39.40 39.50
C ASN B 230 16.95 -39.63 40.46
N GLN B 231 16.59 -40.90 40.71
CA GLN B 231 15.47 -41.23 41.59
C GLN B 231 15.98 -41.64 42.98
N ILE B 232 17.01 -40.92 43.49
CA ILE B 232 17.64 -41.21 44.79
C ILE B 232 16.64 -41.00 45.94
N ASN B 233 16.11 -42.12 46.47
CA ASN B 233 15.13 -42.17 47.55
C ASN B 233 15.80 -41.84 48.89
N HIS B 234 16.97 -42.43 49.14
CA HIS B 234 17.76 -42.25 50.36
C HIS B 234 19.25 -42.39 50.09
N ILE B 235 20.07 -41.79 50.97
CA ILE B 235 21.52 -41.89 50.89
C ILE B 235 22.02 -42.69 52.10
N PRO B 236 22.72 -43.83 51.88
CA PRO B 236 23.27 -44.59 53.01
C PRO B 236 24.42 -43.84 53.68
N LEU B 237 24.67 -44.11 54.97
CA LEU B 237 25.72 -43.45 55.73
C LEU B 237 27.12 -43.68 55.14
N THR B 238 27.43 -44.96 54.83
CA THR B 238 28.69 -45.44 54.25
C THR B 238 29.04 -44.85 52.87
N ALA B 239 28.03 -44.41 52.11
CA ALA B 239 28.16 -43.87 50.76
C ALA B 239 29.04 -42.61 50.64
N PHE B 240 28.97 -41.68 51.61
CA PHE B 240 29.76 -40.45 51.51
C PHE B 240 31.00 -40.42 52.40
N ALA B 241 31.23 -41.48 53.19
CA ALA B 241 32.43 -41.61 54.02
C ALA B 241 33.62 -42.01 53.11
N ASN B 242 34.85 -41.74 53.57
CA ASN B 242 36.11 -42.03 52.88
C ASN B 242 36.28 -41.20 51.56
N LEU B 243 35.56 -40.08 51.46
CA LEU B 243 35.60 -39.09 50.35
C LEU B 243 36.13 -37.77 50.96
N ARG B 244 37.09 -37.89 51.90
CA ARG B 244 37.72 -36.82 52.68
C ARG B 244 38.37 -35.68 51.85
N LYS B 245 38.40 -35.82 50.51
CA LYS B 245 38.97 -34.83 49.60
C LYS B 245 37.91 -34.00 48.83
N LEU B 246 36.64 -34.44 48.83
CA LEU B 246 35.51 -33.82 48.12
C LEU B 246 35.25 -32.37 48.52
N GLU B 247 34.95 -31.51 47.53
CA GLU B 247 34.66 -30.08 47.70
C GLU B 247 33.28 -29.69 47.17
N ARG B 248 32.89 -30.25 46.00
CA ARG B 248 31.60 -29.96 45.37
C ARG B 248 30.71 -31.19 45.24
N LEU B 249 29.53 -31.14 45.88
CA LEU B 249 28.53 -32.20 45.82
C LEU B 249 27.16 -31.66 45.45
N ASP B 250 26.49 -32.31 44.47
CA ASP B 250 25.16 -31.94 44.04
C ASP B 250 24.28 -33.16 43.99
N ILE B 251 23.13 -33.07 44.69
CA ILE B 251 22.10 -34.11 44.78
C ILE B 251 20.70 -33.55 44.50
N SER B 252 20.64 -32.35 43.86
CA SER B 252 19.39 -31.68 43.51
C SER B 252 18.64 -32.46 42.42
N ASN B 253 17.30 -32.25 42.32
CA ASN B 253 16.37 -32.89 41.38
C ASN B 253 16.26 -34.42 41.64
N ASN B 254 16.19 -34.80 42.93
CA ASN B 254 16.06 -36.19 43.36
C ASN B 254 14.82 -36.46 44.20
N GLN B 255 14.52 -37.74 44.48
CA GLN B 255 13.34 -38.15 45.25
C GLN B 255 13.65 -38.37 46.74
N LEU B 256 14.36 -37.40 47.36
CA LEU B 256 14.73 -37.48 48.78
C LEU B 256 13.72 -36.81 49.70
N ARG B 257 13.34 -37.51 50.77
CA ARG B 257 12.39 -37.03 51.77
C ARG B 257 13.09 -36.64 53.07
N MET B 258 14.03 -37.48 53.53
CA MET B 258 14.77 -37.27 54.77
C MET B 258 16.20 -37.82 54.68
N LEU B 259 17.09 -37.28 55.52
CA LEU B 259 18.49 -37.71 55.55
C LEU B 259 18.86 -38.19 56.95
N THR B 260 19.75 -39.20 57.00
CA THR B 260 20.24 -39.75 58.26
C THR B 260 21.39 -38.89 58.80
N GLN B 261 21.37 -38.60 60.12
CA GLN B 261 22.36 -37.77 60.79
C GLN B 261 23.79 -38.32 60.59
N GLY B 262 24.69 -37.41 60.25
CA GLY B 262 26.10 -37.72 60.04
C GLY B 262 26.45 -38.36 58.72
N VAL B 263 25.65 -38.08 57.66
CA VAL B 263 25.91 -38.64 56.34
C VAL B 263 27.05 -37.86 55.64
N PHE B 264 27.26 -36.58 56.06
CA PHE B 264 28.30 -35.68 55.52
C PHE B 264 29.44 -35.41 56.51
N ASP B 265 29.62 -36.28 57.52
CA ASP B 265 30.64 -36.11 58.56
C ASP B 265 32.09 -36.29 58.11
N HIS B 266 32.34 -36.96 56.97
CA HIS B 266 33.72 -37.15 56.50
C HIS B 266 34.14 -36.16 55.42
N LEU B 267 33.16 -35.44 54.82
CA LEU B 267 33.39 -34.43 53.77
C LEU B 267 33.88 -33.13 54.42
N SER B 268 35.09 -33.18 55.00
CA SER B 268 35.72 -32.05 55.70
C SER B 268 36.15 -30.94 54.75
N ASN B 269 36.56 -31.29 53.52
CA ASN B 269 37.01 -30.32 52.51
C ASN B 269 35.85 -29.70 51.71
N LEU B 270 34.59 -30.08 52.02
CA LEU B 270 33.38 -29.62 51.33
C LEU B 270 33.18 -28.09 51.36
N LYS B 271 33.14 -27.51 50.15
CA LYS B 271 32.96 -26.08 49.87
C LYS B 271 31.53 -25.77 49.42
N GLN B 272 30.86 -26.71 48.71
CA GLN B 272 29.49 -26.51 48.23
C GLN B 272 28.64 -27.77 48.16
N LEU B 273 27.39 -27.67 48.68
CA LEU B 273 26.38 -28.72 48.67
C LEU B 273 25.07 -28.15 48.08
N THR B 274 24.50 -28.86 47.09
CA THR B 274 23.25 -28.46 46.43
C THR B 274 22.20 -29.58 46.53
N ALA B 275 21.05 -29.27 47.15
CA ALA B 275 19.97 -30.23 47.36
C ALA B 275 18.61 -29.61 47.11
N ARG B 276 18.30 -27.57 44.81
CA ARG B 276 16.89 -27.23 44.67
C ARG B 276 16.05 -28.42 44.18
N ASN B 277 14.71 -28.33 44.33
CA ASN B 277 13.71 -29.31 43.90
C ASN B 277 13.93 -30.73 44.44
N ASN B 278 13.37 -31.01 45.62
CA ASN B 278 13.42 -32.31 46.32
C ASN B 278 12.22 -32.39 47.27
N PRO B 279 11.48 -33.53 47.32
CA PRO B 279 10.31 -33.59 48.21
C PRO B 279 10.66 -33.83 49.68
N TRP B 280 11.33 -32.84 50.30
CA TRP B 280 11.76 -32.90 51.69
C TRP B 280 10.57 -32.85 52.64
N PHE B 281 10.34 -33.94 53.38
CA PHE B 281 9.28 -34.01 54.36
C PHE B 281 9.87 -33.57 55.69
N CYS B 282 9.49 -32.35 56.13
CA CYS B 282 10.00 -31.74 57.35
C CYS B 282 9.26 -32.18 58.61
N ASP B 283 9.89 -33.09 59.37
CA ASP B 283 9.40 -33.65 60.62
C ASP B 283 10.49 -33.48 61.67
N CYS B 284 10.88 -34.57 62.36
CA CYS B 284 11.94 -34.59 63.37
C CYS B 284 13.26 -35.01 62.73
N SER B 285 13.19 -35.62 61.54
CA SER B 285 14.32 -36.08 60.74
C SER B 285 15.14 -34.92 60.15
N ILE B 286 14.59 -33.68 60.20
CA ILE B 286 15.24 -32.46 59.69
C ILE B 286 15.78 -31.55 60.83
N LYS B 287 15.60 -31.96 62.11
CA LYS B 287 16.05 -31.21 63.29
C LYS B 287 17.58 -31.05 63.29
N TRP B 288 18.29 -32.13 62.91
CA TRP B 288 19.76 -32.12 62.84
C TRP B 288 20.25 -31.28 61.68
N VAL B 289 19.44 -31.16 60.60
CA VAL B 289 19.73 -30.39 59.39
C VAL B 289 19.82 -28.89 59.72
N THR B 290 18.80 -28.35 60.42
CA THR B 290 18.71 -26.95 60.84
C THR B 290 19.86 -26.55 61.76
N GLU B 291 20.19 -27.42 62.75
CA GLU B 291 21.29 -27.22 63.70
C GLU B 291 22.65 -27.22 62.99
N TRP B 292 22.81 -28.13 62.01
CA TRP B 292 24.01 -28.26 61.17
C TRP B 292 24.20 -27.02 60.31
N LEU B 293 23.10 -26.43 59.84
CA LEU B 293 23.07 -25.21 59.01
C LEU B 293 23.45 -23.95 59.79
N LYS B 294 23.24 -23.95 61.13
CA LYS B 294 23.54 -22.81 61.99
C LYS B 294 25.02 -22.72 62.34
N TYR B 295 25.64 -23.84 62.76
CA TYR B 295 27.05 -23.89 63.16
C TYR B 295 28.03 -24.10 61.99
N ILE B 296 27.52 -24.07 60.74
CA ILE B 296 28.30 -24.26 59.51
C ILE B 296 29.22 -23.05 59.22
N PRO B 297 30.47 -23.24 58.71
CA PRO B 297 31.32 -22.08 58.42
C PRO B 297 30.93 -21.37 57.12
N SER B 298 31.52 -20.19 56.88
CA SER B 298 31.30 -19.40 55.67
C SER B 298 31.88 -20.12 54.45
N SER B 299 32.85 -21.02 54.68
CA SER B 299 33.55 -21.85 53.69
C SER B 299 32.60 -22.76 52.93
N LEU B 300 31.55 -23.26 53.61
CA LEU B 300 30.56 -24.17 53.03
C LEU B 300 29.21 -23.50 52.74
N ASN B 301 28.75 -23.61 51.48
CA ASN B 301 27.47 -23.09 51.02
C ASN B 301 26.52 -24.23 50.74
N VAL B 302 25.47 -24.34 51.56
CA VAL B 302 24.46 -25.40 51.42
C VAL B 302 23.14 -24.76 51.03
N ARG B 303 22.66 -25.05 49.80
CA ARG B 303 21.42 -24.50 49.28
C ARG B 303 20.50 -25.52 48.64
N GLY B 304 19.19 -25.29 48.77
CA GLY B 304 18.16 -26.14 48.20
C GLY B 304 17.19 -26.78 49.18
N PHE B 305 17.54 -26.76 50.48
CA PHE B 305 16.72 -27.36 51.53
C PHE B 305 15.44 -26.60 51.81
N MET B 306 14.33 -27.07 51.21
CA MET B 306 13.01 -26.48 51.35
C MET B 306 11.94 -27.56 51.53
N CYS B 307 11.09 -27.38 52.56
CA CYS B 307 10.02 -28.31 52.95
C CYS B 307 8.90 -28.43 51.92
N GLN B 308 8.33 -29.64 51.81
CA GLN B 308 7.22 -29.97 50.92
C GLN B 308 6.06 -30.57 51.71
N GLY B 309 6.35 -31.06 52.91
CA GLY B 309 5.38 -31.66 53.81
C GLY B 309 5.66 -31.38 55.29
N PRO B 310 4.61 -31.13 56.11
CA PRO B 310 3.18 -31.08 55.78
C PRO B 310 2.75 -29.73 55.21
N GLU B 311 1.42 -29.51 55.07
CA GLU B 311 0.85 -28.26 54.54
C GLU B 311 1.11 -27.05 55.46
N GLN B 312 1.31 -27.32 56.77
CA GLN B 312 1.56 -26.31 57.81
C GLN B 312 2.93 -25.64 57.64
N VAL B 313 3.96 -26.41 57.23
CA VAL B 313 5.34 -25.94 57.05
C VAL B 313 5.76 -25.99 55.55
N ARG B 314 4.77 -26.16 54.64
CA ARG B 314 4.97 -26.26 53.19
C ARG B 314 5.67 -25.04 52.60
N GLY B 315 6.66 -25.30 51.75
CA GLY B 315 7.45 -24.27 51.06
C GLY B 315 8.49 -23.54 51.88
N MET B 316 8.52 -23.78 53.20
CA MET B 316 9.44 -23.12 54.12
C MET B 316 10.88 -23.66 54.03
N ALA B 317 11.86 -22.77 54.23
CA ALA B 317 13.28 -23.11 54.19
C ALA B 317 13.71 -23.80 55.48
N VAL B 318 14.49 -24.88 55.34
CA VAL B 318 15.02 -25.68 56.45
C VAL B 318 16.09 -24.90 57.26
N ARG B 319 16.55 -23.75 56.71
CA ARG B 319 17.54 -22.86 57.33
C ARG B 319 17.08 -22.32 58.69
N GLU B 320 15.78 -21.95 58.81
CA GLU B 320 15.23 -21.41 60.05
C GLU B 320 13.95 -22.12 60.52
N LEU B 321 13.90 -22.41 61.84
CA LEU B 321 12.75 -23.06 62.50
C LEU B 321 11.91 -22.04 63.27
N ASN B 322 10.65 -22.39 63.54
CA ASN B 322 9.72 -21.54 64.29
C ASN B 322 9.16 -22.31 65.48
N MET B 323 9.17 -21.67 66.67
CA MET B 323 8.71 -22.21 67.96
C MET B 323 9.45 -23.52 68.35
N ASN B 324 10.76 -23.60 68.02
CA ASN B 324 11.67 -24.73 68.25
C ASN B 324 11.11 -26.05 67.68
N LEU B 325 10.79 -26.02 66.37
CA LEU B 325 10.22 -27.14 65.59
C LEU B 325 8.95 -27.72 66.26
N LEU B 326 8.07 -26.83 66.77
CA LEU B 326 6.82 -27.19 67.45
C LEU B 326 7.08 -28.09 68.70
N SER B 327 6.43 -29.28 68.79
CA SER B 327 6.60 -30.20 69.93
C SER B 327 7.41 -31.46 69.56
N CYS B 328 8.43 -31.28 68.70
CA CYS B 328 9.32 -32.34 68.26
C CYS B 328 10.42 -32.72 69.31
N PRO B 329 11.28 -31.79 69.85
CA PRO B 329 12.28 -32.23 70.84
C PRO B 329 11.68 -32.60 72.20
N ARG C 11 -5.77 5.60 18.19
CA ARG C 11 -5.22 4.24 18.12
C ARG C 11 -5.15 3.70 16.68
N GLU C 12 -4.27 2.70 16.44
CA GLU C 12 -4.08 2.06 15.14
C GLU C 12 -4.11 0.54 15.26
N LEU C 13 -4.75 -0.14 14.29
CA LEU C 13 -4.89 -1.60 14.23
C LEU C 13 -4.66 -2.12 12.81
N SER C 14 -3.93 -3.25 12.68
CA SER C 14 -3.66 -3.92 11.40
C SER C 14 -3.40 -5.41 11.61
N CYS C 15 -4.07 -6.27 10.81
CA CYS C 15 -3.92 -7.74 10.88
C CYS C 15 -2.53 -8.20 10.40
N GLU C 16 -2.26 -9.53 10.44
CA GLU C 16 -0.99 -10.14 10.04
C GLU C 16 -0.65 -9.86 8.57
N SER C 17 0.64 -9.60 8.28
CA SER C 17 1.24 -9.26 6.97
C SER C 17 0.70 -7.96 6.35
N TYR C 18 -0.03 -7.16 7.15
CA TYR C 18 -0.60 -5.89 6.71
C TYR C 18 0.17 -4.74 7.40
N PRO C 19 0.91 -3.91 6.63
CA PRO C 19 1.68 -2.81 7.26
C PRO C 19 0.82 -1.73 7.91
N ILE C 20 1.30 -1.17 9.03
CA ILE C 20 0.62 -0.12 9.79
C ILE C 20 1.26 1.26 9.52
N GLU C 21 0.45 2.34 9.56
CA GLU C 21 0.90 3.71 9.34
C GLU C 21 0.53 4.63 10.51
N LEU C 22 1.52 5.42 10.96
CA LEU C 22 1.40 6.36 12.09
C LEU C 22 1.92 7.74 11.67
N ARG C 23 1.12 8.81 11.89
CA ARG C 23 1.49 10.18 11.54
C ARG C 23 0.83 11.21 12.45
N CYS C 24 1.65 12.12 13.02
CA CYS C 24 1.22 13.22 13.89
C CYS C 24 1.06 14.53 13.07
N PRO C 25 0.13 15.46 13.43
CA PRO C 25 0.00 16.69 12.63
C PRO C 25 1.16 17.68 12.75
N GLY C 26 1.54 18.26 11.61
CA GLY C 26 2.62 19.23 11.49
C GLY C 26 4.00 18.64 11.69
N THR C 27 4.68 19.08 12.76
CA THR C 27 6.03 18.63 13.12
C THR C 27 6.04 17.87 14.46
N ASP C 28 4.85 17.43 14.94
CA ASP C 28 4.70 16.68 16.19
C ASP C 28 5.29 15.26 16.09
N VAL C 29 5.79 14.74 17.22
CA VAL C 29 6.43 13.43 17.32
C VAL C 29 5.50 12.37 17.91
N ILE C 30 5.62 11.12 17.43
CA ILE C 30 4.84 9.96 17.89
C ILE C 30 5.44 9.40 19.20
N MET C 31 4.59 9.06 20.18
CA MET C 31 4.98 8.50 21.47
C MET C 31 4.09 7.29 21.82
N ILE C 32 4.68 6.07 21.80
CA ILE C 32 3.97 4.83 22.10
C ILE C 32 3.69 4.72 23.61
N GLU C 33 2.46 4.30 23.97
CA GLU C 33 1.99 4.12 25.34
C GLU C 33 1.83 2.62 25.65
N SER C 34 1.07 1.88 24.81
CA SER C 34 0.81 0.45 24.96
C SER C 34 0.79 -0.25 23.59
N ALA C 35 1.52 -1.38 23.48
CA ALA C 35 1.62 -2.15 22.25
C ALA C 35 1.61 -3.66 22.50
N ASN C 36 0.86 -4.40 21.67
CA ASN C 36 0.73 -5.86 21.74
C ASN C 36 0.58 -6.47 20.35
N TYR C 37 1.32 -7.55 20.09
CA TYR C 37 1.31 -8.29 18.82
C TYR C 37 0.84 -9.72 19.10
N GLY C 38 -0.43 -9.99 18.83
CA GLY C 38 -1.05 -11.29 19.05
C GLY C 38 -2.55 -11.25 18.91
N ARG C 39 -3.27 -11.79 19.92
CA ARG C 39 -4.73 -11.84 19.92
C ARG C 39 -5.34 -11.69 21.32
N THR C 40 -6.22 -10.68 21.48
CA THR C 40 -6.95 -10.37 22.70
C THR C 40 -8.46 -10.50 22.42
N ASP C 41 -8.90 -10.03 21.23
CA ASP C 41 -10.28 -10.09 20.74
C ASP C 41 -10.29 -10.90 19.42
N ASP C 42 -11.36 -11.69 19.21
CA ASP C 42 -11.51 -12.56 18.03
C ASP C 42 -12.36 -11.99 16.89
N LYS C 43 -13.20 -10.97 17.17
CA LYS C 43 -14.09 -10.39 16.15
C LYS C 43 -13.54 -9.14 15.42
N ILE C 44 -12.34 -8.64 15.80
CA ILE C 44 -11.72 -7.46 15.16
C ILE C 44 -11.21 -7.81 13.75
N CYS C 45 -10.29 -8.78 13.64
CA CYS C 45 -9.75 -9.24 12.36
C CYS C 45 -10.73 -10.25 11.72
N ASP C 46 -10.57 -10.53 10.41
CA ASP C 46 -11.43 -11.48 9.70
C ASP C 46 -10.61 -12.53 8.94
N SER C 47 -10.66 -13.78 9.43
CA SER C 47 -9.94 -14.93 8.89
C SER C 47 -10.67 -16.24 9.21
N ASP C 48 -9.94 -17.38 9.15
CA ASP C 48 -10.45 -18.72 9.44
C ASP C 48 -10.81 -18.86 10.92
N PRO C 49 -11.95 -19.52 11.28
CA PRO C 49 -12.31 -19.65 12.71
C PRO C 49 -11.39 -20.52 13.56
N ALA C 50 -10.61 -21.43 12.93
CA ALA C 50 -9.67 -22.32 13.61
C ALA C 50 -8.48 -21.57 14.21
N GLN C 51 -8.03 -20.50 13.53
CA GLN C 51 -6.92 -19.63 13.96
C GLN C 51 -7.37 -18.64 15.04
N MET C 52 -8.70 -18.39 15.14
CA MET C 52 -9.31 -17.47 16.11
C MET C 52 -9.71 -18.13 17.44
N GLU C 53 -9.56 -19.48 17.54
CA GLU C 53 -9.88 -20.27 18.74
C GLU C 53 -9.07 -19.81 19.97
N ASN C 54 -7.77 -19.49 19.77
CA ASN C 54 -6.90 -18.98 20.82
C ASN C 54 -6.97 -17.45 20.83
N ILE C 55 -7.53 -16.90 21.90
CA ILE C 55 -7.70 -15.44 22.07
C ILE C 55 -6.81 -14.91 23.20
N ARG C 56 -5.72 -15.64 23.53
CA ARG C 56 -4.79 -15.23 24.61
C ARG C 56 -3.31 -15.18 24.18
N CYS C 57 -3.03 -14.57 23.00
CA CYS C 57 -1.66 -14.39 22.51
C CYS C 57 -1.10 -13.02 22.87
N TYR C 58 0.11 -12.99 23.45
CA TYR C 58 0.77 -11.77 23.89
C TYR C 58 2.24 -11.70 23.49
N LEU C 59 2.75 -10.48 23.26
CA LEU C 59 4.14 -10.20 22.95
C LEU C 59 4.56 -8.93 23.73
N PRO C 60 5.38 -9.07 24.79
CA PRO C 60 5.76 -7.89 25.59
C PRO C 60 6.74 -6.97 24.86
N ASP C 61 7.68 -7.56 24.08
CA ASP C 61 8.70 -6.86 23.32
C ASP C 61 8.16 -5.91 22.24
N ALA C 62 6.84 -5.95 21.99
CA ALA C 62 6.13 -5.11 21.01
C ALA C 62 6.40 -3.62 21.23
N TYR C 63 6.37 -3.15 22.50
CA TYR C 63 6.64 -1.76 22.88
C TYR C 63 8.08 -1.35 22.57
N LYS C 64 9.04 -2.24 22.86
CA LYS C 64 10.48 -2.03 22.64
C LYS C 64 10.80 -1.85 21.15
N ILE C 65 10.12 -2.62 20.28
CA ILE C 65 10.29 -2.57 18.81
C ILE C 65 9.73 -1.25 18.25
N MET C 66 8.50 -0.87 18.66
CA MET C 66 7.82 0.35 18.23
C MET C 66 8.53 1.64 18.67
N SER C 67 9.12 1.62 19.87
CA SER C 67 9.86 2.76 20.43
C SER C 67 11.17 3.01 19.67
N GLN C 68 11.79 1.93 19.15
CA GLN C 68 13.05 2.01 18.40
C GLN C 68 12.85 2.50 16.96
N ARG C 69 11.61 2.41 16.42
CA ARG C 69 11.31 2.79 15.05
C ARG C 69 10.40 4.01 14.88
N CYS C 70 9.27 4.06 15.62
CA CYS C 70 8.27 5.13 15.51
C CYS C 70 8.55 6.35 16.38
N ASN C 71 9.00 6.14 17.64
CA ASN C 71 9.28 7.23 18.58
C ASN C 71 10.37 8.17 18.10
N ASN C 72 10.21 9.48 18.44
CA ASN C 72 11.08 10.61 18.08
C ASN C 72 11.14 10.83 16.55
N ARG C 73 10.01 10.57 15.86
CA ARG C 73 9.82 10.72 14.41
C ARG C 73 8.42 11.24 14.06
N THR C 74 8.30 11.98 12.94
CA THR C 74 7.05 12.57 12.46
C THR C 74 6.09 11.51 11.87
N GLN C 75 6.62 10.66 10.96
CA GLN C 75 5.86 9.58 10.31
C GLN C 75 6.50 8.20 10.54
N CYS C 76 5.68 7.14 10.62
CA CYS C 76 6.16 5.77 10.84
C CYS C 76 5.39 4.71 10.06
N ALA C 77 6.14 3.72 9.51
CA ALA C 77 5.62 2.60 8.75
C ALA C 77 6.35 1.31 9.16
N VAL C 78 5.64 0.44 9.90
CA VAL C 78 6.18 -0.83 10.40
C VAL C 78 5.35 -1.99 9.85
N VAL C 79 6.00 -2.91 9.12
CA VAL C 79 5.37 -4.09 8.52
C VAL C 79 5.13 -5.14 9.63
N ALA C 80 3.85 -5.34 10.01
CA ALA C 80 3.47 -6.30 11.04
C ALA C 80 3.59 -7.74 10.52
N GLY C 81 4.82 -8.25 10.55
CA GLY C 81 5.15 -9.60 10.08
C GLY C 81 6.40 -10.18 10.73
N PRO C 82 6.98 -11.27 10.16
CA PRO C 82 8.17 -11.88 10.76
C PRO C 82 9.47 -11.09 10.57
N ASP C 83 9.45 -10.08 9.67
CA ASP C 83 10.61 -9.25 9.37
C ASP C 83 10.91 -8.24 10.49
N VAL C 84 9.87 -7.82 11.24
CA VAL C 84 10.00 -6.84 12.33
C VAL C 84 9.55 -7.42 13.68
N PHE C 85 8.59 -8.37 13.67
CA PHE C 85 8.04 -8.97 14.89
C PHE C 85 8.20 -10.51 14.97
N PRO C 86 8.84 -11.04 16.04
CA PRO C 86 8.94 -12.51 16.15
C PRO C 86 7.60 -13.15 16.52
N ASP C 87 7.30 -14.32 15.94
CA ASP C 87 6.05 -15.06 16.15
C ASP C 87 5.91 -15.62 17.59
N PRO C 88 4.95 -15.12 18.41
CA PRO C 88 4.80 -15.67 19.77
C PRO C 88 4.01 -16.97 19.82
N CYS C 89 2.88 -17.06 19.08
CA CYS C 89 2.03 -18.25 19.01
C CYS C 89 1.84 -18.72 17.55
N PRO C 90 2.38 -19.91 17.19
CA PRO C 90 2.24 -20.38 15.81
C PRO C 90 0.87 -20.93 15.48
N GLY C 91 0.48 -20.80 14.22
CA GLY C 91 -0.82 -21.25 13.72
C GLY C 91 -1.98 -20.40 14.19
N THR C 92 -1.72 -19.10 14.46
CA THR C 92 -2.71 -18.13 14.93
C THR C 92 -2.54 -16.82 14.15
N TYR C 93 -3.63 -16.32 13.55
CA TYR C 93 -3.63 -15.07 12.79
C TYR C 93 -3.58 -13.90 13.77
N LYS C 94 -2.42 -13.22 13.82
CA LYS C 94 -2.14 -12.12 14.75
C LYS C 94 -2.46 -10.73 14.18
N TYR C 95 -2.40 -9.70 15.05
CA TYR C 95 -2.61 -8.29 14.71
C TYR C 95 -1.80 -7.36 15.63
N LEU C 96 -1.63 -6.09 15.23
CA LEU C 96 -0.87 -5.11 15.99
C LEU C 96 -1.77 -3.99 16.57
N GLU C 97 -1.87 -3.92 17.91
CA GLU C 97 -2.65 -2.92 18.64
C GLU C 97 -1.68 -1.90 19.25
N VAL C 98 -1.75 -0.64 18.77
CA VAL C 98 -0.86 0.43 19.23
C VAL C 98 -1.67 1.67 19.70
N GLN C 99 -1.33 2.18 20.90
CA GLN C 99 -1.94 3.38 21.47
C GLN C 99 -0.83 4.45 21.54
N TYR C 100 -1.01 5.55 20.78
CA TYR C 100 0.00 6.62 20.70
C TYR C 100 -0.54 8.03 20.87
N GLU C 101 0.33 8.94 21.38
CA GLU C 101 0.03 10.34 21.64
C GLU C 101 1.01 11.26 20.91
N CYS C 102 0.53 12.44 20.45
CA CYS C 102 1.36 13.44 19.75
C CYS C 102 1.92 14.45 20.76
N VAL C 103 3.25 14.56 20.82
CA VAL C 103 4.00 15.45 21.73
C VAL C 103 5.07 16.27 20.94
N PRO C 104 5.75 17.30 21.53
CA PRO C 104 6.77 18.05 20.75
C PRO C 104 7.93 17.19 20.22
N TYR C 105 8.67 17.72 19.22
CA TYR C 105 9.78 17.03 18.54
C TYR C 105 11.12 16.96 19.33
N LYS C 106 11.08 16.99 20.67
CA LYS C 106 12.28 16.93 21.52
C LYS C 106 12.83 15.50 21.68
N VAL C 107 14.18 15.37 21.72
CA VAL C 107 14.92 14.10 21.86
C VAL C 107 15.89 14.10 23.07
N GLU C 108 16.17 12.90 23.64
CA GLU C 108 17.09 12.73 24.78
C GLU C 108 18.51 12.42 24.31
N GLN C 109 19.49 13.20 24.80
CA GLN C 109 20.90 13.19 24.43
C GLN C 109 21.82 12.24 25.21
N LYS C 110 23.10 12.14 24.75
CA LYS C 110 24.29 11.43 25.28
C LYS C 110 24.24 9.89 25.25
N VAL C 111 23.20 9.25 25.84
CA VAL C 111 23.09 7.78 25.97
C VAL C 111 23.04 7.05 24.59
N PHE C 112 22.11 7.44 23.70
CA PHE C 112 21.97 6.82 22.37
C PHE C 112 23.02 7.35 21.41
N LEU C 113 23.35 8.65 21.53
CA LEU C 113 24.26 9.40 20.66
C LEU C 113 25.71 8.94 20.66
N CYS C 114 26.29 8.96 19.46
CA CYS C 114 27.66 8.60 19.12
C CYS C 114 28.69 9.56 19.76
N PRO C 115 29.73 9.05 20.45
CA PRO C 115 30.73 9.94 21.06
C PRO C 115 31.78 10.51 20.09
N GLY C 116 31.85 9.94 18.89
CA GLY C 116 32.78 10.35 17.83
C GLY C 116 33.69 9.23 17.34
N LEU C 117 34.84 9.62 16.77
CA LEU C 117 35.85 8.68 16.26
C LEU C 117 36.92 8.45 17.32
N LEU C 118 37.31 7.18 17.56
CA LEU C 118 38.32 6.83 18.56
C LEU C 118 39.69 7.43 18.23
N LYS C 119 40.25 8.19 19.19
CA LYS C 119 41.55 8.88 19.08
C LYS C 119 42.66 8.21 19.87
N GLY C 120 42.32 7.57 21.00
CA GLY C 120 43.29 6.91 21.85
C GLY C 120 42.70 6.08 22.96
N VAL C 121 43.31 4.90 23.21
CA VAL C 121 42.90 3.98 24.27
C VAL C 121 43.96 4.01 25.38
N TYR C 122 43.50 4.11 26.64
CA TYR C 122 44.34 4.16 27.83
C TYR C 122 43.82 3.18 28.89
N GLN C 123 44.71 2.72 29.81
CA GLN C 123 44.35 1.83 30.91
C GLN C 123 43.54 2.59 31.95
N SER C 124 42.46 1.98 32.47
CA SER C 124 41.58 2.63 33.43
C SER C 124 41.50 1.93 34.78
N GLU C 125 41.00 0.68 34.80
CA GLU C 125 40.83 -0.10 36.03
C GLU C 125 41.40 -1.50 35.93
N HIS C 126 41.92 -2.00 37.06
CA HIS C 126 42.40 -3.37 37.20
C HIS C 126 41.66 -3.96 38.38
N LEU C 127 40.73 -4.89 38.10
CA LEU C 127 39.90 -5.51 39.13
C LEU C 127 40.63 -6.62 39.88
N PHE C 128 40.97 -7.73 39.19
CA PHE C 128 41.66 -8.88 39.76
C PHE C 128 42.36 -9.72 38.69
N GLU C 129 42.99 -10.82 39.11
CA GLU C 129 43.66 -11.79 38.25
C GLU C 129 42.94 -13.12 38.40
N SER C 130 42.06 -13.43 37.44
CA SER C 130 41.24 -14.65 37.39
C SER C 130 42.08 -15.93 37.26
N ASP C 131 41.49 -17.07 37.67
CA ASP C 131 42.09 -18.41 37.59
C ASP C 131 42.30 -18.90 36.16
N HIS C 132 41.50 -18.37 35.19
CA HIS C 132 41.55 -18.71 33.77
C HIS C 132 42.30 -17.65 32.95
N GLN C 133 43.13 -18.08 31.99
CA GLN C 133 43.91 -17.20 31.10
C GLN C 133 42.98 -16.43 30.17
N SER C 134 41.97 -17.13 29.62
CA SER C 134 40.96 -16.61 28.71
C SER C 134 39.56 -16.73 29.28
N GLY C 135 38.74 -15.73 28.98
CA GLY C 135 37.36 -15.62 29.41
C GLY C 135 36.77 -14.30 28.98
N ALA C 136 35.53 -14.03 29.40
CA ALA C 136 34.86 -12.77 29.04
C ALA C 136 33.93 -12.25 30.13
N TRP C 137 33.93 -10.91 30.29
CA TRP C 137 33.11 -10.18 31.26
C TRP C 137 32.52 -8.93 30.62
N CYS C 138 31.29 -8.57 31.03
CA CYS C 138 30.58 -7.41 30.49
C CYS C 138 29.40 -6.98 31.37
N LYS C 139 28.83 -5.81 31.05
CA LYS C 139 27.66 -5.25 31.72
C LYS C 139 26.60 -4.99 30.67
N ASP C 140 25.31 -5.10 31.04
CA ASP C 140 24.19 -4.85 30.13
C ASP C 140 24.03 -3.32 29.95
N PRO C 141 24.27 -2.77 28.74
CA PRO C 141 24.19 -1.31 28.58
C PRO C 141 22.76 -0.75 28.49
N LEU C 142 21.77 -1.60 28.19
CA LEU C 142 20.37 -1.19 28.07
C LEU C 142 19.74 -1.01 29.45
N GLN C 143 19.95 -1.98 30.35
CA GLN C 143 19.40 -1.93 31.71
C GLN C 143 20.32 -1.12 32.64
N ALA C 144 19.76 -0.08 33.28
CA ALA C 144 20.48 0.81 34.21
C ALA C 144 20.72 0.08 35.54
N SER C 145 21.76 -0.78 35.56
CA SER C 145 22.15 -1.57 36.72
C SER C 145 23.65 -1.82 36.76
N ASP C 146 24.21 -1.97 37.98
CA ASP C 146 25.63 -2.21 38.23
C ASP C 146 25.98 -3.72 38.25
N LYS C 147 25.17 -4.55 37.56
CA LYS C 147 25.34 -6.00 37.44
C LYS C 147 26.46 -6.35 36.47
N ILE C 148 27.37 -7.25 36.89
CA ILE C 148 28.50 -7.72 36.08
C ILE C 148 28.34 -9.20 35.72
N TYR C 149 28.41 -9.51 34.42
CA TYR C 149 28.28 -10.85 33.86
C TYR C 149 29.66 -11.39 33.50
N TYR C 150 30.00 -12.56 34.09
CA TYR C 150 31.31 -13.21 34.02
C TYR C 150 31.22 -14.64 33.46
N MET C 151 32.08 -14.96 32.47
CA MET C 151 32.13 -16.27 31.83
C MET C 151 33.59 -16.69 31.49
N PRO C 152 34.32 -17.32 32.43
CA PRO C 152 35.69 -17.76 32.12
C PRO C 152 35.71 -18.98 31.21
N TRP C 153 36.25 -18.81 29.99
CA TRP C 153 36.30 -19.85 28.96
C TRP C 153 37.26 -21.01 29.28
N THR C 154 36.67 -22.22 29.31
CA THR C 154 37.32 -23.51 29.52
C THR C 154 36.97 -24.38 28.30
N PRO C 155 37.97 -24.73 27.43
CA PRO C 155 37.65 -25.52 26.23
C PRO C 155 36.88 -26.81 26.48
N TYR C 156 35.89 -27.06 25.63
CA TYR C 156 34.93 -28.17 25.63
C TYR C 156 34.21 -28.34 26.99
N ARG C 157 34.17 -27.27 27.82
CA ARG C 157 33.56 -27.29 29.15
C ARG C 157 32.81 -26.02 29.56
N THR C 158 32.82 -24.95 28.74
CA THR C 158 32.13 -23.71 29.09
C THR C 158 30.61 -23.90 28.92
N ASP C 159 29.85 -23.77 30.04
CA ASP C 159 28.39 -23.94 30.05
C ASP C 159 27.68 -23.13 31.15
N THR C 160 28.39 -22.19 31.82
CA THR C 160 27.82 -21.36 32.90
C THR C 160 28.17 -19.88 32.80
N LEU C 161 27.19 -19.01 33.14
CA LEU C 161 27.33 -17.55 33.16
C LEU C 161 27.08 -17.05 34.60
N THR C 162 28.08 -16.38 35.20
CA THR C 162 28.03 -15.89 36.58
C THR C 162 27.62 -14.41 36.67
N GLU C 163 26.65 -14.10 37.55
CA GLU C 163 26.15 -12.74 37.77
C GLU C 163 26.61 -12.20 39.12
N TYR C 164 27.10 -10.95 39.12
CA TYR C 164 27.58 -10.26 40.32
C TYR C 164 26.75 -9.00 40.56
N SER C 165 26.40 -8.74 41.84
CA SER C 165 25.57 -7.59 42.23
C SER C 165 26.23 -6.23 41.98
N SER C 166 27.54 -6.10 42.28
CA SER C 166 28.28 -4.85 42.10
C SER C 166 29.76 -5.08 41.79
N LYS C 167 30.50 -3.98 41.55
CA LYS C 167 31.94 -3.96 41.25
C LYS C 167 32.75 -4.51 42.43
N ASP C 168 32.36 -4.11 43.67
CA ASP C 168 32.99 -4.52 44.92
C ASP C 168 32.88 -6.04 45.14
N ASP C 169 31.72 -6.62 44.79
CA ASP C 169 31.46 -8.07 44.90
C ASP C 169 32.24 -8.86 43.86
N PHE C 170 32.46 -8.26 42.67
CA PHE C 170 33.19 -8.88 41.57
C PHE C 170 34.67 -9.07 41.90
N ILE C 171 35.29 -8.06 42.55
CA ILE C 171 36.70 -8.11 42.97
C ILE C 171 36.86 -9.10 44.14
N ALA C 172 35.94 -9.01 45.14
CA ALA C 172 35.93 -9.88 46.33
C ALA C 172 35.53 -11.34 46.02
N GLY C 173 34.93 -11.56 44.84
CA GLY C 173 34.50 -12.88 44.41
C GLY C 173 33.26 -13.37 45.13
N ARG C 174 32.24 -12.50 45.26
CA ARG C 174 30.97 -12.77 45.90
C ARG C 174 29.85 -12.76 44.83
N PRO C 175 29.51 -13.94 44.26
CA PRO C 175 28.49 -13.96 43.20
C PRO C 175 27.06 -13.95 43.72
N THR C 176 26.15 -13.40 42.91
CA THR C 176 24.72 -13.31 43.22
C THR C 176 24.04 -14.61 42.79
N THR C 177 24.16 -14.96 41.49
CA THR C 177 23.58 -16.17 40.91
C THR C 177 24.36 -16.66 39.68
N THR C 178 24.32 -17.98 39.42
CA THR C 178 24.98 -18.62 38.28
C THR C 178 23.91 -19.29 37.41
N TYR C 179 23.93 -18.97 36.11
CA TYR C 179 22.99 -19.48 35.12
C TYR C 179 23.53 -20.75 34.46
N LYS C 180 22.70 -21.82 34.42
CA LYS C 180 23.07 -23.08 33.77
C LYS C 180 22.53 -23.06 32.36
N LEU C 181 23.44 -22.85 31.40
CA LEU C 181 23.14 -22.72 29.97
C LEU C 181 22.69 -24.04 29.32
N PRO C 182 21.76 -23.98 28.34
CA PRO C 182 21.29 -25.23 27.71
C PRO C 182 22.30 -25.89 26.78
N HIS C 183 23.31 -25.14 26.32
CA HIS C 183 24.34 -25.64 25.40
C HIS C 183 25.74 -25.18 25.79
N ARG C 184 26.77 -25.87 25.25
CA ARG C 184 28.17 -25.51 25.47
C ARG C 184 28.51 -24.26 24.64
N VAL C 185 29.29 -23.33 25.22
CA VAL C 185 29.69 -22.09 24.56
C VAL C 185 31.05 -22.22 23.89
N ASP C 186 31.19 -21.65 22.69
CA ASP C 186 32.41 -21.65 21.90
C ASP C 186 33.01 -20.23 21.86
N GLY C 187 34.24 -20.09 22.34
CA GLY C 187 34.96 -18.83 22.35
C GLY C 187 34.57 -17.88 23.46
N THR C 188 35.22 -16.68 23.47
CA THR C 188 35.04 -15.59 24.45
C THR C 188 34.25 -14.41 23.82
N GLY C 189 33.30 -14.71 22.93
CA GLY C 189 32.54 -13.70 22.20
C GLY C 189 31.20 -13.26 22.73
N PHE C 190 30.70 -13.91 23.82
CA PHE C 190 29.39 -13.62 24.43
C PHE C 190 29.16 -12.14 24.72
N VAL C 191 27.87 -11.77 24.83
CA VAL C 191 27.42 -10.44 25.18
C VAL C 191 25.99 -10.49 25.79
N VAL C 192 25.58 -9.45 26.55
CA VAL C 192 24.26 -9.37 27.18
C VAL C 192 23.54 -8.11 26.66
N TYR C 193 22.34 -8.32 26.07
CA TYR C 193 21.52 -7.27 25.47
C TYR C 193 20.09 -7.33 26.03
N ASP C 194 19.73 -6.33 26.86
CA ASP C 194 18.43 -6.13 27.50
C ASP C 194 17.90 -7.38 28.22
N GLY C 195 18.63 -7.81 29.25
CA GLY C 195 18.28 -8.96 30.08
C GLY C 195 18.28 -10.31 29.40
N ALA C 196 18.97 -10.42 28.26
CA ALA C 196 19.08 -11.65 27.47
C ALA C 196 20.52 -11.88 27.06
N LEU C 197 20.95 -13.14 27.13
CA LEU C 197 22.30 -13.56 26.78
C LEU C 197 22.37 -14.12 25.37
N PHE C 198 23.34 -13.59 24.60
CA PHE C 198 23.63 -14.01 23.24
C PHE C 198 25.01 -14.67 23.22
N PHE C 199 25.07 -15.92 22.75
CA PHE C 199 26.30 -16.69 22.71
C PHE C 199 26.37 -17.64 21.51
N ASN C 200 27.61 -18.01 21.14
CA ASN C 200 27.88 -18.94 20.06
C ASN C 200 27.85 -20.35 20.63
N LYS C 201 26.94 -21.19 20.10
CA LYS C 201 26.79 -22.60 20.52
C LYS C 201 27.95 -23.41 19.92
N GLU C 202 28.57 -24.31 20.74
CA GLU C 202 29.70 -25.16 20.37
C GLU C 202 29.43 -26.01 19.12
N ARG C 203 30.43 -26.08 18.21
CA ARG C 203 30.42 -26.81 16.93
C ARG C 203 29.27 -26.40 15.99
N THR C 204 28.86 -25.10 16.05
CA THR C 204 27.80 -24.51 15.21
C THR C 204 28.02 -23.03 14.95
N ARG C 205 27.52 -22.55 13.78
CA ARG C 205 27.53 -21.16 13.36
C ARG C 205 26.23 -20.47 13.83
N ASN C 206 25.72 -20.89 15.01
CA ASN C 206 24.46 -20.41 15.59
C ASN C 206 24.61 -19.53 16.83
N ILE C 207 23.74 -18.50 16.93
CA ILE C 207 23.66 -17.59 18.06
C ILE C 207 22.41 -17.96 18.85
N VAL C 208 22.58 -18.19 20.16
CA VAL C 208 21.51 -18.61 21.05
C VAL C 208 21.08 -17.45 21.96
N LYS C 209 19.78 -17.16 21.97
CA LYS C 209 19.18 -16.13 22.83
C LYS C 209 18.64 -16.82 24.08
N PHE C 210 19.07 -16.37 25.26
CA PHE C 210 18.67 -16.92 26.55
C PHE C 210 18.27 -15.82 27.52
N ASP C 211 16.97 -15.72 27.82
CA ASP C 211 16.44 -14.70 28.73
C ASP C 211 16.80 -15.08 30.17
N LEU C 212 17.54 -14.19 30.86
CA LEU C 212 18.02 -14.37 32.22
C LEU C 212 16.91 -14.36 33.26
N ARG C 213 15.84 -13.58 33.01
CA ARG C 213 14.68 -13.47 33.89
C ARG C 213 13.90 -14.79 33.94
N THR C 214 13.47 -15.31 32.76
CA THR C 214 12.71 -16.55 32.65
C THR C 214 13.58 -17.81 32.75
N ARG C 215 14.91 -17.67 32.52
CA ARG C 215 15.93 -18.73 32.56
C ARG C 215 15.67 -19.82 31.50
N ILE C 216 15.08 -19.42 30.36
CA ILE C 216 14.78 -20.30 29.22
C ILE C 216 15.28 -19.72 27.90
N LYS C 217 15.61 -20.60 26.95
CA LYS C 217 16.07 -20.24 25.60
C LYS C 217 14.86 -19.70 24.82
N SER C 218 15.02 -18.52 24.21
CA SER C 218 13.97 -17.88 23.44
C SER C 218 14.15 -18.03 21.92
N GLY C 219 15.38 -18.29 21.48
CA GLY C 219 15.67 -18.46 20.06
C GLY C 219 17.09 -18.90 19.72
N GLU C 220 17.27 -19.33 18.46
CA GLU C 220 18.54 -19.77 17.90
C GLU C 220 18.62 -19.36 16.42
N ALA C 221 19.57 -18.46 16.09
CA ALA C 221 19.79 -17.93 14.74
C ALA C 221 21.03 -18.49 14.05
N ILE C 222 20.93 -18.81 12.75
CA ILE C 222 22.03 -19.34 11.94
C ILE C 222 22.70 -18.18 11.18
N ILE C 223 23.98 -17.92 11.49
CA ILE C 223 24.77 -16.88 10.82
C ILE C 223 25.31 -17.54 9.54
N ALA C 224 24.69 -17.21 8.39
CA ALA C 224 25.00 -17.77 7.07
C ALA C 224 26.46 -17.65 6.63
N ASN C 225 27.02 -18.78 6.15
CA ASN C 225 28.38 -18.98 5.62
C ASN C 225 29.53 -18.73 6.62
N ALA C 226 29.20 -18.42 7.88
CA ALA C 226 30.16 -18.16 8.94
C ALA C 226 31.01 -19.38 9.31
N ASN C 227 32.32 -19.18 9.46
CA ASN C 227 33.27 -20.23 9.86
C ASN C 227 33.15 -20.41 11.37
N TYR C 228 33.14 -21.67 11.84
CA TYR C 228 32.97 -21.99 13.26
C TYR C 228 33.91 -23.11 13.76
N HIS C 229 34.14 -23.14 15.10
CA HIS C 229 34.93 -24.12 15.85
C HIS C 229 36.40 -24.23 15.37
N ASP C 230 37.22 -23.23 15.77
CA ASP C 230 38.66 -23.06 15.49
C ASP C 230 39.02 -23.02 13.97
N THR C 231 38.02 -22.73 13.11
CA THR C 231 38.23 -22.61 11.66
C THR C 231 38.83 -21.24 11.35
N SER C 232 38.15 -20.17 11.79
CA SER C 232 38.60 -18.78 11.63
C SER C 232 38.48 -17.99 12.95
N PRO C 233 39.26 -18.34 14.01
CA PRO C 233 39.16 -17.57 15.26
C PRO C 233 40.16 -16.41 15.28
N TYR C 234 40.35 -15.76 16.43
CA TYR C 234 41.33 -14.69 16.57
C TYR C 234 42.73 -15.34 16.69
N ARG C 235 43.82 -14.53 16.68
CA ARG C 235 45.20 -15.02 16.71
C ARG C 235 45.50 -16.06 17.80
N TRP C 236 44.80 -15.99 18.96
CA TRP C 236 44.99 -16.95 20.05
C TRP C 236 44.19 -18.24 19.89
N GLY C 237 43.31 -18.28 18.89
CA GLY C 237 42.45 -19.41 18.61
C GLY C 237 41.35 -19.47 19.65
N GLY C 238 41.27 -20.60 20.35
CA GLY C 238 40.29 -20.84 21.41
C GLY C 238 38.85 -20.73 21.01
N LYS C 239 38.52 -21.22 19.79
CA LYS C 239 37.18 -21.26 19.18
C LYS C 239 36.48 -19.88 19.12
N SER C 240 37.28 -18.79 18.99
CA SER C 240 36.86 -17.38 18.92
C SER C 240 36.20 -16.99 17.60
N ASP C 241 35.82 -17.97 16.78
CA ASP C 241 35.30 -17.83 15.42
C ASP C 241 34.21 -16.79 15.26
N ILE C 242 33.27 -16.73 16.23
CA ILE C 242 32.17 -15.78 16.21
C ILE C 242 32.20 -14.89 17.48
N ASP C 243 32.26 -13.57 17.26
CA ASP C 243 32.35 -12.51 18.27
C ASP C 243 31.12 -11.60 18.17
N LEU C 244 30.46 -11.36 19.30
CA LEU C 244 29.27 -10.49 19.35
C LEU C 244 29.65 -9.13 19.93
N ALA C 245 29.04 -8.06 19.38
CA ALA C 245 29.30 -6.68 19.80
C ALA C 245 28.03 -5.86 19.98
N VAL C 246 28.09 -4.87 20.91
CA VAL C 246 26.99 -3.96 21.22
C VAL C 246 27.51 -2.51 21.13
N ASP C 247 26.79 -1.64 20.41
CA ASP C 247 27.13 -0.23 20.26
C ASP C 247 25.88 0.68 20.20
N GLU C 248 26.06 1.91 19.69
CA GLU C 248 25.02 2.91 19.52
C GLU C 248 24.00 2.47 18.45
N ASN C 249 24.48 1.77 17.41
CA ASN C 249 23.66 1.28 16.29
C ASN C 249 22.81 0.04 16.64
N GLY C 250 23.24 -0.73 17.64
CA GLY C 250 22.54 -1.92 18.09
C GLY C 250 23.42 -3.14 18.29
N LEU C 251 22.88 -4.33 17.95
CA LEU C 251 23.57 -5.63 18.08
C LEU C 251 24.32 -5.98 16.80
N TRP C 252 25.57 -6.46 16.94
CA TRP C 252 26.43 -6.81 15.81
C TRP C 252 27.09 -8.17 15.96
N VAL C 253 27.45 -8.78 14.81
CA VAL C 253 28.10 -10.10 14.75
C VAL C 253 29.38 -9.98 13.91
N ILE C 254 30.54 -10.14 14.56
CA ILE C 254 31.86 -10.10 13.95
C ILE C 254 32.29 -11.56 13.74
N TYR C 255 32.47 -11.95 12.47
CA TYR C 255 32.83 -13.32 12.08
C TYR C 255 33.69 -13.32 10.81
N ALA C 256 33.80 -14.49 10.14
CA ALA C 256 34.55 -14.66 8.91
C ALA C 256 33.92 -15.75 8.03
N THR C 257 33.96 -15.56 6.71
CA THR C 257 33.43 -16.50 5.72
C THR C 257 34.54 -16.94 4.78
N GLU C 258 34.39 -18.12 4.15
CA GLU C 258 35.36 -18.60 3.18
C GLU C 258 35.19 -17.86 1.83
N GLN C 259 34.02 -17.23 1.64
CA GLN C 259 33.65 -16.41 0.48
C GLN C 259 34.49 -15.13 0.47
N ASN C 260 34.81 -14.61 1.67
CA ASN C 260 35.64 -13.43 1.86
C ASN C 260 37.12 -13.84 2.08
N ASN C 261 37.43 -15.15 1.93
CA ASN C 261 38.76 -15.76 2.06
C ASN C 261 39.38 -15.54 3.45
N GLY C 262 38.62 -15.91 4.48
CA GLY C 262 39.04 -15.79 5.88
C GLY C 262 39.00 -14.40 6.47
N LYS C 263 38.74 -13.38 5.63
CA LYS C 263 38.66 -11.97 6.07
C LYS C 263 37.40 -11.72 6.92
N ILE C 264 37.47 -10.72 7.81
CA ILE C 264 36.39 -10.35 8.73
C ILE C 264 35.12 -9.88 8.01
N VAL C 265 33.99 -10.48 8.37
CA VAL C 265 32.66 -10.20 7.84
C VAL C 265 31.80 -9.71 9.02
N ILE C 266 31.29 -8.48 8.93
CA ILE C 266 30.46 -7.89 9.99
C ILE C 266 29.01 -7.79 9.56
N SER C 267 28.10 -8.28 10.40
CA SER C 267 26.67 -8.29 10.13
C SER C 267 25.84 -7.81 11.31
N GLN C 268 24.87 -6.92 11.05
CA GLN C 268 23.97 -6.42 12.08
C GLN C 268 22.88 -7.45 12.30
N LEU C 269 22.64 -7.82 13.58
CA LEU C 269 21.63 -8.79 13.97
C LEU C 269 20.52 -8.12 14.78
N ASN C 270 19.26 -8.47 14.49
CA ASN C 270 18.11 -7.96 15.21
C ASN C 270 17.99 -8.74 16.53
N PRO C 271 17.95 -8.07 17.71
CA PRO C 271 17.87 -8.82 18.98
C PRO C 271 16.53 -9.50 19.28
N TYR C 272 15.50 -9.25 18.47
CA TYR C 272 14.17 -9.83 18.65
C TYR C 272 13.83 -10.84 17.57
N THR C 273 14.00 -10.46 16.29
CA THR C 273 13.70 -11.32 15.13
C THR C 273 14.80 -12.34 14.84
N LEU C 274 16.01 -12.12 15.42
CA LEU C 274 17.24 -12.93 15.27
C LEU C 274 17.55 -13.21 13.79
N ARG C 275 17.64 -12.13 12.99
CA ARG C 275 17.88 -12.19 11.55
C ARG C 275 18.93 -11.16 11.14
N ILE C 276 19.64 -11.43 10.04
CA ILE C 276 20.68 -10.55 9.50
C ILE C 276 20.02 -9.34 8.78
N GLU C 277 20.28 -8.13 9.30
CA GLU C 277 19.76 -6.87 8.77
C GLU C 277 20.85 -6.09 7.99
N GLY C 278 21.77 -6.83 7.37
CA GLY C 278 22.87 -6.27 6.61
C GLY C 278 24.18 -7.00 6.83
N THR C 279 24.98 -7.13 5.76
CA THR C 279 26.28 -7.82 5.76
C THR C 279 27.35 -6.95 5.08
N TRP C 280 28.54 -6.88 5.69
CA TRP C 280 29.69 -6.11 5.21
C TRP C 280 30.96 -6.95 5.21
N ASP C 281 31.75 -6.89 4.12
CA ASP C 281 33.00 -7.65 3.98
C ASP C 281 34.20 -6.72 4.09
N THR C 282 35.16 -7.05 4.97
CA THR C 282 36.37 -6.24 5.19
C THR C 282 37.61 -6.84 4.47
N ALA C 283 38.76 -6.16 4.59
CA ALA C 283 40.03 -6.59 3.98
C ALA C 283 40.97 -7.29 4.99
N TYR C 284 40.70 -7.15 6.30
CA TYR C 284 41.50 -7.73 7.38
C TYR C 284 41.17 -9.19 7.65
N ASP C 285 42.21 -10.05 7.79
CA ASP C 285 42.09 -11.48 8.09
C ASP C 285 41.81 -11.65 9.59
N LYS C 286 40.82 -12.47 9.95
CA LYS C 286 40.44 -12.68 11.35
C LYS C 286 41.54 -13.33 12.21
N ARG C 287 42.29 -14.33 11.68
CA ARG C 287 43.37 -15.00 12.42
C ARG C 287 44.56 -14.08 12.68
N SER C 288 44.70 -13.01 11.87
CA SER C 288 45.77 -12.02 12.01
C SER C 288 45.37 -11.02 13.09
N ALA C 289 44.06 -10.87 13.34
CA ALA C 289 43.47 -9.99 14.35
C ALA C 289 43.44 -10.65 15.73
N SER C 290 43.69 -9.84 16.78
CA SER C 290 43.68 -10.27 18.18
C SER C 290 42.26 -10.24 18.78
N ASN C 291 41.48 -9.20 18.39
CA ASN C 291 40.07 -8.95 18.75
C ASN C 291 39.50 -7.74 18.00
N ALA C 292 38.17 -7.53 18.11
CA ALA C 292 37.50 -6.42 17.44
C ALA C 292 36.28 -5.92 18.23
N PHE C 293 35.95 -4.63 18.05
CA PHE C 293 34.83 -3.97 18.72
C PHE C 293 34.13 -2.93 17.84
N MET C 294 32.82 -2.73 18.08
CA MET C 294 31.97 -1.80 17.32
C MET C 294 31.63 -0.55 18.14
N ILE C 295 31.72 0.64 17.51
CA ILE C 295 31.36 1.96 18.06
C ILE C 295 30.76 2.76 16.89
N CYS C 296 29.48 3.21 17.02
CA CYS C 296 28.72 4.00 16.03
C CYS C 296 28.56 3.31 14.67
N GLY C 297 28.72 2.00 14.64
CA GLY C 297 28.67 1.22 13.40
C GLY C 297 30.02 1.19 12.70
N ILE C 298 31.10 1.50 13.44
CA ILE C 298 32.47 1.47 12.95
C ILE C 298 33.25 0.35 13.66
N LEU C 299 33.87 -0.53 12.88
CA LEU C 299 34.66 -1.66 13.38
C LEU C 299 36.09 -1.22 13.66
N TYR C 300 36.66 -1.69 14.77
CA TYR C 300 38.03 -1.37 15.17
C TYR C 300 38.77 -2.68 15.37
N VAL C 301 39.77 -2.93 14.52
CA VAL C 301 40.55 -4.16 14.55
C VAL C 301 41.79 -4.02 15.44
N VAL C 302 41.89 -4.88 16.46
CA VAL C 302 43.02 -4.90 17.41
C VAL C 302 44.10 -5.89 16.94
N LYS C 303 45.34 -5.42 16.85
CA LYS C 303 46.49 -6.24 16.47
C LYS C 303 47.44 -6.16 17.67
N SER C 304 47.59 -7.26 18.42
CA SER C 304 48.45 -7.28 19.62
C SER C 304 49.56 -8.31 19.56
N VAL C 305 50.57 -8.17 20.46
CA VAL C 305 51.67 -9.12 20.57
C VAL C 305 51.31 -10.20 21.62
N TYR C 306 51.76 -11.44 21.39
CA TYR C 306 51.45 -12.59 22.25
C TYR C 306 52.68 -13.28 22.82
N GLU C 307 52.50 -14.02 23.93
CA GLU C 307 53.55 -14.85 24.54
C GLU C 307 53.87 -15.90 23.48
N ASP C 308 55.17 -16.11 23.20
CA ASP C 308 55.68 -17.01 22.16
C ASP C 308 55.43 -16.35 20.80
N ASP C 309 56.36 -15.49 20.40
CA ASP C 309 56.32 -14.77 19.14
C ASP C 309 57.74 -14.65 18.61
N ASP C 310 58.11 -15.65 17.78
CA ASP C 310 59.43 -15.81 17.16
C ASP C 310 59.79 -14.63 16.27
N ASN C 311 60.86 -13.89 16.66
CA ASN C 311 61.37 -12.67 15.99
C ASN C 311 60.22 -11.64 15.80
N GLU C 312 59.36 -11.52 16.83
CA GLU C 312 58.19 -10.66 16.81
C GLU C 312 58.11 -9.68 17.96
N ALA C 313 57.68 -8.46 17.63
CA ALA C 313 57.49 -7.33 18.52
C ALA C 313 56.30 -6.49 18.01
N THR C 314 55.91 -6.69 16.73
CA THR C 314 54.81 -5.97 16.08
C THR C 314 53.45 -6.39 16.60
N GLY C 315 52.73 -5.40 17.13
CA GLY C 315 51.41 -5.54 17.73
C GLY C 315 51.01 -4.33 18.54
N ASN C 316 50.16 -4.53 19.57
CA ASN C 316 49.57 -3.55 20.50
C ASN C 316 49.15 -2.23 19.80
N LYS C 317 48.22 -2.36 18.82
CA LYS C 317 47.71 -1.28 17.99
C LYS C 317 46.33 -1.57 17.40
N ILE C 318 45.62 -0.52 16.99
CA ILE C 318 44.37 -0.58 16.22
C ILE C 318 44.88 -0.15 14.84
N ASP C 319 44.95 -1.10 13.89
CA ASP C 319 45.54 -0.80 12.58
C ASP C 319 44.55 -0.75 11.43
N TYR C 320 43.28 -1.09 11.68
CA TYR C 320 42.25 -1.10 10.65
C TYR C 320 40.91 -0.68 11.20
N ILE C 321 40.13 0.05 10.38
CA ILE C 321 38.77 0.52 10.69
C ILE C 321 37.84 0.31 9.51
N TYR C 322 36.58 -0.06 9.78
CA TYR C 322 35.58 -0.26 8.73
C TYR C 322 34.23 0.36 9.10
N ASN C 323 33.78 1.33 8.29
CA ASN C 323 32.50 2.01 8.50
C ASN C 323 31.39 1.28 7.75
N THR C 324 30.23 1.10 8.38
CA THR C 324 29.09 0.39 7.78
C THR C 324 28.21 1.32 6.94
N ASP C 325 27.99 2.56 7.42
CA ASP C 325 27.17 3.57 6.74
C ASP C 325 27.80 4.02 5.43
N GLN C 326 29.13 4.22 5.43
CA GLN C 326 29.90 4.65 4.27
C GLN C 326 30.39 3.48 3.41
N SER C 327 30.52 2.28 4.03
CA SER C 327 31.03 1.04 3.42
C SER C 327 32.47 1.22 2.87
N LYS C 328 33.27 2.02 3.59
CA LYS C 328 34.66 2.35 3.26
C LYS C 328 35.58 2.00 4.43
N ASP C 329 36.83 1.60 4.13
CA ASP C 329 37.83 1.21 5.12
C ASP C 329 39.08 2.08 5.09
N SER C 330 39.77 2.18 6.24
CA SER C 330 41.00 2.97 6.40
C SER C 330 42.01 2.28 7.32
N LEU C 331 43.31 2.58 7.12
CA LEU C 331 44.39 2.04 7.93
C LEU C 331 44.78 3.07 8.98
N VAL C 332 44.56 2.70 10.27
CA VAL C 332 44.85 3.56 11.43
C VAL C 332 46.08 3.07 12.20
N ASP C 333 46.44 3.78 13.29
CA ASP C 333 47.55 3.45 14.16
C ASP C 333 47.30 4.04 15.55
N VAL C 334 46.26 3.51 16.22
CA VAL C 334 45.87 3.92 17.57
C VAL C 334 46.56 2.95 18.56
N PRO C 335 47.48 3.45 19.42
CA PRO C 335 48.17 2.53 20.35
C PRO C 335 47.23 1.88 21.37
N PHE C 336 47.27 0.55 21.42
CA PHE C 336 46.43 -0.26 22.31
C PHE C 336 47.22 -0.81 23.51
N PRO C 337 46.70 -0.68 24.75
CA PRO C 337 47.45 -1.20 25.89
C PRO C 337 47.38 -2.73 25.98
N ASN C 338 48.54 -3.37 26.23
CA ASN C 338 48.71 -4.82 26.33
C ASN C 338 49.85 -5.06 27.32
N SER C 339 49.53 -4.97 28.62
CA SER C 339 50.47 -5.13 29.73
C SER C 339 50.95 -6.59 29.84
N TYR C 340 49.99 -7.52 29.78
CA TYR C 340 50.09 -8.98 29.80
C TYR C 340 49.88 -9.34 28.33
N GLN C 341 50.48 -10.41 27.81
CA GLN C 341 50.45 -10.66 26.37
C GLN C 341 49.15 -11.26 25.77
N TYR C 342 48.57 -12.30 26.40
CA TYR C 342 47.39 -13.02 25.89
C TYR C 342 46.04 -12.24 25.94
N ILE C 343 45.76 -11.39 24.93
CA ILE C 343 44.46 -10.68 24.86
C ILE C 343 43.38 -11.68 24.44
N ALA C 344 42.43 -11.94 25.34
CA ALA C 344 41.34 -12.90 25.14
C ALA C 344 40.06 -12.28 24.60
N ALA C 345 39.58 -11.18 25.21
CA ALA C 345 38.32 -10.53 24.80
C ALA C 345 38.32 -9.02 24.96
N VAL C 346 37.73 -8.31 23.97
CA VAL C 346 37.59 -6.84 23.97
C VAL C 346 36.16 -6.50 23.54
N ASP C 347 35.36 -5.97 24.47
CA ASP C 347 33.97 -5.59 24.24
C ASP C 347 33.74 -4.13 24.61
N TYR C 348 32.94 -3.40 23.81
CA TYR C 348 32.64 -1.99 24.06
C TYR C 348 31.24 -1.83 24.67
N ASN C 349 31.12 -0.98 25.71
CA ASN C 349 29.85 -0.69 26.36
C ASN C 349 29.43 0.75 26.04
N PRO C 350 28.36 0.95 25.23
CA PRO C 350 27.96 2.32 24.86
C PRO C 350 27.45 3.21 26.00
N ARG C 351 27.02 2.61 27.15
CA ARG C 351 26.52 3.37 28.30
C ARG C 351 27.64 4.11 29.03
N ASP C 352 28.79 3.43 29.26
CA ASP C 352 29.94 4.01 29.96
C ASP C 352 31.08 4.46 29.06
N ASN C 353 31.04 4.06 27.77
CA ASN C 353 32.04 4.36 26.74
C ASN C 353 33.45 3.84 27.12
N LEU C 354 33.50 2.61 27.65
CA LEU C 354 34.73 1.93 28.12
C LEU C 354 34.84 0.53 27.51
N LEU C 355 36.07 0.00 27.43
CA LEU C 355 36.32 -1.34 26.92
C LEU C 355 36.42 -2.36 28.05
N TYR C 356 35.77 -3.51 27.88
CA TYR C 356 35.76 -4.63 28.83
C TYR C 356 36.73 -5.69 28.32
N VAL C 357 37.96 -5.66 28.86
CA VAL C 357 39.09 -6.48 28.44
C VAL C 357 39.44 -7.62 29.43
N TRP C 358 39.90 -8.75 28.85
CA TRP C 358 40.41 -9.93 29.54
C TRP C 358 41.75 -10.20 28.87
N ASN C 359 42.85 -10.01 29.60
CA ASN C 359 44.21 -10.13 29.04
C ASN C 359 45.15 -10.95 29.94
N ASN C 360 45.40 -12.21 29.55
CA ASN C 360 46.25 -13.20 30.20
C ASN C 360 45.98 -13.27 31.71
N TYR C 361 44.80 -13.85 32.07
CA TYR C 361 44.28 -14.00 33.45
C TYR C 361 43.71 -12.70 34.05
N HIS C 362 44.16 -11.52 33.57
CA HIS C 362 43.79 -10.21 34.09
C HIS C 362 42.50 -9.64 33.51
N VAL C 363 41.62 -9.18 34.42
CA VAL C 363 40.32 -8.57 34.16
C VAL C 363 40.54 -7.05 34.26
N VAL C 364 40.52 -6.36 33.10
CA VAL C 364 40.77 -4.92 33.04
C VAL C 364 39.70 -4.14 32.25
N LYS C 365 39.54 -2.87 32.64
CA LYS C 365 38.65 -1.87 32.04
C LYS C 365 39.54 -0.81 31.40
N TYR C 366 39.29 -0.43 30.13
CA TYR C 366 40.08 0.57 29.42
C TYR C 366 39.26 1.83 29.15
N SER C 367 39.88 3.02 29.37
CA SER C 367 39.27 4.33 29.12
C SER C 367 39.47 4.75 27.67
N LEU C 368 38.51 5.51 27.12
CA LEU C 368 38.56 5.96 25.73
C LEU C 368 38.58 7.48 25.58
N ASP C 369 39.24 7.95 24.51
CA ASP C 369 39.36 9.36 24.12
C ASP C 369 38.84 9.48 22.70
N PHE C 370 38.02 10.51 22.41
CA PHE C 370 37.42 10.66 21.08
C PHE C 370 37.75 11.98 20.36
N GLY C 371 37.66 11.91 19.03
CA GLY C 371 37.90 13.02 18.12
C GLY C 371 36.84 14.09 18.19
N PRO C 372 37.17 15.34 17.79
CA PRO C 372 36.17 16.43 17.86
C PRO C 372 34.98 16.26 16.91
N LEU C 373 35.15 15.44 15.84
CA LEU C 373 34.11 15.18 14.84
C LEU C 373 34.15 13.72 14.37
N ASP C 374 33.08 13.29 13.69
CA ASP C 374 32.93 11.94 13.13
C ASP C 374 32.45 11.97 11.66
N GLY C 375 31.85 13.11 11.23
CA GLY C 375 31.36 13.30 9.87
C GLY C 375 30.03 12.57 9.66
N LEU D 113 -0.24 9.32 68.29
CA LEU D 113 -0.53 8.23 67.36
C LEU D 113 0.63 7.27 67.14
N CYS D 114 1.88 7.79 67.10
CA CYS D 114 3.10 7.03 66.86
C CYS D 114 3.40 6.01 67.97
N PRO D 115 3.62 4.71 67.66
CA PRO D 115 3.95 3.75 68.73
C PRO D 115 5.41 3.78 69.19
N GLY D 116 6.30 4.32 68.35
CA GLY D 116 7.72 4.43 68.64
C GLY D 116 8.63 3.87 67.55
N LEU D 117 9.88 3.57 67.92
CA LEU D 117 10.90 3.02 67.01
C LEU D 117 10.80 1.50 66.94
N LEU D 118 10.97 0.91 65.73
CA LEU D 118 10.89 -0.54 65.52
C LEU D 118 12.09 -1.28 66.11
N LYS D 119 11.83 -2.38 66.84
CA LYS D 119 12.83 -3.23 67.50
C LYS D 119 13.02 -4.57 66.79
N GLY D 120 11.91 -5.22 66.46
CA GLY D 120 11.92 -6.52 65.79
C GLY D 120 10.64 -6.87 65.05
N VAL D 121 10.80 -7.60 63.92
CA VAL D 121 9.71 -8.08 63.06
C VAL D 121 9.59 -9.59 63.28
N TYR D 122 8.36 -10.09 63.54
CA TYR D 122 8.10 -11.50 63.83
C TYR D 122 6.89 -12.02 63.07
N GLN D 123 6.83 -13.35 62.85
CA GLN D 123 5.74 -14.02 62.13
C GLN D 123 4.47 -14.00 62.97
N SER D 124 3.32 -13.67 62.35
CA SER D 124 2.04 -13.59 63.05
C SER D 124 0.96 -14.52 62.48
N GLU D 125 0.54 -14.28 61.22
CA GLU D 125 -0.53 -15.06 60.57
C GLU D 125 -0.16 -15.56 59.18
N HIS D 126 -0.67 -16.75 58.81
CA HIS D 126 -0.54 -17.34 57.48
C HIS D 126 -1.95 -17.63 57.00
N LEU D 127 -2.41 -16.86 56.01
CA LEU D 127 -3.76 -16.99 55.46
C LEU D 127 -3.90 -18.15 54.48
N PHE D 128 -3.23 -18.06 53.32
CA PHE D 128 -3.28 -19.09 52.28
C PHE D 128 -2.08 -19.03 51.33
N GLU D 129 -2.07 -19.92 50.32
CA GLU D 129 -1.05 -20.02 49.29
C GLU D 129 -1.70 -19.66 47.93
N SER D 130 -1.45 -18.42 47.46
CA SER D 130 -1.99 -17.92 46.19
C SER D 130 -1.31 -18.58 44.97
N ASP D 131 -1.98 -18.56 43.81
CA ASP D 131 -1.49 -19.12 42.55
C ASP D 131 -0.34 -18.33 41.92
N HIS D 132 -0.18 -17.05 42.28
CA HIS D 132 0.86 -16.15 41.76
C HIS D 132 2.05 -16.03 42.71
N GLN D 133 3.27 -16.02 42.14
CA GLN D 133 4.55 -15.91 42.85
C GLN D 133 4.83 -14.49 43.38
N SER D 134 4.09 -13.49 42.87
CA SER D 134 4.25 -12.09 43.29
C SER D 134 2.91 -11.35 43.35
N GLY D 135 2.86 -10.31 44.17
CA GLY D 135 1.69 -9.47 44.39
C GLY D 135 1.75 -8.69 45.68
N ALA D 136 0.61 -8.08 46.08
CA ALA D 136 0.48 -7.32 47.32
C ALA D 136 -0.95 -7.32 47.83
N TRP D 137 -1.13 -7.14 49.15
CA TRP D 137 -2.43 -7.09 49.82
C TRP D 137 -2.39 -6.11 50.99
N CYS D 138 -3.48 -5.34 51.21
CA CYS D 138 -3.60 -4.36 52.29
C CYS D 138 -5.05 -4.02 52.64
N LYS D 139 -5.23 -3.42 53.82
CA LYS D 139 -6.51 -2.94 54.35
C LYS D 139 -6.46 -1.42 54.45
N ASP D 140 -7.62 -0.74 54.32
CA ASP D 140 -7.70 0.72 54.42
C ASP D 140 -7.61 1.12 55.91
N PRO D 141 -6.53 1.82 56.34
CA PRO D 141 -6.39 2.15 57.77
C PRO D 141 -7.26 3.30 58.25
N LEU D 142 -7.75 4.16 57.34
CA LEU D 142 -8.59 5.30 57.67
C LEU D 142 -10.02 4.87 57.96
N GLN D 143 -10.60 4.01 57.10
CA GLN D 143 -11.96 3.51 57.27
C GLN D 143 -11.99 2.31 58.20
N ALA D 144 -12.79 2.39 59.27
CA ALA D 144 -12.95 1.33 60.28
C ALA D 144 -13.80 0.19 59.70
N SER D 145 -13.16 -0.66 58.88
CA SER D 145 -13.79 -1.81 58.22
C SER D 145 -12.81 -2.97 58.06
N ASP D 146 -13.34 -4.20 58.06
CA ASP D 146 -12.57 -5.44 57.92
C ASP D 146 -12.40 -5.87 56.45
N LYS D 147 -12.47 -4.90 55.51
CA LYS D 147 -12.33 -5.10 54.07
C LYS D 147 -10.87 -5.34 53.67
N ILE D 148 -10.61 -6.39 52.87
CA ILE D 148 -9.27 -6.74 52.38
C ILE D 148 -9.18 -6.54 50.87
N TYR D 149 -8.18 -5.77 50.44
CA TYR D 149 -7.91 -5.46 49.03
C TYR D 149 -6.74 -6.32 48.56
N TYR D 150 -7.04 -7.23 47.61
CA TYR D 150 -6.11 -8.22 47.06
C TYR D 150 -5.64 -7.83 45.66
N MET D 151 -4.32 -8.01 45.39
CA MET D 151 -3.71 -7.66 44.10
C MET D 151 -2.74 -8.74 43.57
N PRO D 152 -3.17 -9.62 42.62
CA PRO D 152 -2.23 -10.59 42.06
C PRO D 152 -1.38 -9.95 40.96
N TRP D 153 -0.05 -10.14 41.01
CA TRP D 153 0.83 -9.53 40.02
C TRP D 153 1.12 -10.44 38.82
N THR D 154 0.76 -9.94 37.63
CA THR D 154 0.95 -10.58 36.33
C THR D 154 1.67 -9.58 35.40
N PRO D 155 2.85 -9.93 34.83
CA PRO D 155 3.56 -8.96 33.99
C PRO D 155 2.80 -8.54 32.72
N TYR D 156 2.70 -7.21 32.49
CA TYR D 156 2.01 -6.57 31.35
C TYR D 156 0.51 -6.94 31.24
N ARG D 157 -0.10 -7.38 32.36
CA ARG D 157 -1.50 -7.82 32.40
C ARG D 157 -2.28 -7.42 33.67
N THR D 158 -1.62 -6.76 34.65
CA THR D 158 -2.22 -6.32 35.91
C THR D 158 -3.17 -5.13 35.66
N ASP D 159 -4.50 -5.33 35.85
CA ASP D 159 -5.51 -4.29 35.62
C ASP D 159 -6.79 -4.45 36.48
N THR D 160 -6.80 -5.35 37.48
CA THR D 160 -7.96 -5.59 38.35
C THR D 160 -7.62 -5.69 39.83
N LEU D 161 -8.53 -5.15 40.69
CA LEU D 161 -8.44 -5.17 42.16
C LEU D 161 -9.60 -5.99 42.72
N THR D 162 -9.29 -6.91 43.66
CA THR D 162 -10.30 -7.79 44.29
C THR D 162 -10.58 -7.37 45.76
N GLU D 163 -11.86 -7.07 46.08
CA GLU D 163 -12.30 -6.68 47.42
C GLU D 163 -12.97 -7.86 48.13
N TYR D 164 -12.60 -8.08 49.40
CA TYR D 164 -13.14 -9.15 50.26
C TYR D 164 -13.82 -8.56 51.48
N SER D 165 -14.98 -9.12 51.87
CA SER D 165 -15.78 -8.64 52.99
C SER D 165 -15.11 -8.81 54.36
N SER D 166 -14.44 -9.95 54.60
CA SER D 166 -13.75 -10.25 55.86
C SER D 166 -12.54 -11.17 55.68
N LYS D 167 -11.80 -11.43 56.79
CA LYS D 167 -10.61 -12.29 56.85
C LYS D 167 -10.98 -13.73 56.48
N ASP D 168 -12.14 -14.22 56.98
CA ASP D 168 -12.67 -15.56 56.74
C ASP D 168 -12.97 -15.80 55.26
N ASP D 169 -13.51 -14.77 54.57
CA ASP D 169 -13.83 -14.81 53.15
C ASP D 169 -12.58 -14.78 52.28
N PHE D 170 -11.52 -14.09 52.76
CA PHE D 170 -10.24 -13.98 52.06
C PHE D 170 -9.51 -15.32 51.98
N ILE D 171 -9.53 -16.10 53.08
CA ILE D 171 -8.91 -17.42 53.17
C ILE D 171 -9.71 -18.41 52.32
N ALA D 172 -11.06 -18.40 52.47
CA ALA D 172 -11.98 -19.26 51.74
C ALA D 172 -12.09 -18.93 50.23
N GLY D 173 -11.63 -17.74 49.85
CA GLY D 173 -11.66 -17.28 48.47
C GLY D 173 -13.04 -16.90 47.99
N ARG D 174 -13.77 -16.12 48.82
CA ARG D 174 -15.12 -15.63 48.55
C ARG D 174 -15.07 -14.11 48.38
N PRO D 175 -14.91 -13.60 47.12
CA PRO D 175 -14.81 -12.15 46.92
C PRO D 175 -16.16 -11.43 46.91
N THR D 176 -16.15 -10.16 47.33
CA THR D 176 -17.32 -9.29 47.36
C THR D 176 -17.52 -8.65 45.98
N THR D 177 -16.49 -7.92 45.49
CA THR D 177 -16.49 -7.24 44.20
C THR D 177 -15.08 -7.05 43.62
N THR D 178 -14.99 -6.98 42.28
CA THR D 178 -13.75 -6.78 41.53
C THR D 178 -13.84 -5.47 40.73
N TYR D 179 -12.84 -4.59 40.92
CA TYR D 179 -12.76 -3.29 40.27
C TYR D 179 -11.96 -3.38 38.96
N LYS D 180 -12.52 -2.82 37.87
CA LYS D 180 -11.83 -2.79 36.58
C LYS D 180 -11.14 -1.44 36.45
N LEU D 181 -9.81 -1.45 36.62
CA LEU D 181 -8.95 -0.26 36.61
C LEU D 181 -8.81 0.39 35.22
N PRO D 182 -8.71 1.74 35.14
CA PRO D 182 -8.59 2.39 33.82
C PRO D 182 -7.28 2.12 33.08
N HIS D 183 -6.16 1.95 33.82
CA HIS D 183 -4.84 1.72 33.25
C HIS D 183 -4.13 0.52 33.89
N ARG D 184 -3.13 -0.04 33.16
CA ARG D 184 -2.32 -1.18 33.61
C ARG D 184 -1.42 -0.76 34.78
N VAL D 185 -1.28 -1.62 35.78
CA VAL D 185 -0.48 -1.34 36.98
C VAL D 185 0.94 -1.90 36.85
N ASP D 186 1.93 -1.12 37.31
CA ASP D 186 3.35 -1.48 37.30
C ASP D 186 3.86 -1.68 38.74
N GLY D 187 4.43 -2.86 39.00
CA GLY D 187 4.99 -3.20 40.30
C GLY D 187 4.00 -3.67 41.35
N THR D 188 4.48 -3.86 42.59
CA THR D 188 3.70 -4.32 43.73
C THR D 188 3.49 -3.24 44.82
N GLY D 189 3.52 -1.97 44.40
CA GLY D 189 3.33 -0.82 45.27
C GLY D 189 1.89 -0.36 45.38
N PHE D 190 0.97 -1.30 45.68
CA PHE D 190 -0.46 -1.03 45.81
C PHE D 190 -0.79 -0.54 47.21
N VAL D 191 -1.56 0.56 47.30
CA VAL D 191 -1.96 1.14 48.59
C VAL D 191 -3.38 1.74 48.52
N VAL D 192 -4.13 1.64 49.64
CA VAL D 192 -5.49 2.13 49.77
C VAL D 192 -5.50 3.25 50.83
N TYR D 193 -6.09 4.41 50.49
CA TYR D 193 -6.16 5.56 51.40
C TYR D 193 -7.54 6.23 51.33
N ASP D 194 -8.35 6.04 52.40
CA ASP D 194 -9.70 6.59 52.60
C ASP D 194 -10.65 6.37 51.39
N GLY D 195 -10.93 5.09 51.11
CA GLY D 195 -11.82 4.66 50.03
C GLY D 195 -11.37 4.97 48.62
N ALA D 196 -10.07 5.22 48.44
CA ALA D 196 -9.46 5.52 47.13
C ALA D 196 -8.19 4.70 46.94
N LEU D 197 -8.02 4.11 45.74
CA LEU D 197 -6.86 3.30 45.40
C LEU D 197 -5.78 4.13 44.74
N PHE D 198 -4.54 3.97 45.22
CA PHE D 198 -3.36 4.67 44.75
C PHE D 198 -2.43 3.66 44.09
N PHE D 199 -2.22 3.80 42.76
CA PHE D 199 -1.40 2.89 41.98
C PHE D 199 -0.47 3.58 40.97
N ASN D 200 0.60 2.87 40.56
CA ASN D 200 1.58 3.34 39.58
C ASN D 200 1.15 2.84 38.20
N LYS D 201 0.94 3.77 37.26
CA LYS D 201 0.51 3.46 35.89
C LYS D 201 1.71 2.93 35.09
N GLU D 202 1.48 1.84 34.33
CA GLU D 202 2.49 1.15 33.50
C GLU D 202 3.19 2.10 32.51
N ARG D 203 4.53 1.97 32.41
CA ARG D 203 5.43 2.76 31.54
C ARG D 203 5.38 4.28 31.80
N THR D 204 5.09 4.68 33.06
CA THR D 204 5.02 6.08 33.50
C THR D 204 5.41 6.26 34.97
N ARG D 205 5.95 7.45 35.30
CA ARG D 205 6.31 7.90 36.66
C ARG D 205 5.09 8.60 37.30
N ASN D 206 3.89 8.19 36.85
CA ASN D 206 2.58 8.69 37.27
C ASN D 206 1.79 7.56 37.94
N ILE D 207 1.39 8.94 40.57
CA ILE D 207 0.40 8.07 41.18
C ILE D 207 -0.99 8.37 40.58
N VAL D 208 -1.80 7.31 40.36
CA VAL D 208 -3.17 7.43 39.83
C VAL D 208 -4.17 7.20 40.97
N LYS D 209 -5.11 8.14 41.17
CA LYS D 209 -6.13 8.08 42.23
C LYS D 209 -7.45 7.58 41.64
N PHE D 210 -8.00 6.51 42.23
CA PHE D 210 -9.24 5.88 41.79
C PHE D 210 -10.19 5.66 42.96
N ASP D 211 -11.29 6.44 43.03
CA ASP D 211 -12.29 6.31 44.09
C ASP D 211 -13.12 5.05 43.88
N LEU D 212 -13.09 4.14 44.87
CA LEU D 212 -13.77 2.85 44.84
C LEU D 212 -15.29 2.97 44.89
N ARG D 213 -15.80 4.01 45.58
CA ARG D 213 -17.23 4.27 45.73
C ARG D 213 -17.83 4.68 44.37
N THR D 214 -17.28 5.72 43.72
CA THR D 214 -17.75 6.24 42.43
C THR D 214 -17.29 5.40 41.24
N ARG D 215 -16.22 4.58 41.44
CA ARG D 215 -15.59 3.70 40.43
C ARG D 215 -15.02 4.49 39.23
N ILE D 216 -14.57 5.73 39.49
CA ILE D 216 -13.98 6.62 38.48
C ILE D 216 -12.64 7.20 38.96
N LYS D 217 -11.74 7.51 38.00
CA LYS D 217 -10.44 8.12 38.27
C LYS D 217 -10.65 9.58 38.68
N SER D 218 -10.06 9.98 39.81
CA SER D 218 -10.17 11.34 40.32
C SER D 218 -8.95 12.21 40.06
N GLY D 219 -7.80 11.59 39.81
CA GLY D 219 -6.55 12.31 39.54
C GLY D 219 -5.37 11.46 39.11
N GLU D 220 -4.34 12.15 38.58
CA GLU D 220 -3.09 11.55 38.11
C GLU D 220 -1.94 12.54 38.38
N ALA D 221 -1.00 12.15 39.26
CA ALA D 221 0.15 12.97 39.67
C ALA D 221 1.47 12.46 39.08
N ILE D 222 2.34 13.39 38.64
CA ILE D 222 3.64 13.06 38.07
C ILE D 222 4.71 13.20 39.17
N ILE D 223 5.37 12.08 39.52
CA ILE D 223 6.43 12.06 40.53
C ILE D 223 7.72 12.46 39.78
N ALA D 224 8.15 13.72 39.96
CA ALA D 224 9.30 14.33 39.30
C ALA D 224 10.62 13.57 39.42
N ASN D 225 11.31 13.38 38.27
CA ASN D 225 12.62 12.73 38.09
C ASN D 225 12.69 11.24 38.50
N ALA D 226 11.55 10.66 38.91
CA ALA D 226 11.43 9.26 39.35
C ALA D 226 11.70 8.27 38.21
N ASN D 227 12.50 7.23 38.48
CA ASN D 227 12.81 6.16 37.53
C ASN D 227 11.63 5.20 37.49
N TYR D 228 11.22 4.76 36.29
CA TYR D 228 10.06 3.88 36.10
C TYR D 228 10.28 2.74 35.09
N HIS D 229 9.46 1.67 35.20
CA HIS D 229 9.41 0.47 34.34
C HIS D 229 10.75 -0.29 34.26
N ASP D 230 11.07 -1.05 35.33
CA ASP D 230 12.26 -1.88 35.53
C ASP D 230 13.61 -1.12 35.44
N THR D 231 13.59 0.22 35.59
CA THR D 231 14.79 1.07 35.57
C THR D 231 15.48 0.98 36.94
N SER D 232 14.73 1.30 38.01
CA SER D 232 15.23 1.23 39.38
C SER D 232 14.21 0.50 40.31
N PRO D 233 13.95 -0.81 40.11
CA PRO D 233 13.00 -1.51 40.99
C PRO D 233 13.73 -2.14 42.18
N TYR D 234 13.05 -3.03 42.93
CA TYR D 234 13.66 -3.73 44.05
C TYR D 234 14.55 -4.88 43.52
N ARG D 235 15.24 -5.61 44.44
CA ARG D 235 16.16 -6.70 44.12
C ARG D 235 15.58 -7.73 43.11
N TRP D 236 14.28 -8.09 43.28
CA TRP D 236 13.58 -9.05 42.40
C TRP D 236 13.03 -8.43 41.11
N GLY D 237 13.10 -7.10 41.00
CA GLY D 237 12.62 -6.36 39.84
C GLY D 237 11.11 -6.28 39.81
N GLY D 238 10.54 -6.79 38.72
CA GLY D 238 9.10 -6.84 38.48
C GLY D 238 8.41 -5.49 38.43
N LYS D 239 9.08 -4.49 37.81
CA LYS D 239 8.61 -3.10 37.63
C LYS D 239 8.24 -2.39 38.95
N SER D 240 8.87 -2.81 40.06
CA SER D 240 8.65 -2.26 41.40
C SER D 240 9.46 -0.97 41.64
N ASP D 241 9.56 -0.13 40.60
CA ASP D 241 10.25 1.16 40.58
C ASP D 241 9.65 2.18 41.54
N ILE D 242 8.32 2.21 41.65
CA ILE D 242 7.60 3.12 42.53
C ILE D 242 6.73 2.34 43.52
N ASP D 243 6.98 2.52 44.84
CA ASP D 243 6.26 1.85 45.92
C ASP D 243 5.61 2.87 46.86
N LEU D 244 4.29 2.75 47.08
CA LEU D 244 3.51 3.65 47.94
C LEU D 244 3.46 3.13 49.37
N ALA D 245 3.43 4.06 50.35
CA ALA D 245 3.36 3.73 51.78
C ALA D 245 2.39 4.61 52.55
N VAL D 246 1.78 4.04 53.61
CA VAL D 246 0.84 4.72 54.50
C VAL D 246 1.32 4.54 55.95
N ASP D 247 1.39 5.64 56.71
CA ASP D 247 1.80 5.64 58.12
C ASP D 247 1.02 6.67 58.95
N GLU D 248 1.56 7.02 60.13
CA GLU D 248 1.00 8.00 61.07
C GLU D 248 1.07 9.42 60.48
N ASN D 249 2.14 9.71 59.70
CA ASN D 249 2.37 11.01 59.07
C ASN D 249 1.49 11.27 57.84
N GLY D 250 1.03 10.20 57.20
CA GLY D 250 0.17 10.29 56.01
C GLY D 250 0.59 9.39 54.86
N LEU D 251 0.42 9.90 53.62
CA LEU D 251 0.74 9.18 52.39
C LEU D 251 2.18 9.47 51.94
N TRP D 252 2.91 8.41 51.54
CA TRP D 252 4.31 8.50 51.12
C TRP D 252 4.60 7.79 49.81
N VAL D 253 5.65 8.25 49.09
CA VAL D 253 6.10 7.67 47.82
C VAL D 253 7.60 7.31 47.91
N ILE D 254 7.89 6.01 47.88
CA ILE D 254 9.25 5.46 47.92
C ILE D 254 9.65 5.15 46.47
N TYR D 255 10.69 5.85 45.97
CA TYR D 255 11.16 5.69 44.59
C TYR D 255 12.68 5.93 44.50
N ALA D 256 13.20 6.19 43.28
CA ALA D 256 14.62 6.47 43.03
C ALA D 256 14.77 7.40 41.83
N THR D 257 15.77 8.30 41.89
CA THR D 257 16.09 9.26 40.83
C THR D 257 17.52 9.04 40.35
N GLU D 258 17.82 9.47 39.11
CA GLU D 258 19.17 9.38 38.55
C GLU D 258 20.07 10.49 39.16
N GLN D 259 19.43 11.53 39.73
CA GLN D 259 20.06 12.67 40.41
C GLN D 259 20.70 12.19 41.71
N ASN D 260 20.07 11.20 42.37
CA ASN D 260 20.55 10.58 43.61
C ASN D 260 21.39 9.32 43.29
N ASN D 261 21.65 9.06 41.99
CA ASN D 261 22.42 7.94 41.45
C ASN D 261 21.84 6.57 41.83
N GLY D 262 20.56 6.38 41.53
CA GLY D 262 19.83 5.14 41.80
C GLY D 262 19.44 4.90 43.24
N LYS D 263 19.90 5.78 44.17
CA LYS D 263 19.60 5.67 45.59
C LYS D 263 18.12 6.04 45.88
N ILE D 264 17.56 5.48 46.97
CA ILE D 264 16.17 5.67 47.37
C ILE D 264 15.84 7.14 47.70
N VAL D 265 14.77 7.65 47.08
CA VAL D 265 14.26 9.01 47.27
C VAL D 265 12.84 8.89 47.82
N ILE D 266 12.60 9.44 49.02
CA ILE D 266 11.28 9.39 49.66
C ILE D 266 10.61 10.76 49.65
N SER D 267 9.34 10.80 49.21
CA SER D 267 8.56 12.03 49.10
C SER D 267 7.16 11.88 49.65
N GLN D 268 6.72 12.86 50.48
CA GLN D 268 5.37 12.86 51.02
C GLN D 268 4.42 13.41 49.97
N LEU D 269 3.32 12.69 49.73
CA LEU D 269 2.31 13.07 48.75
C LEU D 269 0.99 13.39 49.44
N ASN D 270 0.32 14.47 49.00
CA ASN D 270 -0.98 14.88 49.53
C ASN D 270 -2.05 13.99 48.88
N PRO D 271 -2.92 13.30 49.66
CA PRO D 271 -3.92 12.41 49.05
C PRO D 271 -5.08 13.11 48.34
N TYR D 272 -5.18 14.44 48.48
CA TYR D 272 -6.26 15.23 47.88
C TYR D 272 -5.78 15.99 46.65
N THR D 273 -4.79 16.89 46.83
CA THR D 273 -4.22 17.72 45.75
C THR D 273 -3.30 16.94 44.81
N LEU D 274 -2.73 15.80 45.27
CA LEU D 274 -1.79 14.94 44.54
C LEU D 274 -0.52 15.72 44.13
N ARG D 275 0.15 16.30 45.14
CA ARG D 275 1.36 17.09 44.96
C ARG D 275 2.43 16.71 45.99
N ILE D 276 3.71 16.91 45.65
CA ILE D 276 4.85 16.61 46.53
C ILE D 276 4.97 17.69 47.62
N GLU D 277 4.81 17.27 48.88
CA GLU D 277 4.90 18.13 50.07
C GLU D 277 6.24 17.94 50.82
N GLY D 278 7.29 17.62 50.07
CA GLY D 278 8.63 17.40 50.61
C GLY D 278 9.34 16.22 49.97
N THR D 279 10.66 16.35 49.76
CA THR D 279 11.51 15.33 49.14
C THR D 279 12.77 15.09 49.99
N TRP D 280 13.14 13.80 50.17
CA TRP D 280 14.31 13.38 50.95
C TRP D 280 15.13 12.37 50.15
N ASP D 281 16.48 12.54 50.14
CA ASP D 281 17.40 11.65 49.43
C ASP D 281 18.19 10.80 50.42
N THR D 282 18.18 9.46 50.22
CA THR D 282 18.89 8.51 51.11
C THR D 282 20.22 8.04 50.49
N ALA D 283 20.96 7.20 51.24
CA ALA D 283 22.26 6.65 50.81
C ALA D 283 22.16 5.22 50.27
N TYR D 284 21.02 4.53 50.51
CA TYR D 284 20.77 3.15 50.09
C TYR D 284 20.29 3.06 48.63
N ASP D 285 20.87 2.12 47.85
CA ASP D 285 20.51 1.86 46.45
C ASP D 285 19.23 1.01 46.42
N LYS D 286 18.24 1.40 45.59
CA LYS D 286 16.95 0.72 45.48
C LYS D 286 17.04 -0.74 45.00
N ARG D 287 17.91 -1.03 44.00
CA ARG D 287 18.11 -2.38 43.45
C ARG D 287 18.79 -3.33 44.44
N SER D 288 19.53 -2.77 45.42
CA SER D 288 20.21 -3.55 46.45
C SER D 288 19.22 -3.93 47.56
N ALA D 289 18.12 -3.15 47.69
CA ALA D 289 17.05 -3.37 48.66
C ALA D 289 16.01 -4.36 48.14
N SER D 290 15.32 -5.06 49.06
CA SER D 290 14.29 -6.05 48.76
C SER D 290 12.88 -5.42 48.81
N ASN D 291 12.64 -4.54 49.81
CA ASN D 291 11.41 -3.77 50.04
C ASN D 291 11.60 -2.70 51.12
N ALA D 292 10.66 -1.73 51.20
CA ALA D 292 10.70 -0.64 52.18
C ALA D 292 9.32 -0.26 52.71
N PHE D 293 9.27 0.25 53.96
CA PHE D 293 8.04 0.68 54.62
C PHE D 293 8.24 1.90 55.53
N MET D 294 7.18 2.71 55.68
CA MET D 294 7.18 3.93 56.50
C MET D 294 6.39 3.76 57.80
N ILE D 295 6.97 4.23 58.93
CA ILE D 295 6.38 4.25 60.27
C ILE D 295 6.84 5.56 60.93
N CYS D 296 5.89 6.44 61.34
CA CYS D 296 6.13 7.75 61.98
C CYS D 296 7.05 8.68 61.18
N GLY D 297 7.06 8.53 59.86
CA GLY D 297 7.90 9.31 58.97
C GLY D 297 9.33 8.80 58.93
N ILE D 298 9.54 7.53 59.35
CA ILE D 298 10.84 6.86 59.35
C ILE D 298 10.80 5.70 58.34
N LEU D 299 11.78 5.69 57.42
CA LEU D 299 11.91 4.67 56.39
C LEU D 299 12.70 3.48 56.93
N TYR D 300 12.25 2.26 56.59
CA TYR D 300 12.90 1.02 57.02
C TYR D 300 13.23 0.22 55.76
N VAL D 301 14.54 0.03 55.48
CA VAL D 301 15.02 -0.68 54.30
C VAL D 301 15.33 -2.15 54.60
N VAL D 302 14.61 -3.07 53.94
CA VAL D 302 14.75 -4.52 54.10
C VAL D 302 15.71 -5.09 53.04
N LYS D 303 16.72 -5.85 53.51
CA LYS D 303 17.73 -6.52 52.69
C LYS D 303 17.53 -8.03 52.89
N SER D 304 17.16 -8.76 51.80
CA SER D 304 16.89 -10.19 51.89
C SER D 304 17.49 -11.05 50.76
N VAL D 305 17.59 -12.38 51.00
CA VAL D 305 18.09 -13.42 50.09
C VAL D 305 16.91 -14.03 49.33
N TYR D 306 17.03 -14.10 47.98
CA TYR D 306 16.00 -14.62 47.09
C TYR D 306 16.27 -16.04 46.55
N GLU D 307 15.24 -16.59 45.87
CA GLU D 307 15.21 -17.89 45.20
C GLU D 307 16.22 -17.88 44.05
N ASP D 308 16.62 -19.07 43.55
CA ASP D 308 17.58 -19.32 42.45
C ASP D 308 18.96 -18.61 42.64
N ASP D 309 19.19 -18.00 43.82
CA ASP D 309 20.46 -17.36 44.19
C ASP D 309 21.18 -18.33 45.13
N ASP D 310 21.39 -19.58 44.67
CA ASP D 310 21.99 -20.69 45.41
C ASP D 310 23.43 -20.42 45.94
N ASN D 311 24.03 -19.28 45.54
CA ASN D 311 25.35 -18.85 45.99
C ASN D 311 25.21 -18.19 47.38
N GLU D 312 24.10 -17.44 47.57
CA GLU D 312 23.76 -16.69 48.78
C GLU D 312 23.42 -17.57 49.99
N ALA D 313 23.83 -17.11 51.17
CA ALA D 313 23.60 -17.77 52.46
C ALA D 313 23.42 -16.72 53.58
N THR D 314 23.71 -15.42 53.27
CA THR D 314 23.62 -14.27 54.18
C THR D 314 22.26 -14.12 54.86
N GLY D 315 22.28 -13.58 56.09
CA GLY D 315 21.09 -13.32 56.90
C GLY D 315 20.26 -12.18 56.35
N ASN D 316 18.93 -12.31 56.44
CA ASN D 316 17.98 -11.31 55.96
C ASN D 316 17.59 -10.39 57.11
N LYS D 317 18.12 -9.14 57.09
CA LYS D 317 17.92 -8.13 58.14
C LYS D 317 17.68 -6.74 57.56
N ILE D 318 17.09 -5.84 58.38
CA ILE D 318 16.88 -4.43 58.05
C ILE D 318 18.20 -3.74 58.40
N ASP D 319 18.92 -3.22 57.37
CA ASP D 319 20.24 -2.61 57.59
C ASP D 319 20.28 -1.08 57.43
N TYR D 320 19.14 -0.40 57.18
CA TYR D 320 19.12 1.06 57.00
C TYR D 320 17.81 1.69 57.43
N ILE D 321 17.91 2.89 58.04
CA ILE D 321 16.78 3.72 58.48
C ILE D 321 17.00 5.18 58.11
N TYR D 322 15.92 5.89 57.75
CA TYR D 322 15.99 7.32 57.41
C TYR D 322 14.82 8.06 58.05
N ASN D 323 15.13 9.08 58.87
CA ASN D 323 14.12 9.92 59.51
C ASN D 323 13.88 11.17 58.64
N THR D 324 12.62 11.57 58.46
CA THR D 324 12.25 12.73 57.64
C THR D 324 12.29 14.04 58.44
N ASP D 325 11.83 14.01 59.70
CA ASP D 325 11.79 15.16 60.61
C ASP D 325 13.20 15.63 60.97
N GLN D 326 14.12 14.69 61.24
CA GLN D 326 15.51 14.96 61.60
C GLN D 326 16.43 15.06 60.38
N SER D 327 16.03 14.44 59.25
CA SER D 327 16.78 14.36 57.98
C SER D 327 18.16 13.70 58.17
N LYS D 328 18.22 12.70 59.07
CA LYS D 328 19.42 11.95 59.44
C LYS D 328 19.19 10.44 59.23
N ASP D 329 20.25 9.72 58.84
CA ASP D 329 20.20 8.28 58.58
C ASP D 329 21.12 7.47 59.49
N SER D 330 20.76 6.20 59.73
CA SER D 330 21.53 5.27 60.58
C SER D 330 21.53 3.85 60.02
N LEU D 331 22.58 3.09 60.34
CA LEU D 331 22.72 1.69 59.94
C LEU D 331 22.27 0.78 61.08
N VAL D 332 21.18 0.04 60.85
CA VAL D 332 20.58 -0.87 61.84
C VAL D 332 20.86 -2.35 61.51
N ASP D 333 20.33 -3.27 62.35
CA ASP D 333 20.47 -4.71 62.18
C ASP D 333 19.29 -5.43 62.86
N VAL D 334 18.08 -5.18 62.33
CA VAL D 334 16.84 -5.75 62.84
C VAL D 334 16.52 -7.02 62.03
N PRO D 335 16.52 -8.22 62.66
CA PRO D 335 16.25 -9.46 61.89
C PRO D 335 14.85 -9.52 61.28
N PHE D 336 14.80 -9.74 59.96
CA PHE D 336 13.54 -9.82 59.21
C PHE D 336 13.20 -11.29 58.89
N PRO D 337 11.95 -11.75 59.18
CA PRO D 337 11.61 -13.15 58.90
C PRO D 337 11.37 -13.45 57.43
N ASN D 338 11.89 -14.61 56.98
CA ASN D 338 11.79 -15.08 55.60
C ASN D 338 11.67 -16.62 55.52
N SER D 339 10.45 -17.13 55.74
CA SER D 339 10.13 -18.56 55.65
C SER D 339 10.38 -19.07 54.21
N TYR D 340 10.03 -18.26 53.21
CA TYR D 340 10.20 -18.52 51.79
C TYR D 340 11.32 -17.57 51.27
N GLN D 341 11.58 -17.52 49.96
CA GLN D 341 12.67 -16.67 49.48
C GLN D 341 12.25 -15.49 48.59
N TYR D 342 11.10 -15.59 47.88
CA TYR D 342 10.64 -14.54 46.97
C TYR D 342 9.75 -13.46 47.64
N ILE D 343 10.38 -12.54 48.41
CA ILE D 343 9.68 -11.43 49.09
C ILE D 343 9.24 -10.38 48.04
N ALA D 344 7.93 -10.35 47.73
CA ALA D 344 7.34 -9.47 46.73
C ALA D 344 7.07 -8.03 47.21
N ALA D 345 6.24 -7.86 48.26
CA ALA D 345 5.90 -6.53 48.81
C ALA D 345 5.75 -6.53 50.32
N VAL D 346 6.10 -5.40 50.97
CA VAL D 346 6.02 -5.20 52.41
C VAL D 346 5.37 -3.82 52.65
N ASP D 347 4.14 -3.82 53.22
CA ASP D 347 3.38 -2.61 53.51
C ASP D 347 2.98 -2.55 54.98
N TYR D 348 3.06 -1.35 55.59
CA TYR D 348 2.69 -1.14 57.00
C TYR D 348 1.31 -0.50 57.14
N ASN D 349 0.51 -1.01 58.09
CA ASN D 349 -0.83 -0.50 58.38
C ASN D 349 -0.83 0.17 59.77
N PRO D 350 -0.97 1.50 59.84
CA PRO D 350 -0.92 2.19 61.15
C PRO D 350 -2.07 1.90 62.12
N ARG D 351 -3.23 1.40 61.64
CA ARG D 351 -4.39 1.08 62.49
C ARG D 351 -4.14 -0.16 63.35
N ASP D 352 -3.58 -1.24 62.77
CA ASP D 352 -3.31 -2.50 63.47
C ASP D 352 -1.83 -2.70 63.86
N ASN D 353 -0.92 -1.83 63.33
CA ASN D 353 0.54 -1.85 63.56
C ASN D 353 1.19 -3.18 63.15
N LEU D 354 0.75 -3.72 61.99
CA LEU D 354 1.22 -4.98 61.43
C LEU D 354 1.69 -4.81 59.98
N LEU D 355 2.59 -5.72 59.52
CA LEU D 355 3.13 -5.73 58.16
C LEU D 355 2.37 -6.71 57.27
N TYR D 356 2.00 -6.23 56.07
CA TYR D 356 1.26 -6.99 55.05
C TYR D 356 2.26 -7.49 54.01
N VAL D 357 2.94 -8.59 54.35
CA VAL D 357 4.01 -9.21 53.57
C VAL D 357 3.52 -10.31 52.61
N TRP D 358 4.03 -10.30 51.37
CA TRP D 358 3.74 -11.30 50.35
C TRP D 358 5.06 -12.01 50.03
N ASN D 359 5.27 -13.22 50.60
CA ASN D 359 6.48 -14.01 50.39
C ASN D 359 6.18 -15.25 49.54
N ASN D 360 6.84 -15.34 48.37
CA ASN D 360 6.70 -16.38 47.33
C ASN D 360 5.23 -16.48 46.88
N TYR D 361 4.65 -17.68 46.81
CA TYR D 361 3.26 -17.87 46.42
C TYR D 361 2.32 -17.58 47.60
N HIS D 362 2.85 -17.66 48.84
CA HIS D 362 2.14 -17.46 50.10
C HIS D 362 1.83 -15.99 50.43
N VAL D 363 0.77 -15.78 51.24
CA VAL D 363 0.29 -14.47 51.71
C VAL D 363 0.33 -14.52 53.25
N VAL D 364 1.19 -13.70 53.88
CA VAL D 364 1.38 -13.67 55.34
C VAL D 364 1.18 -12.27 55.98
N LYS D 365 1.06 -12.25 57.31
CA LYS D 365 0.93 -11.05 58.13
C LYS D 365 2.00 -11.11 59.22
N TYR D 366 2.73 -10.01 59.45
CA TYR D 366 3.81 -9.96 60.43
C TYR D 366 3.54 -9.05 61.62
N SER D 367 3.82 -9.54 62.85
CA SER D 367 3.66 -8.78 64.09
C SER D 367 4.87 -7.87 64.30
N LEU D 368 4.67 -6.70 64.94
CA LEU D 368 5.73 -5.71 65.16
C LEU D 368 5.93 -5.31 66.61
N ASP D 369 7.20 -5.21 67.02
CA ASP D 369 7.60 -4.79 68.37
C ASP D 369 8.11 -3.34 68.31
N PHE D 370 7.84 -2.55 69.36
CA PHE D 370 8.24 -1.15 69.43
C PHE D 370 8.99 -0.77 70.69
N GLY D 371 9.91 0.19 70.55
CA GLY D 371 10.74 0.73 71.60
C GLY D 371 10.52 2.23 71.78
N PRO D 372 10.61 2.74 73.03
CA PRO D 372 10.38 4.17 73.25
C PRO D 372 11.63 5.05 73.06
N LEU D 373 12.51 4.65 72.12
CA LEU D 373 13.73 5.40 71.81
C LEU D 373 13.46 6.38 70.67
N ASP D 374 12.80 7.51 71.01
CA ASP D 374 12.43 8.59 70.11
C ASP D 374 12.31 9.94 70.84
N GLY D 375 12.91 10.99 70.26
CA GLY D 375 12.90 12.35 70.82
C GLY D 375 11.54 13.01 70.68
N PRO E 14 -10.73 5.83 -73.21
CA PRO E 14 -9.30 5.70 -72.88
C PRO E 14 -8.83 4.25 -72.83
N SER E 15 -7.60 4.01 -73.32
CA SER E 15 -6.97 2.68 -73.35
C SER E 15 -6.56 2.21 -71.95
N ALA E 16 -6.18 3.16 -71.06
CA ALA E 16 -5.76 2.88 -69.68
C ALA E 16 -6.94 2.35 -68.84
N PRO E 17 -6.72 1.38 -67.91
CA PRO E 17 -7.85 0.85 -67.13
C PRO E 17 -8.34 1.81 -66.05
N GLY E 18 -9.67 1.96 -65.98
CA GLY E 18 -10.33 2.83 -65.02
C GLY E 18 -10.96 2.06 -63.88
N THR E 19 -10.51 2.32 -62.64
CA THR E 19 -10.98 1.66 -61.42
C THR E 19 -11.01 2.63 -60.21
N LEU E 20 -11.56 2.17 -59.06
CA LEU E 20 -11.63 2.93 -57.80
C LEU E 20 -10.20 3.19 -57.27
N PRO E 21 -9.96 4.20 -56.37
CA PRO E 21 -8.58 4.42 -55.91
C PRO E 21 -8.05 3.31 -54.99
N HIS E 22 -6.83 2.85 -55.27
CA HIS E 22 -6.14 1.82 -54.50
C HIS E 22 -4.99 2.48 -53.74
N PHE E 23 -4.96 2.29 -52.42
CA PHE E 23 -3.93 2.89 -51.57
C PHE E 23 -2.59 2.15 -51.63
N ILE E 24 -1.51 2.89 -51.90
CA ILE E 24 -0.13 2.38 -51.95
C ILE E 24 0.48 2.57 -50.55
N GLU E 25 0.29 3.77 -49.95
CA GLU E 25 0.76 4.12 -48.62
C GLU E 25 -0.41 4.46 -47.69
N GLU E 26 -0.90 3.45 -46.94
CA GLU E 26 -1.98 3.66 -45.98
C GLU E 26 -1.39 4.31 -44.72
N PRO E 27 -2.06 5.31 -44.11
CA PRO E 27 -1.49 5.95 -42.91
C PRO E 27 -1.32 4.99 -41.73
N GLU E 28 -0.12 5.03 -41.12
CA GLU E 28 0.25 4.20 -39.98
C GLU E 28 0.16 5.05 -38.71
N ASP E 29 -0.33 4.45 -37.60
CA ASP E 29 -0.50 5.14 -36.31
C ASP E 29 0.81 5.77 -35.81
N ALA E 30 0.79 7.11 -35.66
CA ALA E 30 1.94 7.91 -35.22
C ALA E 30 1.94 8.13 -33.70
N TYR E 31 3.13 8.46 -33.14
CA TYR E 31 3.31 8.72 -31.72
C TYR E 31 4.11 9.99 -31.50
N ILE E 32 3.59 10.92 -30.67
CA ILE E 32 4.26 12.19 -30.38
C ILE E 32 5.29 12.02 -29.24
N ILE E 33 6.54 12.42 -29.53
CA ILE E 33 7.67 12.32 -28.60
C ILE E 33 8.31 13.71 -28.43
N LYS E 34 8.44 14.17 -27.16
CA LYS E 34 9.05 15.44 -26.74
C LYS E 34 8.53 16.67 -27.52
N SER E 35 7.19 16.74 -27.70
CA SER E 35 6.44 17.81 -28.39
C SER E 35 6.88 18.06 -29.87
N ASN E 36 7.39 17.00 -30.55
CA ASN E 36 7.81 17.07 -31.96
C ASN E 36 6.65 16.64 -32.85
N PRO E 37 6.01 17.59 -33.61
CA PRO E 37 4.84 17.20 -34.43
C PRO E 37 5.17 16.28 -35.60
N ILE E 38 4.54 15.10 -35.60
CA ILE E 38 4.76 14.08 -36.63
C ILE E 38 3.55 14.01 -37.56
N ALA E 39 3.81 14.18 -38.87
CA ALA E 39 2.82 14.17 -39.95
C ALA E 39 2.38 12.77 -40.39
N LEU E 40 1.21 12.68 -41.04
CA LEU E 40 0.63 11.43 -41.55
C LEU E 40 0.73 11.35 -43.08
N ARG E 41 1.22 10.21 -43.59
CA ARG E 41 1.43 9.95 -45.02
C ARG E 41 0.21 9.26 -45.63
N CYS E 42 -0.07 9.57 -46.91
CA CYS E 42 -1.18 9.00 -47.67
C CYS E 42 -0.89 9.06 -49.17
N LYS E 43 -0.89 7.89 -49.84
CA LYS E 43 -0.64 7.78 -51.28
C LYS E 43 -1.58 6.74 -51.90
N ALA E 44 -2.28 7.14 -52.97
CA ALA E 44 -3.24 6.28 -53.68
C ALA E 44 -3.26 6.54 -55.19
N ARG E 45 -3.65 5.51 -55.96
CA ARG E 45 -3.73 5.56 -57.43
C ARG E 45 -4.88 4.66 -57.93
N PRO E 46 -5.77 5.14 -58.85
CA PRO E 46 -5.81 6.48 -59.45
C PRO E 46 -6.49 7.52 -58.57
N ALA E 47 -5.84 8.68 -58.37
CA ALA E 47 -6.38 9.74 -57.52
C ALA E 47 -6.14 11.15 -58.04
N MET E 48 -7.19 11.99 -57.93
CA MET E 48 -7.20 13.40 -58.32
C MET E 48 -7.36 14.30 -57.09
N GLN E 49 -8.04 13.80 -56.04
CA GLN E 49 -8.26 14.48 -54.78
C GLN E 49 -8.11 13.53 -53.61
N ILE E 50 -7.29 13.91 -52.62
CA ILE E 50 -7.07 13.13 -51.39
C ILE E 50 -7.22 14.07 -50.19
N PHE E 51 -8.15 13.71 -49.27
CA PHE E 51 -8.43 14.48 -48.07
C PHE E 51 -8.46 13.61 -46.82
N PHE E 52 -8.25 14.24 -45.65
CA PHE E 52 -8.25 13.57 -44.35
C PHE E 52 -9.50 13.87 -43.53
N LYS E 53 -10.04 12.85 -42.85
CA LYS E 53 -11.22 12.95 -42.01
C LYS E 53 -10.80 12.56 -40.58
N CYS E 54 -10.28 13.54 -39.82
CA CYS E 54 -9.81 13.29 -38.46
C CYS E 54 -10.90 13.48 -37.42
N ASN E 55 -11.17 12.39 -36.68
CA ASN E 55 -12.15 12.25 -35.60
C ASN E 55 -13.58 12.61 -36.02
N GLY E 56 -14.01 12.02 -37.13
CA GLY E 56 -15.36 12.19 -37.66
C GLY E 56 -15.53 13.29 -38.69
N GLU E 57 -14.79 14.40 -38.54
CA GLU E 57 -14.92 15.54 -39.45
C GLU E 57 -13.68 15.79 -40.32
N TRP E 58 -13.92 16.38 -41.52
CA TRP E 58 -12.93 16.73 -42.55
C TRP E 58 -11.88 17.71 -42.04
N VAL E 59 -10.64 17.55 -42.53
CA VAL E 59 -9.53 18.46 -42.20
C VAL E 59 -9.49 19.52 -43.29
N HIS E 60 -9.29 20.80 -42.90
CA HIS E 60 -9.24 21.94 -43.82
C HIS E 60 -8.23 21.77 -44.97
N GLN E 61 -8.60 22.26 -46.16
CA GLN E 61 -7.82 22.19 -47.41
C GLN E 61 -6.40 22.76 -47.26
N ASN E 62 -6.25 23.88 -46.51
CA ASN E 62 -4.97 24.56 -46.25
C ASN E 62 -3.95 23.69 -45.51
N GLU E 63 -4.44 22.81 -44.63
CA GLU E 63 -3.61 21.88 -43.84
C GLU E 63 -2.95 20.80 -44.73
N HIS E 64 -3.61 20.46 -45.85
CA HIS E 64 -3.16 19.45 -46.82
C HIS E 64 -2.02 19.94 -47.72
N VAL E 65 -1.03 19.07 -47.98
CA VAL E 65 0.12 19.31 -48.85
C VAL E 65 0.18 18.16 -49.88
N SER E 66 -0.28 18.43 -51.11
CA SER E 66 -0.35 17.46 -52.21
C SER E 66 0.92 17.37 -53.05
N GLU E 67 1.18 16.17 -53.62
CA GLU E 67 2.30 15.83 -54.50
C GLU E 67 1.74 15.10 -55.73
N GLU E 68 2.02 15.63 -56.93
CA GLU E 68 1.58 15.05 -58.19
C GLU E 68 2.72 14.20 -58.76
N SER E 69 2.65 12.88 -58.50
CA SER E 69 3.67 11.91 -58.91
C SER E 69 3.22 10.97 -60.04
N LEU E 70 4.19 10.29 -60.69
CA LEU E 70 3.99 9.32 -61.77
C LEU E 70 4.75 8.02 -61.44
N ASP E 71 4.05 6.87 -61.53
CA ASP E 71 4.61 5.55 -61.20
C ASP E 71 5.40 4.92 -62.35
N GLU E 72 6.43 4.10 -61.99
CA GLU E 72 7.31 3.39 -62.91
C GLU E 72 6.62 2.19 -63.56
N SER E 73 5.98 1.33 -62.73
CA SER E 73 5.27 0.11 -63.14
C SER E 73 4.15 0.34 -64.18
N SER E 74 3.44 1.49 -64.08
CA SER E 74 2.36 1.88 -64.99
C SER E 74 2.26 3.41 -65.08
N GLY E 75 2.10 3.91 -66.29
CA GLY E 75 1.97 5.34 -66.56
C GLY E 75 0.60 5.88 -66.20
N LEU E 76 0.38 6.12 -64.89
CA LEU E 76 -0.88 6.63 -64.35
C LEU E 76 -0.64 7.67 -63.25
N LYS E 77 -1.56 8.65 -63.12
CA LYS E 77 -1.50 9.76 -62.17
C LYS E 77 -1.59 9.31 -60.70
N VAL E 78 -0.50 9.52 -59.94
CA VAL E 78 -0.38 9.18 -58.52
C VAL E 78 -0.47 10.47 -57.68
N ARG E 79 -1.09 10.38 -56.49
CA ARG E 79 -1.21 11.51 -55.57
C ARG E 79 -0.80 11.13 -54.16
N GLU E 80 0.06 11.97 -53.54
CA GLU E 80 0.56 11.80 -52.18
C GLU E 80 0.29 13.06 -51.35
N VAL E 81 -0.46 12.92 -50.24
CA VAL E 81 -0.83 14.06 -49.37
C VAL E 81 -0.36 13.84 -47.93
N PHE E 82 0.27 14.88 -47.34
CA PHE E 82 0.79 14.87 -45.97
C PHE E 82 0.11 15.94 -45.11
N ILE E 83 -0.22 15.60 -43.84
CA ILE E 83 -0.87 16.50 -42.88
C ILE E 83 -0.16 16.45 -41.51
N ASN E 84 0.31 17.61 -41.03
CA ASN E 84 1.00 17.71 -39.73
C ASN E 84 0.01 17.63 -38.57
N VAL E 85 0.36 16.86 -37.52
CA VAL E 85 -0.45 16.73 -36.30
C VAL E 85 0.44 17.15 -35.12
N THR E 86 0.06 18.24 -34.44
CA THR E 86 0.81 18.77 -33.29
C THR E 86 0.35 18.17 -31.96
N ARG E 87 1.16 18.34 -30.90
CA ARG E 87 0.87 17.86 -29.54
C ARG E 87 -0.37 18.57 -29.01
N GLN E 88 -0.47 19.88 -29.28
CA GLN E 88 -1.58 20.76 -28.88
C GLN E 88 -2.93 20.25 -29.42
N GLN E 89 -2.93 19.60 -30.60
CA GLN E 89 -4.13 19.04 -31.22
C GLN E 89 -4.65 17.83 -30.44
N VAL E 90 -3.74 16.95 -29.99
CA VAL E 90 -4.07 15.71 -29.27
C VAL E 90 -4.45 15.97 -27.81
N GLU E 91 -3.67 16.80 -27.09
CA GLU E 91 -3.92 17.10 -25.68
C GLU E 91 -5.18 17.95 -25.44
N ASP E 92 -5.61 18.72 -26.47
CA ASP E 92 -6.82 19.54 -26.37
C ASP E 92 -8.06 18.81 -26.90
N PHE E 93 -7.88 17.63 -27.52
CA PHE E 93 -8.98 16.80 -28.01
C PHE E 93 -9.54 15.99 -26.84
N HIS E 94 -10.82 16.19 -26.51
CA HIS E 94 -11.49 15.52 -25.40
C HIS E 94 -12.66 14.63 -25.85
N GLY E 95 -12.39 13.79 -26.85
CA GLY E 95 -13.36 12.85 -27.40
C GLY E 95 -13.41 11.54 -26.65
N PRO E 96 -14.23 10.56 -27.09
CA PRO E 96 -14.31 9.30 -26.35
C PRO E 96 -13.20 8.30 -26.72
N GLU E 97 -12.77 8.28 -27.99
CA GLU E 97 -11.75 7.38 -28.52
C GLU E 97 -10.42 8.13 -28.71
N ASP E 98 -9.34 7.39 -29.03
CA ASP E 98 -8.01 7.94 -29.29
C ASP E 98 -8.04 8.76 -30.58
N TYR E 99 -7.29 9.89 -30.63
CA TYR E 99 -7.20 10.78 -31.79
C TYR E 99 -6.88 9.99 -33.07
N TRP E 100 -7.92 9.69 -33.86
CA TRP E 100 -7.77 8.91 -35.09
C TRP E 100 -7.96 9.73 -36.36
N CYS E 101 -7.39 9.25 -37.48
CA CYS E 101 -7.50 9.88 -38.80
C CYS E 101 -7.72 8.84 -39.89
N GLN E 102 -8.49 9.20 -40.92
CA GLN E 102 -8.79 8.34 -42.05
C GLN E 102 -8.50 9.10 -43.36
N CYS E 103 -8.27 8.35 -44.45
CA CYS E 103 -7.94 8.93 -45.76
C CYS E 103 -9.00 8.59 -46.81
N VAL E 104 -9.50 9.62 -47.51
CA VAL E 104 -10.50 9.48 -48.57
C VAL E 104 -9.88 9.94 -49.90
N ALA E 105 -9.93 9.07 -50.92
CA ALA E 105 -9.40 9.35 -52.25
C ALA E 105 -10.49 9.37 -53.31
N TRP E 106 -10.40 10.32 -54.25
CA TRP E 106 -11.38 10.52 -55.33
C TRP E 106 -10.93 10.04 -56.70
N SER E 107 -11.83 9.34 -57.40
CA SER E 107 -11.64 8.80 -58.75
C SER E 107 -12.88 9.13 -59.60
N HIS E 108 -12.82 8.83 -60.91
CA HIS E 108 -13.94 9.07 -61.82
C HIS E 108 -15.09 8.09 -61.60
N LEU E 109 -14.84 6.98 -60.87
CA LEU E 109 -15.84 5.95 -60.57
C LEU E 109 -16.41 6.05 -59.16
N GLY E 110 -15.59 6.49 -58.20
CA GLY E 110 -16.03 6.64 -56.82
C GLY E 110 -14.95 7.03 -55.83
N THR E 111 -15.14 6.60 -54.57
CA THR E 111 -14.24 6.89 -53.45
C THR E 111 -13.83 5.64 -52.68
N SER E 112 -12.75 5.75 -51.88
CA SER E 112 -12.25 4.65 -51.06
C SER E 112 -11.62 5.16 -49.75
N LYS E 113 -11.95 4.50 -48.64
CA LYS E 113 -11.44 4.81 -47.31
C LYS E 113 -10.22 3.94 -46.96
N SER E 114 -9.32 4.45 -46.11
CA SER E 114 -8.11 3.76 -45.70
C SER E 114 -8.18 3.29 -44.22
N ARG E 115 -7.02 2.94 -43.63
CA ARG E 115 -6.89 2.52 -42.24
C ARG E 115 -7.04 3.71 -41.31
N LYS E 116 -7.62 3.49 -40.12
CA LYS E 116 -7.77 4.53 -39.12
C LYS E 116 -6.47 4.62 -38.30
N ALA E 117 -5.60 5.58 -38.66
CA ALA E 117 -4.31 5.81 -38.00
C ALA E 117 -4.53 6.62 -36.72
N SER E 118 -4.18 6.03 -35.57
CA SER E 118 -4.37 6.65 -34.26
C SER E 118 -3.11 7.33 -33.72
N VAL E 119 -3.14 8.67 -33.66
CA VAL E 119 -2.07 9.49 -33.11
C VAL E 119 -2.19 9.49 -31.57
N ARG E 120 -1.16 8.95 -30.90
CA ARG E 120 -1.14 8.80 -29.44
C ARG E 120 0.07 9.45 -28.78
N ILE E 121 -0.08 9.88 -27.52
CA ILE E 121 0.98 10.51 -26.73
C ILE E 121 1.87 9.40 -26.20
N ALA E 122 3.09 9.28 -26.75
CA ALA E 122 4.06 8.24 -26.36
C ALA E 122 4.67 8.48 -24.98
N TYR E 123 4.65 7.43 -24.14
CA TYR E 123 5.17 7.45 -22.76
C TYR E 123 5.63 6.05 -22.29
N LEU E 124 6.35 5.98 -21.15
CA LEU E 124 6.85 4.74 -20.53
C LEU E 124 7.21 4.98 -19.06
N ARG E 125 6.78 4.05 -18.19
CA ARG E 125 7.04 4.12 -16.74
C ARG E 125 8.35 3.43 -16.34
N LYS E 126 8.92 3.82 -15.17
CA LYS E 126 10.16 3.27 -14.63
C LYS E 126 9.92 1.95 -13.89
N ASN E 127 8.91 1.94 -13.00
CA ASN E 127 8.52 0.80 -12.18
C ASN E 127 7.85 -0.31 -12.98
N PHE E 128 8.37 -1.54 -12.89
CA PHE E 128 7.81 -2.72 -13.55
C PHE E 128 6.54 -3.16 -12.85
N GLU E 129 5.53 -3.60 -13.61
CA GLU E 129 4.24 -4.06 -13.07
C GLU E 129 4.40 -5.33 -12.21
N GLN E 130 5.28 -6.26 -12.62
CA GLN E 130 5.61 -7.49 -11.90
C GLN E 130 6.99 -7.99 -12.35
N ASP E 131 7.95 -7.98 -11.41
CA ASP E 131 9.34 -8.41 -11.62
C ASP E 131 9.46 -9.94 -11.55
N PRO E 132 10.38 -10.57 -12.33
CA PRO E 132 10.51 -12.05 -12.25
C PRO E 132 11.02 -12.54 -10.89
N GLN E 133 10.48 -13.67 -10.42
CA GLN E 133 10.82 -14.26 -9.11
C GLN E 133 11.78 -15.45 -9.25
N GLY E 134 12.83 -15.47 -8.42
CA GLY E 134 13.84 -16.53 -8.39
C GLY E 134 13.30 -17.86 -7.87
N ARG E 135 13.75 -18.99 -8.46
CA ARG E 135 13.29 -20.34 -8.08
C ARG E 135 14.38 -21.42 -8.02
N GLU E 136 14.12 -22.47 -7.23
CA GLU E 136 14.97 -23.67 -7.05
C GLU E 136 14.25 -24.81 -7.76
N VAL E 137 14.89 -25.44 -8.78
CA VAL E 137 14.23 -26.47 -9.59
C VAL E 137 15.13 -27.71 -9.89
N PRO E 138 14.61 -28.96 -9.74
CA PRO E 138 15.43 -30.16 -10.04
C PRO E 138 15.85 -30.27 -11.51
N ILE E 139 16.77 -31.20 -11.82
CA ILE E 139 17.36 -31.42 -13.16
C ILE E 139 16.33 -31.73 -14.27
N GLU E 140 15.21 -32.40 -13.93
CA GLU E 140 14.16 -32.74 -14.91
C GLU E 140 12.96 -31.80 -14.85
N GLY E 141 12.85 -31.06 -13.76
CA GLY E 141 11.77 -30.13 -13.47
C GLY E 141 11.57 -29.00 -14.47
N MET E 142 10.36 -28.42 -14.45
CA MET E 142 9.95 -27.30 -15.32
C MET E 142 9.59 -26.04 -14.53
N ILE E 143 10.02 -24.87 -15.04
CA ILE E 143 9.77 -23.56 -14.42
C ILE E 143 9.41 -22.49 -15.44
N VAL E 144 8.47 -21.61 -15.06
CA VAL E 144 7.97 -20.51 -15.85
C VAL E 144 8.33 -19.19 -15.15
N LEU E 145 9.01 -18.28 -15.87
CA LEU E 145 9.41 -16.98 -15.33
C LEU E 145 8.45 -15.91 -15.83
N HIS E 146 7.69 -15.31 -14.90
CA HIS E 146 6.66 -14.30 -15.15
C HIS E 146 7.24 -12.90 -15.22
N CYS E 147 6.69 -12.05 -16.10
CA CYS E 147 7.13 -10.66 -16.28
C CYS E 147 6.02 -9.78 -16.81
N ARG E 148 5.69 -8.71 -16.08
CA ARG E 148 4.68 -7.73 -16.47
C ARG E 148 5.36 -6.38 -16.69
N PRO E 149 5.53 -5.96 -17.97
CA PRO E 149 6.23 -4.69 -18.24
C PRO E 149 5.52 -3.43 -17.73
N PRO E 150 6.22 -2.27 -17.61
CA PRO E 150 5.54 -1.05 -17.13
C PRO E 150 4.55 -0.49 -18.14
N GLU E 151 3.56 0.30 -17.66
CA GLU E 151 2.55 0.95 -18.50
C GLU E 151 3.20 1.94 -19.47
N GLY E 152 2.76 1.88 -20.73
CA GLY E 152 3.28 2.74 -21.79
C GLY E 152 2.64 2.55 -23.14
N VAL E 153 2.64 3.62 -23.95
CA VAL E 153 2.07 3.61 -25.31
C VAL E 153 3.19 3.87 -26.33
N PRO E 154 3.46 2.92 -27.27
CA PRO E 154 2.81 1.61 -27.47
C PRO E 154 3.19 0.56 -26.43
N ALA E 155 2.57 -0.63 -26.51
CA ALA E 155 2.83 -1.76 -25.60
C ALA E 155 4.30 -2.16 -25.66
N ALA E 156 4.93 -2.30 -24.49
CA ALA E 156 6.35 -2.63 -24.35
C ALA E 156 6.72 -4.01 -24.90
N GLU E 157 7.89 -4.08 -25.57
CA GLU E 157 8.45 -5.29 -26.17
C GLU E 157 9.40 -5.97 -25.18
N VAL E 158 8.95 -7.09 -24.60
CA VAL E 158 9.69 -7.86 -23.60
C VAL E 158 10.75 -8.76 -24.25
N GLU E 159 11.99 -8.68 -23.72
CA GLU E 159 13.16 -9.47 -24.14
C GLU E 159 13.84 -10.03 -22.90
N TRP E 160 14.19 -11.33 -22.93
CA TRP E 160 14.83 -12.02 -21.81
C TRP E 160 16.36 -12.08 -21.93
N LEU E 161 17.07 -11.86 -20.80
CA LEU E 161 18.54 -11.87 -20.74
C LEU E 161 19.06 -12.79 -19.63
N LYS E 162 19.82 -13.84 -20.01
CA LYS E 162 20.44 -14.76 -19.06
C LYS E 162 21.83 -14.22 -18.75
N ASN E 163 22.06 -13.84 -17.48
CA ASN E 163 23.32 -13.29 -16.96
C ASN E 163 23.84 -12.11 -17.80
N GLU E 164 22.98 -11.09 -17.96
CA GLU E 164 23.21 -9.85 -18.72
C GLU E 164 23.59 -10.11 -20.20
N GLU E 165 23.03 -11.20 -20.79
CA GLU E 165 23.26 -11.58 -22.19
C GLU E 165 21.97 -12.17 -22.79
N PRO E 166 21.52 -11.66 -23.97
CA PRO E 166 20.25 -12.14 -24.55
C PRO E 166 20.19 -13.63 -24.90
N ILE E 167 18.97 -14.18 -24.87
CA ILE E 167 18.67 -15.60 -25.16
C ILE E 167 17.85 -15.68 -26.44
N ASP E 168 18.18 -16.64 -27.31
CA ASP E 168 17.45 -16.88 -28.55
C ASP E 168 16.49 -18.06 -28.36
N SER E 169 15.18 -17.79 -28.49
CA SER E 169 14.10 -18.78 -28.32
C SER E 169 14.10 -19.84 -29.43
N GLU E 170 14.53 -19.46 -30.66
CA GLU E 170 14.61 -20.35 -31.82
C GLU E 170 15.85 -21.25 -31.79
N GLN E 171 16.88 -20.86 -31.00
CA GLN E 171 18.15 -21.58 -30.84
C GLN E 171 17.96 -22.95 -30.18
N ASP E 172 16.98 -23.06 -29.25
CA ASP E 172 16.68 -24.28 -28.51
C ASP E 172 15.17 -24.50 -28.38
N GLU E 173 14.73 -25.78 -28.53
CA GLU E 173 13.31 -26.17 -28.41
C GLU E 173 12.83 -26.12 -26.96
N ASN E 174 13.77 -26.26 -26.01
CA ASN E 174 13.55 -26.25 -24.56
C ASN E 174 13.09 -24.89 -24.02
N ILE E 175 13.54 -23.79 -24.66
CA ILE E 175 13.21 -22.42 -24.25
C ILE E 175 12.34 -21.73 -25.31
N ASP E 176 11.29 -20.99 -24.88
CA ASP E 176 10.38 -20.27 -25.77
C ASP E 176 9.78 -19.02 -25.12
N THR E 177 9.52 -17.99 -25.94
CA THR E 177 8.93 -16.72 -25.52
C THR E 177 7.42 -16.69 -25.86
N ARG E 178 6.59 -16.35 -24.85
CA ARG E 178 5.14 -16.30 -24.96
C ARG E 178 4.61 -14.88 -25.16
N ALA E 179 3.44 -14.77 -25.82
CA ALA E 179 2.73 -13.52 -26.13
C ALA E 179 2.36 -12.70 -24.89
N ASP E 180 2.17 -13.37 -23.73
CA ASP E 180 1.84 -12.75 -22.46
C ASP E 180 3.09 -12.55 -21.56
N HIS E 181 4.27 -12.46 -22.22
CA HIS E 181 5.61 -12.22 -21.65
C HIS E 181 5.98 -13.22 -20.54
N ASN E 182 6.30 -14.46 -20.95
CA ASN E 182 6.69 -15.54 -20.03
C ASN E 182 7.81 -16.39 -20.62
N LEU E 183 8.77 -16.80 -19.77
CA LEU E 183 9.90 -17.65 -20.16
C LEU E 183 9.72 -19.05 -19.58
N ILE E 184 9.44 -20.02 -20.47
CA ILE E 184 9.20 -21.40 -20.08
C ILE E 184 10.38 -22.30 -20.42
N ILE E 185 10.81 -23.08 -19.42
CA ILE E 185 11.90 -24.06 -19.50
C ILE E 185 11.28 -25.42 -19.16
N ARG E 186 11.36 -26.38 -20.10
CA ARG E 186 10.79 -27.72 -19.93
C ARG E 186 11.71 -28.60 -19.06
N GLN E 187 13.01 -28.67 -19.42
CA GLN E 187 14.03 -29.44 -18.73
C GLN E 187 15.16 -28.53 -18.28
N ALA E 188 15.64 -28.73 -17.05
CA ALA E 188 16.72 -27.93 -16.47
C ALA E 188 18.13 -28.38 -16.94
N ARG E 189 18.19 -29.18 -18.03
CA ARG E 189 19.44 -29.69 -18.59
C ARG E 189 19.91 -28.81 -19.77
N LEU E 190 18.99 -28.53 -20.72
CA LEU E 190 19.23 -27.74 -21.94
C LEU E 190 19.36 -26.23 -21.69
N SER E 191 18.91 -25.77 -20.49
CA SER E 191 18.97 -24.38 -20.03
C SER E 191 19.21 -24.38 -18.52
N ASP E 192 20.51 -24.39 -18.11
CA ASP E 192 20.88 -24.44 -16.70
C ASP E 192 20.74 -23.09 -15.97
N SER E 193 21.11 -23.08 -14.68
CA SER E 193 21.06 -21.96 -13.73
C SER E 193 21.66 -20.65 -14.25
N GLY E 194 21.26 -19.56 -13.62
CA GLY E 194 21.73 -18.23 -13.94
C GLY E 194 20.88 -17.11 -13.39
N ASN E 195 21.34 -15.88 -13.60
CA ASN E 195 20.63 -14.68 -13.17
C ASN E 195 19.87 -14.07 -14.35
N TYR E 196 18.64 -14.58 -14.55
CA TYR E 196 17.72 -14.17 -15.62
C TYR E 196 17.11 -12.81 -15.30
N THR E 197 17.12 -11.91 -16.29
CA THR E 197 16.55 -10.57 -16.15
C THR E 197 15.64 -10.25 -17.34
N CYS E 198 14.46 -9.69 -17.03
CA CYS E 198 13.44 -9.31 -18.01
C CYS E 198 13.64 -7.84 -18.39
N MET E 199 13.57 -7.53 -19.69
CA MET E 199 13.74 -6.17 -20.16
C MET E 199 12.68 -5.74 -21.17
N ALA E 200 12.03 -4.60 -20.90
CA ALA E 200 10.98 -4.03 -21.76
C ALA E 200 11.54 -2.91 -22.61
N ALA E 201 11.26 -2.95 -23.92
CA ALA E 201 11.72 -1.96 -24.90
C ALA E 201 10.56 -1.24 -25.55
N ASN E 202 10.73 0.08 -25.76
CA ASN E 202 9.71 0.96 -26.37
C ASN E 202 10.36 2.06 -27.21
N ILE E 203 9.56 2.76 -28.04
CA ILE E 203 10.03 3.87 -28.88
C ILE E 203 10.50 5.05 -28.01
N VAL E 204 9.97 5.14 -26.77
CA VAL E 204 10.34 6.17 -25.80
C VAL E 204 11.72 5.82 -25.22
N ALA E 205 11.85 4.66 -24.54
CA ALA E 205 13.10 4.17 -23.93
C ALA E 205 13.03 2.66 -23.58
N LYS E 206 14.00 2.17 -22.78
CA LYS E 206 14.11 0.79 -22.30
C LYS E 206 14.12 0.76 -20.78
N ARG E 207 13.59 -0.32 -20.17
CA ARG E 207 13.54 -0.47 -18.71
C ARG E 207 13.95 -1.89 -18.29
N ARG E 208 14.86 -2.00 -17.30
CA ARG E 208 15.36 -3.27 -16.76
C ARG E 208 14.64 -3.62 -15.45
N SER E 209 14.22 -4.89 -15.31
CA SER E 209 13.53 -5.39 -14.12
C SER E 209 14.54 -5.95 -13.11
N LEU E 210 14.05 -6.36 -11.93
CA LEU E 210 14.86 -6.98 -10.89
C LEU E 210 15.19 -8.41 -11.33
N SER E 211 16.48 -8.77 -11.35
CA SER E 211 16.94 -10.09 -11.81
C SER E 211 16.51 -11.22 -10.87
N ALA E 212 16.03 -12.33 -11.47
CA ALA E 212 15.56 -13.53 -10.77
C ALA E 212 16.67 -14.58 -10.70
N THR E 213 16.97 -15.07 -9.49
CA THR E 213 18.02 -16.07 -9.26
C THR E 213 17.46 -17.48 -9.41
N VAL E 214 17.58 -18.04 -10.63
CA VAL E 214 17.12 -19.40 -10.96
C VAL E 214 18.29 -20.37 -10.79
N VAL E 215 18.18 -21.27 -9.80
CA VAL E 215 19.23 -22.23 -9.48
C VAL E 215 18.74 -23.67 -9.64
N VAL E 216 19.45 -24.45 -10.47
CA VAL E 216 19.15 -25.85 -10.75
C VAL E 216 19.91 -26.78 -9.78
N TYR E 217 19.17 -27.60 -9.03
CA TYR E 217 19.76 -28.51 -8.05
C TYR E 217 19.65 -29.99 -8.45
N VAL E 218 20.69 -30.78 -8.13
CA VAL E 218 20.74 -32.23 -8.43
C VAL E 218 20.54 -32.99 -7.12
N ASN E 219 19.51 -33.86 -7.07
CA ASN E 219 19.21 -34.68 -5.90
C ASN E 219 20.13 -35.89 -5.83
N GLY E 220 20.45 -36.30 -4.60
CA GLY E 220 21.33 -37.42 -4.32
C GLY E 220 20.75 -38.78 -4.68
N GLY E 221 21.59 -39.62 -5.24
CA GLY E 221 21.27 -40.98 -5.64
C GLY E 221 22.39 -41.94 -5.27
N TRP E 222 22.02 -43.08 -4.67
CA TRP E 222 22.97 -44.10 -4.20
C TRP E 222 23.80 -44.72 -5.32
N SER E 223 25.06 -45.07 -5.02
CA SER E 223 25.97 -45.72 -5.95
C SER E 223 25.88 -47.24 -5.73
N SER E 224 26.38 -48.03 -6.71
CA SER E 224 26.37 -49.48 -6.69
C SER E 224 27.11 -50.07 -5.48
N TRP E 225 26.61 -51.21 -4.96
CA TRP E 225 27.15 -51.94 -3.82
C TRP E 225 28.58 -52.42 -4.09
N THR E 226 29.39 -52.53 -3.03
CA THR E 226 30.77 -53.03 -3.15
C THR E 226 30.81 -54.55 -2.88
N GLU E 227 32.02 -55.13 -2.77
CA GLU E 227 32.19 -56.55 -2.49
C GLU E 227 32.20 -56.79 -0.98
N TRP E 228 31.80 -58.00 -0.56
CA TRP E 228 31.79 -58.37 0.86
C TRP E 228 33.21 -58.64 1.37
N SER E 229 33.56 -58.01 2.51
CA SER E 229 34.87 -58.16 3.12
C SER E 229 35.06 -59.53 3.77
N ALA E 230 36.33 -59.92 4.00
CA ALA E 230 36.68 -61.19 4.65
C ALA E 230 36.33 -61.16 6.14
N CYS E 231 35.98 -62.32 6.71
CA CYS E 231 35.59 -62.49 8.11
C CYS E 231 36.77 -62.24 9.06
N ASN E 232 36.68 -61.16 9.87
CA ASN E 232 37.70 -60.72 10.82
C ASN E 232 38.13 -61.80 11.83
N VAL E 233 37.16 -62.61 12.31
CA VAL E 233 37.40 -63.72 13.25
C VAL E 233 37.66 -64.98 12.44
N ARG E 234 38.75 -65.71 12.79
CA ARG E 234 39.17 -66.94 12.11
C ARG E 234 38.21 -68.10 12.35
N CYS E 235 37.79 -68.31 13.62
CA CYS E 235 36.87 -69.39 14.01
C CYS E 235 35.68 -68.86 14.81
N GLY E 236 34.47 -69.18 14.33
CA GLY E 236 33.22 -68.77 14.97
C GLY E 236 32.45 -67.72 14.20
N ARG E 237 31.87 -66.76 14.95
CA ARG E 237 31.08 -65.67 14.39
C ARG E 237 32.00 -64.58 13.82
N GLY E 238 31.82 -64.30 12.53
CA GLY E 238 32.60 -63.31 11.80
C GLY E 238 31.77 -62.16 11.27
N TRP E 239 32.44 -61.26 10.53
CA TRP E 239 31.83 -60.06 9.96
C TRP E 239 32.18 -59.87 8.48
N GLN E 240 31.24 -59.31 7.70
CA GLN E 240 31.42 -58.97 6.29
C GLN E 240 30.73 -57.64 5.97
N LYS E 241 31.47 -56.70 5.36
CA LYS E 241 31.00 -55.34 5.06
C LYS E 241 30.78 -55.04 3.59
N ARG E 242 29.81 -54.16 3.31
CA ARG E 242 29.46 -53.70 1.97
C ARG E 242 29.07 -52.21 2.06
N SER E 243 29.80 -51.34 1.33
CA SER E 243 29.55 -49.91 1.32
C SER E 243 28.68 -49.45 0.14
N ARG E 244 27.92 -48.36 0.36
CA ARG E 244 26.97 -47.76 -0.58
C ARG E 244 27.09 -46.24 -0.41
N THR E 245 27.87 -45.57 -1.30
CA THR E 245 28.08 -44.11 -1.22
C THR E 245 27.02 -43.32 -2.00
N CYS E 246 26.88 -42.03 -1.66
CA CYS E 246 25.93 -41.12 -2.32
C CYS E 246 26.69 -40.31 -3.37
N THR E 247 27.05 -40.96 -4.49
CA THR E 247 27.83 -40.35 -5.57
C THR E 247 27.26 -40.63 -6.98
N ASN E 248 26.14 -41.37 -7.09
CA ASN E 248 25.55 -41.68 -8.39
C ASN E 248 24.05 -41.31 -8.51
N PRO E 249 23.69 -40.02 -8.71
CA PRO E 249 24.55 -38.83 -8.77
C PRO E 249 24.84 -38.22 -7.41
N ALA E 250 25.95 -37.46 -7.31
CA ALA E 250 26.32 -36.77 -6.08
C ALA E 250 25.51 -35.47 -5.98
N PRO E 251 24.96 -35.11 -4.79
CA PRO E 251 24.14 -33.89 -4.69
C PRO E 251 24.84 -32.61 -5.12
N LEU E 252 24.12 -31.74 -5.86
CA LEU E 252 24.63 -30.47 -6.38
C LEU E 252 23.68 -29.32 -6.09
N ASN E 253 24.26 -28.11 -5.93
CA ASN E 253 23.59 -26.82 -5.67
C ASN E 253 22.50 -26.87 -4.59
N GLY E 254 22.77 -27.62 -3.52
CA GLY E 254 21.85 -27.78 -2.40
C GLY E 254 20.79 -28.84 -2.60
N GLY E 255 21.13 -29.89 -3.33
CA GLY E 255 20.23 -31.01 -3.60
C GLY E 255 20.05 -31.88 -2.36
N ALA E 256 18.91 -32.58 -2.28
CA ALA E 256 18.59 -33.45 -1.14
C ALA E 256 19.56 -34.63 -1.05
N PHE E 257 20.02 -34.92 0.17
CA PHE E 257 20.95 -36.03 0.44
C PHE E 257 20.26 -37.38 0.30
N CYS E 258 21.05 -38.45 0.14
CA CYS E 258 20.58 -39.83 -0.03
C CYS E 258 19.78 -40.31 1.17
N GLU E 259 18.71 -41.08 0.90
CA GLU E 259 17.81 -41.60 1.94
C GLU E 259 18.09 -43.06 2.26
N GLY E 260 18.32 -43.34 3.54
CA GLY E 260 18.59 -44.68 4.05
C GLY E 260 19.96 -44.86 4.68
N MET E 261 20.40 -46.13 4.78
CA MET E 261 21.68 -46.52 5.36
C MET E 261 22.81 -46.59 4.33
N SER E 262 24.06 -46.39 4.79
CA SER E 262 25.25 -46.38 3.95
C SER E 262 26.10 -47.65 4.03
N VAL E 263 25.99 -48.41 5.14
CA VAL E 263 26.77 -49.62 5.36
C VAL E 263 25.86 -50.86 5.55
N GLN E 264 26.36 -52.04 5.14
CA GLN E 264 25.66 -53.33 5.24
C GLN E 264 26.56 -54.37 5.91
N LYS E 265 26.05 -55.04 6.96
CA LYS E 265 26.81 -56.05 7.73
C LYS E 265 26.03 -57.35 7.91
N ILE E 266 26.70 -58.51 7.66
CA ILE E 266 26.15 -59.86 7.78
C ILE E 266 27.10 -60.77 8.60
N THR E 267 26.52 -61.69 9.40
CA THR E 267 27.28 -62.65 10.21
C THR E 267 27.74 -63.80 9.30
N CYS E 268 29.01 -64.21 9.45
CA CYS E 268 29.61 -65.31 8.69
C CYS E 268 30.28 -66.33 9.60
N THR E 269 30.28 -67.60 9.19
CA THR E 269 30.90 -68.69 9.95
C THR E 269 32.00 -69.33 9.11
N ALA E 270 33.26 -69.21 9.57
CA ALA E 270 34.42 -69.77 8.88
C ALA E 270 34.80 -71.12 9.49
N LEU E 271 34.79 -72.17 8.65
CA LEU E 271 35.10 -73.56 9.03
C LEU E 271 36.56 -73.76 9.42
N CYS E 272 36.79 -74.40 10.60
CA CYS E 272 38.12 -74.66 11.15
C CYS E 272 38.31 -76.16 11.40
N CYS F 4 -41.67 -14.30 -34.76
CA CYS F 4 -40.69 -13.96 -33.74
C CYS F 4 -39.41 -14.79 -33.86
N PRO F 5 -38.22 -14.16 -34.05
CA PRO F 5 -36.99 -14.97 -34.20
C PRO F 5 -36.46 -15.47 -32.86
N SER F 6 -35.53 -16.44 -32.89
CA SER F 6 -34.91 -16.99 -31.69
C SER F 6 -33.76 -16.08 -31.23
N VAL F 7 -32.84 -15.73 -32.16
CA VAL F 7 -31.67 -14.89 -31.93
C VAL F 7 -32.06 -13.46 -31.57
N CYS F 8 -33.12 -12.97 -32.21
CA CYS F 8 -33.66 -11.62 -32.07
C CYS F 8 -34.84 -11.62 -31.10
N ARG F 9 -34.83 -10.70 -30.13
CA ARG F 9 -35.88 -10.62 -29.11
C ARG F 9 -36.88 -9.49 -29.36
N CYS F 10 -38.08 -9.91 -29.79
CA CYS F 10 -39.29 -9.15 -30.14
C CYS F 10 -40.12 -8.88 -28.89
N ASP F 11 -40.69 -7.66 -28.75
CA ASP F 11 -41.52 -7.25 -27.61
C ASP F 11 -42.33 -5.99 -27.86
N ARG F 12 -43.58 -5.94 -27.34
CA ARG F 12 -44.52 -4.82 -27.37
C ARG F 12 -44.66 -4.12 -28.74
N ASN F 13 -44.77 -4.90 -29.84
CA ASN F 13 -44.93 -4.44 -31.24
C ASN F 13 -43.71 -3.63 -31.78
N PHE F 14 -42.48 -4.04 -31.35
CA PHE F 14 -41.19 -3.49 -31.77
C PHE F 14 -40.17 -4.63 -31.81
N VAL F 15 -39.56 -4.89 -32.98
CA VAL F 15 -38.57 -5.95 -33.15
C VAL F 15 -37.15 -5.43 -32.86
N TYR F 16 -36.42 -6.07 -31.92
CA TYR F 16 -35.09 -5.66 -31.48
C TYR F 16 -33.95 -6.59 -31.92
N CYS F 17 -33.46 -6.43 -33.17
CA CYS F 17 -32.36 -7.24 -33.70
C CYS F 17 -31.04 -6.45 -33.63
N ASN F 18 -30.99 -5.40 -32.80
CA ASN F 18 -29.83 -4.53 -32.64
C ASN F 18 -28.69 -5.10 -31.79
N GLU F 19 -27.44 -4.81 -32.23
CA GLU F 19 -26.16 -5.19 -31.63
C GLU F 19 -26.09 -6.70 -31.28
N ARG F 20 -26.49 -7.55 -32.25
CA ARG F 20 -26.53 -9.00 -32.09
C ARG F 20 -25.60 -9.75 -33.06
N SER F 21 -24.58 -9.04 -33.61
CA SER F 21 -23.56 -9.56 -34.54
C SER F 21 -24.15 -10.24 -35.82
N LEU F 22 -25.41 -9.89 -36.16
CA LEU F 22 -26.12 -10.43 -37.32
C LEU F 22 -25.56 -9.92 -38.64
N THR F 23 -25.41 -10.83 -39.62
CA THR F 23 -24.91 -10.53 -40.97
C THR F 23 -26.06 -10.44 -41.99
N SER F 24 -27.27 -10.88 -41.57
CA SER F 24 -28.48 -10.88 -42.38
C SER F 24 -29.73 -10.65 -41.51
N VAL F 25 -30.87 -10.32 -42.15
CA VAL F 25 -32.14 -10.09 -41.47
C VAL F 25 -32.76 -11.43 -41.07
N PRO F 26 -33.13 -11.63 -39.77
CA PRO F 26 -33.76 -12.90 -39.36
C PRO F 26 -35.06 -13.20 -40.12
N LEU F 27 -35.38 -14.49 -40.29
CA LEU F 27 -36.54 -14.94 -41.06
C LEU F 27 -37.90 -14.69 -40.40
N GLY F 28 -38.08 -15.17 -39.17
CA GLY F 28 -39.33 -15.09 -38.43
C GLY F 28 -39.80 -13.69 -38.03
N ILE F 29 -40.32 -12.91 -38.99
CA ILE F 29 -40.83 -11.55 -38.71
C ILE F 29 -42.37 -11.54 -38.73
N PRO F 30 -43.03 -11.19 -37.59
CA PRO F 30 -44.51 -11.15 -37.57
C PRO F 30 -45.14 -10.08 -38.47
N GLU F 31 -46.43 -10.24 -38.80
CA GLU F 31 -47.14 -9.32 -39.68
C GLU F 31 -47.87 -8.18 -38.93
N GLY F 32 -47.56 -7.99 -37.64
CA GLY F 32 -48.15 -6.93 -36.83
C GLY F 32 -47.18 -5.82 -36.45
N VAL F 33 -45.87 -6.05 -36.68
CA VAL F 33 -44.76 -5.15 -36.34
C VAL F 33 -44.85 -3.81 -37.07
N THR F 34 -44.56 -2.71 -36.36
CA THR F 34 -44.56 -1.35 -36.89
C THR F 34 -43.12 -0.80 -37.01
N VAL F 35 -42.29 -1.00 -35.97
CA VAL F 35 -40.89 -0.55 -35.92
C VAL F 35 -39.92 -1.74 -35.86
N LEU F 36 -38.91 -1.74 -36.75
CA LEU F 36 -37.89 -2.77 -36.89
C LEU F 36 -36.49 -2.20 -36.58
N TYR F 37 -35.85 -2.71 -35.52
CA TYR F 37 -34.49 -2.27 -35.13
C TYR F 37 -33.49 -3.35 -35.56
N LEU F 38 -32.51 -2.97 -36.40
CA LEU F 38 -31.47 -3.89 -36.91
C LEU F 38 -30.11 -3.20 -36.90
N HIS F 39 -30.02 -2.06 -36.19
CA HIS F 39 -28.82 -1.24 -36.08
C HIS F 39 -27.68 -1.87 -35.28
N ASN F 40 -26.44 -1.39 -35.54
CA ASN F 40 -25.17 -1.81 -34.91
C ASN F 40 -24.85 -3.30 -35.11
N ASN F 41 -25.21 -3.85 -36.27
CA ASN F 41 -24.92 -5.24 -36.63
C ASN F 41 -23.86 -5.26 -37.73
N GLN F 42 -23.66 -6.42 -38.37
CA GLN F 42 -22.69 -6.60 -39.46
C GLN F 42 -23.43 -6.97 -40.75
N ILE F 43 -24.71 -6.52 -40.87
CA ILE F 43 -25.57 -6.80 -42.02
C ILE F 43 -25.00 -6.20 -43.30
N ASN F 44 -24.65 -7.09 -44.24
CA ASN F 44 -24.14 -6.75 -45.56
C ASN F 44 -25.34 -6.60 -46.51
N ASN F 45 -25.16 -5.86 -47.62
CA ASN F 45 -26.20 -5.60 -48.62
C ASN F 45 -26.74 -6.89 -49.30
N ALA F 46 -26.04 -8.03 -49.11
CA ALA F 46 -26.42 -9.33 -49.65
C ALA F 46 -27.42 -10.09 -48.76
N GLY F 47 -27.45 -9.77 -47.47
CA GLY F 47 -28.33 -10.42 -46.49
C GLY F 47 -29.70 -9.80 -46.31
N PHE F 48 -30.48 -9.69 -47.39
CA PHE F 48 -31.84 -9.15 -47.37
C PHE F 48 -32.86 -10.09 -48.05
N PRO F 49 -33.67 -10.84 -47.25
CA PRO F 49 -34.64 -11.76 -47.88
C PRO F 49 -35.80 -11.04 -48.56
N ALA F 50 -36.43 -11.71 -49.54
CA ALA F 50 -37.56 -11.16 -50.30
C ALA F 50 -38.83 -11.06 -49.46
N GLU F 51 -38.98 -11.94 -48.44
CA GLU F 51 -40.13 -11.98 -47.52
C GLU F 51 -40.25 -10.71 -46.66
N LEU F 52 -39.12 -10.01 -46.44
CA LEU F 52 -39.01 -8.76 -45.68
C LEU F 52 -39.84 -7.66 -46.35
N HIS F 53 -39.83 -7.64 -47.69
CA HIS F 53 -40.58 -6.69 -48.52
C HIS F 53 -42.09 -6.86 -48.29
N ASN F 54 -42.55 -8.11 -48.14
CA ASN F 54 -43.95 -8.48 -47.94
C ASN F 54 -44.56 -8.00 -46.60
N VAL F 55 -43.73 -7.74 -45.56
CA VAL F 55 -44.23 -7.25 -44.27
C VAL F 55 -44.68 -5.80 -44.46
N GLN F 56 -45.99 -5.64 -44.76
CA GLN F 56 -46.62 -4.35 -45.04
C GLN F 56 -46.71 -3.42 -43.83
N SER F 57 -47.02 -4.00 -42.66
CA SER F 57 -47.22 -3.30 -41.37
C SER F 57 -46.05 -2.41 -40.90
N VAL F 58 -44.80 -2.76 -41.25
CA VAL F 58 -43.58 -2.02 -40.86
C VAL F 58 -43.54 -0.65 -41.55
N HIS F 59 -43.37 0.43 -40.75
CA HIS F 59 -43.30 1.82 -41.23
C HIS F 59 -41.97 2.52 -40.89
N THR F 60 -41.20 1.98 -39.90
CA THR F 60 -39.90 2.55 -39.50
C THR F 60 -38.84 1.45 -39.35
N VAL F 61 -37.71 1.59 -40.08
CA VAL F 61 -36.59 0.63 -40.08
C VAL F 61 -35.29 1.35 -39.68
N TYR F 62 -34.57 0.80 -38.69
CA TYR F 62 -33.29 1.32 -38.21
C TYR F 62 -32.16 0.35 -38.58
N LEU F 63 -31.27 0.76 -39.51
CA LEU F 63 -30.15 -0.04 -40.00
C LEU F 63 -28.80 0.71 -39.94
N TYR F 64 -28.64 1.61 -38.96
CA TYR F 64 -27.40 2.38 -38.82
C TYR F 64 -26.25 1.58 -38.20
N GLY F 65 -25.02 1.97 -38.53
CA GLY F 65 -23.80 1.34 -38.02
C GLY F 65 -23.60 -0.10 -38.47
N ASN F 66 -24.03 -0.42 -39.70
CA ASN F 66 -23.89 -1.75 -40.27
C ASN F 66 -22.74 -1.80 -41.29
N GLN F 67 -22.68 -2.84 -42.15
CA GLN F 67 -21.62 -2.95 -43.14
C GLN F 67 -22.18 -3.16 -44.55
N LEU F 68 -22.99 -2.18 -45.00
CA LEU F 68 -23.64 -2.16 -46.31
C LEU F 68 -22.75 -1.52 -47.37
N ASP F 69 -22.99 -1.86 -48.66
CA ASP F 69 -22.25 -1.31 -49.80
C ASP F 69 -23.16 -0.48 -50.69
N GLU F 70 -24.41 -0.94 -50.85
CA GLU F 70 -25.43 -0.29 -51.67
C GLU F 70 -26.67 0.01 -50.83
N PHE F 71 -27.69 0.62 -51.47
CA PHE F 71 -28.98 0.87 -50.84
C PHE F 71 -29.68 -0.51 -50.79
N PRO F 72 -30.28 -0.89 -49.64
CA PRO F 72 -30.87 -2.23 -49.53
C PRO F 72 -32.11 -2.49 -50.41
N MET F 73 -32.15 -3.71 -50.96
CA MET F 73 -33.24 -4.22 -51.78
C MET F 73 -34.16 -5.05 -50.87
N ASN F 74 -35.43 -5.24 -51.30
CA ASN F 74 -36.47 -6.00 -50.60
C ASN F 74 -36.80 -5.47 -49.18
N LEU F 75 -36.70 -4.14 -48.96
CA LEU F 75 -37.04 -3.52 -47.69
C LEU F 75 -38.57 -3.48 -47.54
N PRO F 76 -39.16 -3.47 -46.29
CA PRO F 76 -40.63 -3.47 -46.17
C PRO F 76 -41.34 -2.41 -47.02
N LYS F 77 -42.18 -2.90 -47.95
CA LYS F 77 -42.98 -2.19 -48.96
C LYS F 77 -43.54 -0.84 -48.51
N ASN F 78 -44.33 -0.82 -47.42
CA ASN F 78 -45.00 0.37 -46.91
C ASN F 78 -44.23 1.07 -45.77
N VAL F 79 -42.92 1.31 -45.99
CA VAL F 79 -42.05 2.00 -45.03
C VAL F 79 -42.12 3.51 -45.25
N ARG F 80 -42.15 4.29 -44.16
CA ARG F 80 -42.19 5.75 -44.17
C ARG F 80 -40.83 6.37 -43.77
N VAL F 81 -40.26 5.94 -42.63
CA VAL F 81 -38.99 6.45 -42.11
C VAL F 81 -37.90 5.38 -42.20
N LEU F 82 -36.74 5.74 -42.77
CA LEU F 82 -35.62 4.81 -42.95
C LEU F 82 -34.30 5.40 -42.44
N HIS F 83 -33.59 4.63 -41.59
CA HIS F 83 -32.31 5.05 -41.01
C HIS F 83 -31.14 4.18 -41.50
N LEU F 84 -30.34 4.72 -42.44
CA LEU F 84 -29.18 4.02 -43.01
C LEU F 84 -27.92 4.88 -42.86
N GLN F 85 -27.49 5.12 -41.61
CA GLN F 85 -26.31 5.96 -41.38
C GLN F 85 -25.14 5.19 -40.78
N GLU F 86 -23.97 5.86 -40.71
CA GLU F 86 -22.71 5.38 -40.12
C GLU F 86 -22.22 4.03 -40.71
N ASN F 87 -22.32 3.87 -42.05
CA ASN F 87 -21.83 2.66 -42.73
C ASN F 87 -21.13 3.00 -44.06
N ASN F 88 -21.10 2.07 -45.06
CA ASN F 88 -20.36 2.27 -46.30
C ASN F 88 -21.20 2.24 -47.60
N ILE F 89 -22.33 2.98 -47.64
CA ILE F 89 -23.16 3.03 -48.85
C ILE F 89 -22.45 3.89 -49.91
N GLN F 90 -22.22 3.31 -51.12
CA GLN F 90 -21.52 3.96 -52.23
C GLN F 90 -22.34 3.97 -53.54
N THR F 91 -23.31 3.06 -53.67
CA THR F 91 -24.14 2.95 -54.87
C THR F 91 -25.64 3.04 -54.55
N ILE F 92 -26.35 3.91 -55.29
CA ILE F 92 -27.79 4.11 -55.16
C ILE F 92 -28.43 3.73 -56.50
N SER F 93 -29.34 2.74 -56.48
CA SER F 93 -30.03 2.25 -57.67
C SER F 93 -31.49 2.71 -57.73
N ARG F 94 -31.99 2.92 -58.96
CA ARG F 94 -33.37 3.35 -59.23
C ARG F 94 -34.39 2.30 -58.77
N ALA F 95 -34.10 1.00 -59.04
CA ALA F 95 -34.94 -0.14 -58.70
C ALA F 95 -35.20 -0.28 -57.20
N ALA F 96 -34.20 0.05 -56.35
CA ALA F 96 -34.30 -0.04 -54.90
C ALA F 96 -35.33 0.97 -54.36
N LEU F 97 -35.19 2.26 -54.73
CA LEU F 97 -36.09 3.34 -54.30
C LEU F 97 -37.48 3.22 -54.94
N ALA F 98 -37.59 2.46 -56.04
CA ALA F 98 -38.85 2.22 -56.73
C ALA F 98 -39.76 1.29 -55.91
N GLN F 99 -39.16 0.40 -55.07
CA GLN F 99 -39.89 -0.53 -54.21
C GLN F 99 -40.62 0.23 -53.09
N LEU F 100 -39.87 1.06 -52.35
CA LEU F 100 -40.36 1.87 -51.23
C LEU F 100 -40.92 3.19 -51.74
N LEU F 101 -42.16 3.15 -52.26
CA LEU F 101 -42.83 4.34 -52.79
C LEU F 101 -43.33 5.26 -51.68
N LYS F 102 -43.84 4.67 -50.58
CA LYS F 102 -44.38 5.38 -49.41
C LYS F 102 -43.33 6.07 -48.51
N LEU F 103 -42.03 5.88 -48.83
CA LEU F 103 -40.89 6.45 -48.09
C LEU F 103 -40.94 7.98 -48.09
N GLU F 104 -40.95 8.57 -46.88
CA GLU F 104 -41.05 10.02 -46.65
C GLU F 104 -39.77 10.62 -46.05
N GLU F 105 -39.18 9.94 -45.05
CA GLU F 105 -37.99 10.39 -44.34
C GLU F 105 -36.83 9.41 -44.57
N LEU F 106 -35.71 9.93 -45.11
CA LEU F 106 -34.52 9.11 -45.40
C LEU F 106 -33.24 9.77 -44.87
N HIS F 107 -32.52 9.03 -44.02
CA HIS F 107 -31.27 9.48 -43.42
C HIS F 107 -30.14 8.60 -43.96
N LEU F 108 -29.12 9.22 -44.58
CA LEU F 108 -27.98 8.51 -45.17
C LEU F 108 -26.64 9.12 -44.71
N ASP F 109 -26.59 9.57 -43.44
CA ASP F 109 -25.45 10.22 -42.80
C ASP F 109 -24.19 9.33 -42.70
N ASP F 110 -22.99 9.95 -42.69
CA ASP F 110 -21.66 9.33 -42.54
C ASP F 110 -21.30 8.21 -43.55
N ASN F 111 -22.06 8.05 -44.64
CA ASN F 111 -21.77 7.03 -45.66
C ASN F 111 -20.74 7.53 -46.69
N SER F 112 -20.31 6.66 -47.61
CA SER F 112 -19.32 7.01 -48.64
C SER F 112 -19.99 7.31 -50.01
N ILE F 113 -21.16 7.99 -49.96
CA ILE F 113 -21.96 8.35 -51.15
C ILE F 113 -21.25 9.40 -52.01
N SER F 114 -20.99 9.04 -53.28
CA SER F 114 -20.35 9.87 -54.29
C SER F 114 -21.39 10.23 -55.37
N THR F 115 -21.16 11.35 -56.09
CA THR F 115 -22.04 11.86 -57.16
C THR F 115 -22.26 10.84 -58.29
N VAL F 116 -21.18 10.17 -58.71
CA VAL F 116 -21.16 9.17 -59.79
C VAL F 116 -21.83 7.85 -59.38
N GLY F 117 -21.77 7.51 -58.09
CA GLY F 117 -22.34 6.30 -57.51
C GLY F 117 -23.87 6.26 -57.52
N VAL F 118 -24.51 7.43 -57.54
CA VAL F 118 -25.97 7.60 -57.57
C VAL F 118 -26.45 7.51 -59.01
N GLU F 119 -27.46 6.65 -59.28
CA GLU F 119 -28.07 6.48 -60.60
C GLU F 119 -28.83 7.75 -60.97
N ASP F 120 -28.93 8.05 -62.28
CA ASP F 120 -29.61 9.24 -62.79
C ASP F 120 -31.11 9.20 -62.48
N GLY F 121 -31.52 10.10 -61.60
CA GLY F 121 -32.91 10.24 -61.15
C GLY F 121 -33.36 9.17 -60.17
N ALA F 122 -32.41 8.55 -59.45
CA ALA F 122 -32.70 7.49 -58.48
C ALA F 122 -33.48 7.98 -57.27
N PHE F 123 -33.20 9.22 -56.82
CA PHE F 123 -33.90 9.80 -55.67
C PHE F 123 -35.32 10.24 -56.01
N ARG F 124 -35.57 10.61 -57.27
CA ARG F 124 -36.87 11.01 -57.79
C ARG F 124 -37.89 9.84 -57.80
N GLU F 125 -37.40 8.58 -57.72
CA GLU F 125 -38.20 7.34 -57.70
C GLU F 125 -39.11 7.25 -56.47
N ALA F 126 -38.59 7.62 -55.27
CA ALA F 126 -39.35 7.63 -54.02
C ALA F 126 -40.23 8.88 -54.05
N ILE F 127 -41.40 8.75 -54.71
CA ILE F 127 -42.39 9.80 -54.97
C ILE F 127 -42.86 10.53 -53.71
N SER F 128 -43.00 9.81 -52.59
CA SER F 128 -43.47 10.39 -51.33
C SER F 128 -42.37 11.01 -50.45
N LEU F 129 -41.10 11.02 -50.93
CA LEU F 129 -39.96 11.55 -50.18
C LEU F 129 -40.03 13.07 -49.98
N LYS F 130 -39.81 13.50 -48.72
CA LYS F 130 -39.84 14.89 -48.27
C LYS F 130 -38.57 15.30 -47.52
N LEU F 131 -37.97 14.36 -46.76
CA LEU F 131 -36.75 14.63 -45.99
C LEU F 131 -35.59 13.75 -46.43
N LEU F 132 -34.54 14.37 -46.99
CA LEU F 132 -33.35 13.67 -47.45
C LEU F 132 -32.11 14.18 -46.73
N PHE F 133 -31.38 13.28 -46.06
CA PHE F 133 -30.18 13.61 -45.29
C PHE F 133 -28.93 12.96 -45.88
N LEU F 134 -28.30 13.67 -46.84
CA LEU F 134 -27.06 13.24 -47.50
C LEU F 134 -25.86 13.93 -46.84
N SER F 135 -25.91 14.04 -45.51
CA SER F 135 -24.91 14.66 -44.67
C SER F 135 -23.71 13.75 -44.42
N LYS F 136 -22.50 14.35 -44.32
CA LYS F 136 -21.21 13.71 -44.04
C LYS F 136 -20.76 12.65 -45.08
N ASN F 137 -21.25 12.76 -46.33
CA ASN F 137 -20.88 11.84 -47.42
C ASN F 137 -19.68 12.35 -48.24
N HIS F 138 -19.34 11.64 -49.34
CA HIS F 138 -18.21 12.01 -50.22
C HIS F 138 -18.71 12.72 -51.49
N LEU F 139 -19.61 13.71 -51.32
CA LEU F 139 -20.21 14.47 -52.42
C LEU F 139 -19.34 15.64 -52.89
N SER F 140 -19.25 15.80 -54.22
CA SER F 140 -18.47 16.85 -54.90
C SER F 140 -19.38 17.93 -55.48
N SER F 141 -20.67 17.58 -55.70
CA SER F 141 -21.73 18.43 -56.25
C SER F 141 -23.12 17.91 -55.83
N VAL F 142 -24.17 18.74 -55.96
CA VAL F 142 -25.53 18.33 -55.61
C VAL F 142 -26.09 17.42 -56.73
N PRO F 143 -26.62 16.20 -56.41
CA PRO F 143 -27.16 15.32 -57.47
C PRO F 143 -28.25 15.93 -58.33
N VAL F 144 -28.39 15.46 -59.58
CA VAL F 144 -29.35 16.00 -60.55
C VAL F 144 -30.80 15.57 -60.24
N GLY F 145 -31.11 14.28 -60.46
CA GLY F 145 -32.45 13.72 -60.27
C GLY F 145 -32.91 13.60 -58.83
N LEU F 146 -33.32 14.73 -58.24
CA LEU F 146 -33.84 14.84 -56.87
C LEU F 146 -35.37 14.77 -56.85
N PRO F 147 -36.04 14.37 -55.73
CA PRO F 147 -37.52 14.34 -55.72
C PRO F 147 -38.15 15.72 -55.87
N VAL F 148 -39.20 15.82 -56.70
CA VAL F 148 -39.91 17.06 -56.99
C VAL F 148 -40.58 17.64 -55.75
N ASP F 149 -41.26 16.77 -54.96
CA ASP F 149 -42.01 17.15 -53.77
C ASP F 149 -41.17 17.11 -52.47
N LEU F 150 -39.84 17.31 -52.58
CA LEU F 150 -38.92 17.33 -51.44
C LEU F 150 -39.05 18.64 -50.69
N GLN F 151 -39.01 18.58 -49.34
CA GLN F 151 -39.16 19.73 -48.43
C GLN F 151 -37.85 20.11 -47.74
N GLU F 152 -37.02 19.13 -47.36
CA GLU F 152 -35.76 19.40 -46.68
C GLU F 152 -34.60 18.59 -47.26
N LEU F 153 -33.55 19.31 -47.69
CA LEU F 153 -32.34 18.71 -48.21
C LEU F 153 -31.19 19.15 -47.32
N ARG F 154 -30.55 18.17 -46.66
CA ARG F 154 -29.42 18.39 -45.77
C ARG F 154 -28.19 17.71 -46.36
N VAL F 155 -27.59 18.36 -47.38
CA VAL F 155 -26.41 17.89 -48.10
C VAL F 155 -25.17 18.72 -47.66
N ASP F 156 -24.91 18.65 -46.34
CA ASP F 156 -23.83 19.37 -45.66
C ASP F 156 -22.68 18.47 -45.26
N GLU F 157 -21.54 19.08 -44.89
CA GLU F 157 -20.31 18.42 -44.43
C GLU F 157 -19.74 17.41 -45.46
N ASN F 158 -19.59 17.85 -46.72
CA ASN F 158 -19.05 17.04 -47.81
C ASN F 158 -17.75 17.67 -48.36
N ARG F 159 -17.62 17.72 -49.69
CA ARG F 159 -16.48 18.30 -50.39
C ARG F 159 -17.02 19.03 -51.63
N ILE F 160 -18.28 19.52 -51.55
CA ILE F 160 -18.95 20.22 -52.65
C ILE F 160 -18.30 21.57 -52.94
N ALA F 161 -17.75 21.69 -54.16
CA ALA F 161 -17.06 22.88 -54.66
C ALA F 161 -17.89 23.59 -55.72
N VAL F 162 -18.67 22.83 -56.51
CA VAL F 162 -19.52 23.35 -57.58
C VAL F 162 -20.99 22.96 -57.44
N ILE F 163 -21.89 23.89 -57.79
CA ILE F 163 -23.35 23.72 -57.79
C ILE F 163 -23.89 24.18 -59.15
N SER F 164 -24.59 23.28 -59.86
CA SER F 164 -25.19 23.58 -61.16
C SER F 164 -26.56 24.23 -60.99
N ASP F 165 -26.99 25.00 -62.00
CA ASP F 165 -28.29 25.67 -62.01
C ASP F 165 -29.43 24.63 -62.09
N MET F 166 -29.20 23.53 -62.83
CA MET F 166 -30.15 22.44 -63.04
C MET F 166 -30.28 21.48 -61.86
N ALA F 167 -29.40 21.60 -60.84
CA ALA F 167 -29.43 20.77 -59.64
C ALA F 167 -30.66 21.09 -58.79
N PHE F 168 -31.10 22.36 -58.80
CA PHE F 168 -32.26 22.84 -58.07
C PHE F 168 -33.43 23.18 -59.00
N GLN F 169 -33.75 22.24 -59.91
CA GLN F 169 -34.85 22.32 -60.88
C GLN F 169 -36.04 21.54 -60.32
N ASN F 170 -37.27 22.09 -60.48
CA ASN F 170 -38.55 21.51 -60.03
C ASN F 170 -38.69 21.37 -58.49
N LEU F 171 -37.63 21.70 -57.73
CA LEU F 171 -37.63 21.65 -56.27
C LEU F 171 -38.26 22.94 -55.68
N THR F 172 -39.46 23.30 -56.20
CA THR F 172 -40.21 24.49 -55.78
C THR F 172 -40.74 24.34 -54.36
N SER F 173 -41.15 23.12 -54.00
CA SER F 173 -41.70 22.71 -52.71
C SER F 173 -40.68 22.69 -51.55
N LEU F 174 -39.37 22.83 -51.84
CA LEU F 174 -38.28 22.82 -50.84
C LEU F 174 -38.35 24.02 -49.90
N GLU F 175 -38.19 23.75 -48.59
CA GLU F 175 -38.24 24.74 -47.50
C GLU F 175 -36.91 24.95 -46.78
N ARG F 176 -36.15 23.86 -46.49
CA ARG F 176 -34.86 23.94 -45.80
C ARG F 176 -33.71 23.36 -46.61
N LEU F 177 -32.71 24.20 -46.90
CA LEU F 177 -31.51 23.82 -47.65
C LEU F 177 -30.26 24.12 -46.83
N ILE F 178 -29.52 23.05 -46.47
CA ILE F 178 -28.31 23.12 -45.64
C ILE F 178 -27.13 22.56 -46.43
N VAL F 179 -26.24 23.46 -46.90
CA VAL F 179 -25.07 23.15 -47.72
C VAL F 179 -23.75 23.58 -47.04
N ASP F 180 -23.75 23.64 -45.70
CA ASP F 180 -22.60 24.10 -44.93
C ASP F 180 -21.49 23.05 -44.73
N GLY F 181 -20.27 23.55 -44.53
CA GLY F 181 -19.08 22.74 -44.32
C GLY F 181 -18.56 22.08 -45.58
N ASN F 182 -18.51 22.85 -46.69
CA ASN F 182 -18.08 22.37 -48.01
C ASN F 182 -16.99 23.28 -48.62
N LEU F 183 -16.43 22.88 -49.78
CA LEU F 183 -15.38 23.64 -50.47
C LEU F 183 -15.99 24.62 -51.49
N LEU F 184 -17.20 25.13 -51.17
CA LEU F 184 -17.98 26.03 -52.00
C LEU F 184 -17.47 27.47 -52.01
N THR F 185 -17.30 28.03 -53.22
CA THR F 185 -16.85 29.40 -53.52
C THR F 185 -17.94 30.10 -54.35
N ASN F 186 -17.75 31.40 -54.68
CA ASN F 186 -18.72 32.14 -55.49
C ASN F 186 -18.66 31.74 -56.97
N LYS F 187 -17.51 31.19 -57.42
CA LYS F 187 -17.33 30.70 -58.78
C LYS F 187 -18.07 29.37 -58.95
N GLY F 188 -18.25 28.66 -57.84
CA GLY F 188 -18.93 27.38 -57.77
C GLY F 188 -20.43 27.45 -57.95
N ILE F 189 -21.06 28.50 -57.38
CA ILE F 189 -22.51 28.71 -57.47
C ILE F 189 -22.88 29.35 -58.82
N ALA F 190 -23.80 28.69 -59.54
CA ALA F 190 -24.31 29.11 -60.86
C ALA F 190 -25.15 30.39 -60.76
N GLU F 191 -25.18 31.19 -61.85
CA GLU F 191 -25.91 32.46 -61.94
C GLU F 191 -27.42 32.28 -61.66
N GLY F 192 -27.79 32.46 -60.39
CA GLY F 192 -29.16 32.34 -59.90
C GLY F 192 -29.69 30.93 -59.89
N THR F 193 -28.97 30.02 -59.22
CA THR F 193 -29.38 28.62 -59.10
C THR F 193 -30.53 28.47 -58.10
N PHE F 194 -30.44 29.15 -56.95
CA PHE F 194 -31.41 29.11 -55.86
C PHE F 194 -32.69 29.94 -56.11
N SER F 195 -32.69 30.79 -57.14
CA SER F 195 -33.80 31.68 -57.49
C SER F 195 -35.16 30.98 -57.70
N HIS F 196 -35.16 29.73 -58.16
CA HIS F 196 -36.38 28.97 -58.46
C HIS F 196 -36.93 28.15 -57.26
N LEU F 197 -36.57 28.54 -56.04
CA LEU F 197 -37.01 27.89 -54.81
C LEU F 197 -37.83 28.86 -53.97
N THR F 198 -39.01 29.21 -54.49
CA THR F 198 -39.96 30.15 -53.89
C THR F 198 -40.33 29.81 -52.44
N LYS F 199 -40.65 28.53 -52.17
CA LYS F 199 -41.08 28.07 -50.85
C LYS F 199 -39.93 27.94 -49.81
N LEU F 200 -38.67 28.23 -50.20
CA LEU F 200 -37.51 28.15 -49.30
C LEU F 200 -37.63 29.17 -48.16
N LYS F 201 -37.52 28.67 -46.92
CA LYS F 201 -37.64 29.43 -45.68
C LYS F 201 -36.31 29.60 -44.93
N GLU F 202 -35.44 28.57 -44.98
CA GLU F 202 -34.14 28.59 -44.31
C GLU F 202 -33.00 28.16 -45.25
N PHE F 203 -31.93 28.97 -45.28
CA PHE F 203 -30.76 28.71 -46.10
C PHE F 203 -29.47 28.86 -45.28
N SER F 204 -28.54 27.90 -45.43
CA SER F 204 -27.27 27.91 -44.70
C SER F 204 -26.06 27.40 -45.49
N ILE F 205 -25.03 28.27 -45.62
CA ILE F 205 -23.73 27.99 -46.24
C ILE F 205 -22.63 28.43 -45.25
N VAL F 206 -22.66 27.90 -44.02
CA VAL F 206 -21.68 28.24 -43.00
C VAL F 206 -20.42 27.39 -43.16
N ARG F 207 -19.26 27.91 -42.71
CA ARG F 207 -17.95 27.24 -42.80
C ARG F 207 -17.59 26.82 -44.25
N ASN F 208 -17.67 27.79 -45.19
CA ASN F 208 -17.33 27.55 -46.60
C ASN F 208 -16.20 28.46 -47.06
N SER F 209 -16.20 28.89 -48.34
CA SER F 209 -15.14 29.74 -48.90
C SER F 209 -15.70 30.90 -49.76
N LEU F 210 -16.92 31.38 -49.42
CA LEU F 210 -17.59 32.46 -50.16
C LEU F 210 -16.93 33.82 -49.94
N SER F 211 -16.68 34.56 -51.04
CA SER F 211 -16.06 35.90 -51.04
C SER F 211 -17.10 37.02 -50.86
N HIS F 212 -18.39 36.71 -51.11
CA HIS F 212 -19.57 37.58 -50.99
C HIS F 212 -20.86 36.71 -50.95
N PRO F 213 -22.03 37.19 -50.43
CA PRO F 213 -23.23 36.33 -50.39
C PRO F 213 -23.70 35.88 -51.79
N PRO F 214 -24.34 34.68 -51.92
CA PRO F 214 -24.79 34.24 -53.26
C PRO F 214 -25.87 35.16 -53.84
N PRO F 215 -25.65 35.71 -55.06
CA PRO F 215 -26.66 36.59 -55.64
C PRO F 215 -27.89 35.82 -56.12
N ASP F 216 -29.00 36.55 -56.31
CA ASP F 216 -30.30 36.05 -56.78
C ASP F 216 -30.86 34.95 -55.86
N LEU F 217 -31.08 35.32 -54.59
CA LEU F 217 -31.63 34.43 -53.57
C LEU F 217 -33.15 34.59 -53.50
N PRO F 218 -33.92 33.51 -53.20
CA PRO F 218 -35.38 33.66 -53.09
C PRO F 218 -35.77 34.42 -51.83
N GLY F 219 -36.66 35.40 -51.96
CA GLY F 219 -37.11 36.22 -50.84
C GLY F 219 -38.56 36.04 -50.45
N THR F 220 -39.34 35.38 -51.33
CA THR F 220 -40.78 35.10 -51.20
C THR F 220 -41.17 34.40 -49.90
N HIS F 221 -40.30 33.53 -49.37
CA HIS F 221 -40.59 32.80 -48.14
C HIS F 221 -39.41 32.74 -47.17
N LEU F 222 -38.20 33.18 -47.60
CA LEU F 222 -36.98 33.14 -46.78
C LEU F 222 -37.10 33.96 -45.50
N ILE F 223 -36.83 33.30 -44.36
CA ILE F 223 -36.90 33.85 -43.00
C ILE F 223 -35.52 33.85 -42.37
N ARG F 224 -34.78 32.73 -42.51
CA ARG F 224 -33.44 32.55 -41.91
C ARG F 224 -32.33 32.38 -42.97
N LEU F 225 -31.29 33.21 -42.87
CA LEU F 225 -30.13 33.18 -43.76
C LEU F 225 -28.83 33.17 -42.93
N TYR F 226 -28.03 32.10 -43.07
CA TYR F 226 -26.79 31.94 -42.32
C TYR F 226 -25.55 31.83 -43.22
N LEU F 227 -24.64 32.82 -43.09
CA LEU F 227 -23.40 32.96 -43.87
C LEU F 227 -22.19 33.18 -42.95
N GLN F 228 -21.84 32.17 -42.13
CA GLN F 228 -20.72 32.27 -41.18
C GLN F 228 -19.46 31.56 -41.69
N ASP F 229 -18.30 31.95 -41.13
CA ASP F 229 -16.99 31.38 -41.40
C ASP F 229 -16.66 31.22 -42.91
N ASN F 230 -16.89 32.29 -43.66
CA ASN F 230 -16.57 32.39 -45.06
C ASN F 230 -15.50 33.50 -45.17
N GLN F 231 -15.21 33.98 -46.38
CA GLN F 231 -14.24 35.05 -46.59
C GLN F 231 -14.94 36.26 -47.24
N ILE F 232 -16.15 36.61 -46.74
CA ILE F 232 -16.93 37.71 -47.29
C ILE F 232 -16.25 39.04 -46.98
N ASN F 233 -15.71 39.68 -48.03
CA ASN F 233 -14.99 40.96 -48.00
C ASN F 233 -15.97 42.10 -48.02
N HIS F 234 -16.99 42.01 -48.89
CA HIS F 234 -18.02 43.03 -49.02
C HIS F 234 -19.38 42.44 -49.38
N ILE F 235 -20.45 43.17 -49.05
CA ILE F 235 -21.81 42.77 -49.38
C ILE F 235 -22.37 43.78 -50.39
N PRO F 236 -22.77 43.33 -51.61
CA PRO F 236 -23.37 44.27 -52.58
C PRO F 236 -24.75 44.73 -52.12
N LEU F 237 -25.18 45.91 -52.57
CA LEU F 237 -26.46 46.49 -52.20
C LEU F 237 -27.64 45.60 -52.60
N THR F 238 -27.64 45.15 -53.87
CA THR F 238 -28.66 44.29 -54.50
C THR F 238 -28.84 42.92 -53.83
N ALA F 239 -27.80 42.42 -53.13
CA ALA F 239 -27.79 41.11 -52.47
C ALA F 239 -28.86 40.90 -51.39
N PHE F 240 -29.15 41.93 -50.58
CA PHE F 240 -30.13 41.76 -49.50
C PHE F 240 -31.50 42.37 -49.79
N ALA F 241 -31.67 43.03 -50.95
CA ALA F 241 -32.96 43.58 -51.38
C ALA F 241 -33.84 42.43 -51.88
N ASN F 242 -35.17 42.65 -51.89
CA ASN F 242 -36.19 41.69 -52.32
C ASN F 242 -36.28 40.43 -51.42
N LEU F 243 -35.77 40.55 -50.16
CA LEU F 243 -35.81 39.54 -49.10
C LEU F 243 -36.69 40.10 -47.96
N ARG F 244 -37.77 40.81 -48.35
CA ARG F 244 -38.73 41.52 -47.50
C ARG F 244 -39.42 40.65 -46.42
N LYS F 245 -39.16 39.34 -46.42
CA LYS F 245 -39.73 38.38 -45.46
C LYS F 245 -38.74 37.90 -44.39
N LEU F 246 -37.42 38.14 -44.59
CA LEU F 246 -36.34 37.71 -43.69
C LEU F 246 -36.45 38.26 -42.27
N GLU F 247 -36.14 37.41 -41.27
CA GLU F 247 -36.19 37.73 -39.85
C GLU F 247 -34.83 37.51 -39.16
N ARG F 248 -34.12 36.43 -39.51
CA ARG F 248 -32.83 36.09 -38.92
C ARG F 248 -31.70 36.06 -39.94
N LEU F 249 -30.69 36.94 -39.75
CA LEU F 249 -29.51 37.02 -40.61
C LEU F 249 -28.23 36.98 -39.78
N ASP F 250 -27.28 36.12 -40.20
CA ASP F 250 -25.99 35.99 -39.54
C ASP F 250 -24.88 36.05 -40.58
N ILE F 251 -23.97 37.03 -40.42
CA ILE F 251 -22.82 37.30 -41.30
C ILE F 251 -21.51 37.35 -40.50
N SER F 252 -21.48 36.68 -39.33
CA SER F 252 -20.33 36.66 -38.43
C SER F 252 -19.16 35.80 -38.94
N ASN F 253 -17.94 36.05 -38.38
CA ASN F 253 -16.67 35.37 -38.65
C ASN F 253 -16.22 35.48 -40.13
N ASN F 254 -16.33 36.70 -40.68
CA ASN F 254 -15.95 36.99 -42.07
C ASN F 254 -14.88 38.08 -42.16
N GLN F 255 -14.44 38.42 -43.39
CA GLN F 255 -13.44 39.44 -43.67
C GLN F 255 -14.08 40.81 -43.95
N LEU F 256 -15.33 41.02 -43.43
CA LEU F 256 -16.08 42.26 -43.63
C LEU F 256 -15.51 43.45 -42.86
N ARG F 257 -14.88 44.36 -43.61
CA ARG F 257 -14.24 45.57 -43.09
C ARG F 257 -15.20 46.72 -42.90
N MET F 258 -16.13 46.93 -43.86
CA MET F 258 -17.11 48.03 -43.85
C MET F 258 -18.31 47.75 -44.75
N LEU F 259 -19.45 48.42 -44.48
CA LEU F 259 -20.69 48.23 -45.24
C LEU F 259 -21.19 49.48 -45.93
N THR F 260 -21.81 49.29 -47.11
CA THR F 260 -22.41 50.38 -47.89
C THR F 260 -23.78 50.73 -47.31
N GLN F 261 -24.07 52.03 -47.19
CA GLN F 261 -25.32 52.55 -46.63
C GLN F 261 -26.54 52.00 -47.37
N GLY F 262 -27.51 51.54 -46.60
CA GLY F 262 -28.77 51.01 -47.12
C GLY F 262 -28.72 49.60 -47.66
N VAL F 263 -27.81 48.77 -47.14
CA VAL F 263 -27.70 47.38 -47.58
C VAL F 263 -28.82 46.52 -46.94
N PHE F 264 -29.36 46.98 -45.77
CA PHE F 264 -30.42 46.30 -45.01
C PHE F 264 -31.76 47.04 -45.06
N ASP F 265 -31.95 47.93 -46.05
CA ASP F 265 -33.16 48.75 -46.17
C ASP F 265 -34.45 48.01 -46.54
N HIS F 266 -34.34 46.80 -47.12
CA HIS F 266 -35.54 46.05 -47.50
C HIS F 266 -35.94 44.98 -46.49
N LEU F 267 -35.02 44.63 -45.56
CA LEU F 267 -35.24 43.63 -44.50
C LEU F 267 -36.09 44.25 -43.37
N SER F 268 -37.35 44.58 -43.71
CA SER F 268 -38.31 45.19 -42.78
C SER F 268 -38.78 44.25 -41.67
N ASN F 269 -38.86 42.94 -41.97
CA ASN F 269 -39.30 41.93 -41.01
C ASN F 269 -38.16 41.42 -40.11
N LEU F 270 -36.93 41.97 -40.28
CA LEU F 270 -35.73 41.56 -39.53
C LEU F 270 -35.85 41.73 -38.01
N LYS F 271 -35.70 40.59 -37.30
CA LYS F 271 -35.76 40.45 -35.85
C LYS F 271 -34.36 40.32 -35.23
N GLN F 272 -33.40 39.72 -35.96
CA GLN F 272 -32.02 39.56 -35.46
C GLN F 272 -30.94 39.58 -36.55
N LEU F 273 -29.88 40.36 -36.27
CA LEU F 273 -28.68 40.48 -37.12
C LEU F 273 -27.42 40.23 -36.27
N THR F 274 -26.54 39.33 -36.76
CA THR F 274 -25.30 38.96 -36.07
C THR F 274 -24.09 39.21 -36.98
N ALA F 275 -23.12 40.04 -36.49
CA ALA F 275 -21.92 40.41 -37.23
C ALA F 275 -20.65 40.39 -36.37
N ARG F 276 -20.51 39.36 -35.49
CA ARG F 276 -19.36 39.17 -34.60
C ARG F 276 -18.11 38.71 -35.37
N ASN F 277 -16.91 38.90 -34.79
CA ASN F 277 -15.61 38.49 -35.34
C ASN F 277 -15.35 38.94 -36.79
N ASN F 278 -15.64 40.22 -37.08
CA ASN F 278 -15.43 40.86 -38.37
C ASN F 278 -14.45 42.02 -38.20
N PRO F 279 -13.50 42.24 -39.14
CA PRO F 279 -12.52 43.33 -38.96
C PRO F 279 -13.08 44.71 -39.29
N TRP F 280 -14.12 45.14 -38.53
CA TRP F 280 -14.79 46.41 -38.71
C TRP F 280 -13.87 47.62 -38.54
N PHE F 281 -13.47 48.26 -39.66
CA PHE F 281 -12.64 49.47 -39.59
C PHE F 281 -13.58 50.64 -39.36
N CYS F 282 -13.45 51.28 -38.20
CA CYS F 282 -14.30 52.38 -37.75
C CYS F 282 -13.76 53.76 -38.12
N ASP F 283 -14.35 54.29 -39.18
CA ASP F 283 -14.10 55.62 -39.72
C ASP F 283 -15.47 56.15 -40.19
N CYS F 284 -15.52 56.89 -41.31
CA CYS F 284 -16.76 57.45 -41.83
C CYS F 284 -17.70 56.40 -42.43
N SER F 285 -17.15 55.23 -42.81
CA SER F 285 -17.90 54.13 -43.39
C SER F 285 -18.93 53.54 -42.44
N ILE F 286 -18.68 53.62 -41.12
CA ILE F 286 -19.58 53.08 -40.09
C ILE F 286 -20.48 54.17 -39.48
N LYS F 287 -20.42 55.42 -40.00
CA LYS F 287 -21.24 56.51 -39.48
C LYS F 287 -22.73 56.18 -39.63
N TRP F 288 -23.15 55.64 -40.80
CA TRP F 288 -24.53 55.25 -41.08
C TRP F 288 -25.00 54.12 -40.16
N VAL F 289 -24.08 53.20 -39.80
CA VAL F 289 -24.30 52.04 -38.92
C VAL F 289 -24.74 52.55 -37.55
N THR F 290 -24.06 53.59 -37.04
CA THR F 290 -24.33 54.23 -35.75
C THR F 290 -25.73 54.86 -35.77
N GLU F 291 -26.06 55.60 -36.85
CA GLU F 291 -27.35 56.25 -37.05
C GLU F 291 -28.48 55.22 -37.13
N TRP F 292 -28.26 54.15 -37.90
CA TRP F 292 -29.21 53.05 -38.11
C TRP F 292 -29.55 52.35 -36.79
N LEU F 293 -28.53 52.15 -35.93
CA LEU F 293 -28.68 51.53 -34.62
C LEU F 293 -29.37 52.46 -33.61
N LYS F 294 -29.35 53.78 -33.85
CA LYS F 294 -29.98 54.78 -32.99
C LYS F 294 -31.50 54.74 -33.13
N TYR F 295 -31.98 54.80 -34.38
CA TYR F 295 -33.41 54.83 -34.70
C TYR F 295 -34.06 53.44 -34.83
N ILE F 296 -33.29 52.37 -34.51
CA ILE F 296 -33.72 50.97 -34.58
C ILE F 296 -34.76 50.62 -33.49
N PRO F 297 -35.78 49.76 -33.79
CA PRO F 297 -36.75 49.41 -32.75
C PRO F 297 -36.23 48.31 -31.81
N SER F 298 -36.97 48.04 -30.72
CA SER F 298 -36.66 46.99 -29.74
C SER F 298 -36.82 45.60 -30.37
N SER F 299 -37.62 45.53 -31.46
CA SER F 299 -37.93 44.33 -32.24
C SER F 299 -36.67 43.72 -32.89
N LEU F 300 -35.70 44.58 -33.26
CA LEU F 300 -34.45 44.17 -33.90
C LEU F 300 -33.24 44.23 -32.96
N ASN F 301 -32.52 43.08 -32.86
CA ASN F 301 -31.31 42.93 -32.05
C ASN F 301 -30.12 42.79 -32.97
N VAL F 302 -29.24 43.78 -32.97
CA VAL F 302 -28.03 43.78 -33.79
C VAL F 302 -26.82 43.69 -32.87
N ARG F 303 -26.07 42.58 -32.96
CA ARG F 303 -24.91 42.31 -32.12
C ARG F 303 -23.68 41.88 -32.90
N GLY F 304 -22.52 42.40 -32.48
CA GLY F 304 -21.23 42.06 -33.08
C GLY F 304 -20.43 43.19 -33.69
N PHE F 305 -21.09 44.32 -34.00
CA PHE F 305 -20.45 45.47 -34.62
C PHE F 305 -19.45 46.17 -33.67
N MET F 306 -18.22 45.64 -33.63
CA MET F 306 -17.13 46.15 -32.80
C MET F 306 -15.86 46.37 -33.59
N CYS F 307 -15.29 47.57 -33.43
CA CYS F 307 -14.13 48.10 -34.14
C CYS F 307 -12.84 47.31 -33.96
N GLN F 308 -12.08 47.20 -35.07
CA GLN F 308 -10.77 46.56 -35.13
C GLN F 308 -9.69 47.58 -35.50
N GLY F 309 -10.13 48.72 -36.04
CA GLY F 309 -9.25 49.81 -36.47
C GLY F 309 -9.92 51.17 -36.50
N PRO F 310 -9.17 52.27 -36.29
CA PRO F 310 -7.73 52.35 -35.95
C PRO F 310 -7.47 52.05 -34.47
N GLU F 311 -6.23 52.29 -34.00
CA GLU F 311 -5.83 52.06 -32.60
C GLU F 311 -6.56 52.97 -31.61
N GLN F 312 -7.01 54.14 -32.08
CA GLN F 312 -7.73 55.16 -31.30
C GLN F 312 -9.12 54.69 -30.88
N VAL F 313 -9.82 53.94 -31.76
CA VAL F 313 -11.18 53.44 -31.52
C VAL F 313 -11.19 51.89 -31.44
N ARG F 314 -10.00 51.27 -31.30
CA ARG F 314 -9.82 49.82 -31.24
C ARG F 314 -10.60 49.15 -30.10
N GLY F 315 -11.29 48.06 -30.42
CA GLY F 315 -12.07 47.27 -29.49
C GLY F 315 -13.42 47.84 -29.07
N MET F 316 -13.71 49.09 -29.46
CA MET F 316 -14.96 49.78 -29.10
C MET F 316 -16.18 49.27 -29.90
N ALA F 317 -17.37 49.31 -29.27
CA ALA F 317 -18.64 48.92 -29.90
C ALA F 317 -19.22 50.12 -30.62
N VAL F 318 -19.57 49.97 -31.91
CA VAL F 318 -20.05 51.05 -32.79
C VAL F 318 -21.34 51.73 -32.26
N ARG F 319 -22.10 51.06 -31.36
CA ARG F 319 -23.36 51.55 -30.79
C ARG F 319 -23.24 52.93 -30.12
N GLU F 320 -22.04 53.27 -29.61
CA GLU F 320 -21.81 54.55 -28.94
C GLU F 320 -20.70 55.38 -29.61
N LEU F 321 -20.99 56.67 -29.86
CA LEU F 321 -20.10 57.66 -30.47
C LEU F 321 -19.66 58.71 -29.44
N ASN F 322 -18.59 59.46 -29.73
CA ASN F 322 -18.08 60.51 -28.85
C ASN F 322 -17.59 61.72 -29.62
N MET F 323 -18.00 62.94 -29.16
CA MET F 323 -17.71 64.25 -29.76
C MET F 323 -18.17 64.28 -31.23
N ASN F 324 -19.44 63.83 -31.45
CA ASN F 324 -20.11 63.69 -32.76
C ASN F 324 -19.26 62.83 -33.70
N LEU F 325 -18.86 61.61 -33.24
CA LEU F 325 -18.00 60.64 -33.96
C LEU F 325 -16.71 61.33 -34.47
N LEU F 326 -16.12 62.19 -33.60
CA LEU F 326 -14.92 63.02 -33.79
C LEU F 326 -15.17 64.13 -34.85
N SER F 327 -14.28 64.29 -35.85
CA SER F 327 -14.42 65.30 -36.91
C SER F 327 -14.91 64.73 -38.27
N CYS F 328 -15.48 63.50 -38.24
CA CYS F 328 -15.94 62.81 -39.43
C CYS F 328 -17.35 63.24 -39.93
N PRO F 329 -18.47 63.11 -39.16
CA PRO F 329 -19.78 63.45 -39.72
C PRO F 329 -20.03 64.92 -40.01
N THR F 330 -21.06 65.17 -40.83
CA THR F 330 -21.47 66.49 -41.27
C THR F 330 -23.00 66.63 -41.24
N ARG F 331 -23.47 67.89 -41.29
CA ARG F 331 -24.87 68.27 -41.35
C ARG F 331 -25.31 68.39 -42.83
N THR F 332 -24.32 68.35 -43.76
CA THR F 332 -24.45 68.47 -45.22
C THR F 332 -25.19 69.78 -45.59
N LYS F 333 -24.88 70.84 -44.84
CA LYS F 333 -25.49 72.16 -44.96
C LYS F 333 -24.72 73.10 -45.91
N HIS F 334 -25.45 74.07 -46.50
CA HIS F 334 -24.88 75.05 -47.41
C HIS F 334 -24.49 76.34 -46.69
N HIS F 335 -23.74 77.23 -47.37
CA HIS F 335 -23.25 78.50 -46.85
C HIS F 335 -24.37 79.52 -46.67
N VAL G 8 -3.93 21.95 12.98
CA VAL G 8 -2.57 22.32 12.61
C VAL G 8 -2.38 22.12 11.10
N VAL G 9 -1.78 23.14 10.42
CA VAL G 9 -1.50 23.14 8.98
C VAL G 9 -0.52 22.01 8.61
N ARG G 10 -0.82 21.27 7.53
CA ARG G 10 -0.03 20.14 7.05
C ARG G 10 0.21 20.16 5.55
N ARG G 11 1.10 19.27 5.08
CA ARG G 11 1.46 19.09 3.67
C ARG G 11 1.58 17.61 3.36
N GLU G 12 0.83 17.15 2.34
CA GLU G 12 0.85 15.76 1.90
C GLU G 12 1.13 15.63 0.41
N LEU G 13 2.13 14.79 0.07
CA LEU G 13 2.55 14.60 -1.32
C LEU G 13 2.67 13.12 -1.69
N SER G 14 2.20 12.78 -2.91
CA SER G 14 2.27 11.43 -3.47
C SER G 14 2.26 11.48 -5.00
N CYS G 15 3.19 10.75 -5.64
CA CYS G 15 3.33 10.68 -7.10
C CYS G 15 2.16 9.92 -7.76
N GLU G 16 2.16 9.83 -9.11
CA GLU G 16 1.11 9.16 -9.91
C GLU G 16 0.99 7.68 -9.54
N SER G 17 -0.26 7.17 -9.48
CA SER G 17 -0.67 5.80 -9.14
C SER G 17 -0.29 5.39 -7.69
N TYR G 18 0.17 6.34 -6.86
CA TYR G 18 0.53 6.13 -5.45
C TYR G 18 -0.55 6.74 -4.56
N PRO G 19 -1.31 5.90 -3.80
CA PRO G 19 -2.38 6.46 -2.95
C PRO G 19 -1.87 7.32 -1.80
N ILE G 20 -2.64 8.37 -1.46
CA ILE G 20 -2.33 9.32 -0.39
C ILE G 20 -3.18 9.02 0.87
N GLU G 21 -2.62 9.29 2.05
CA GLU G 21 -3.31 9.06 3.33
C GLU G 21 -3.36 10.32 4.18
N LEU G 22 -4.56 10.62 4.72
CA LEU G 22 -4.82 11.79 5.55
C LEU G 22 -5.53 11.35 6.84
N ARG G 23 -4.99 11.77 8.00
CA ARG G 23 -5.56 11.42 9.31
C ARG G 23 -5.26 12.48 10.36
N CYS G 24 -6.32 12.93 11.05
CA CYS G 24 -6.26 13.93 12.13
C CYS G 24 -6.24 13.21 13.50
N PRO G 25 -5.58 13.76 14.55
CA PRO G 25 -5.54 13.07 15.86
C PRO G 25 -6.87 13.04 16.59
N GLY G 26 -7.16 11.88 17.20
CA GLY G 26 -8.37 11.64 17.97
C GLY G 26 -9.63 11.56 17.14
N THR G 27 -10.56 12.51 17.35
CA THR G 27 -11.83 12.60 16.64
C THR G 27 -11.92 13.87 15.77
N ASP G 28 -10.77 14.53 15.51
CA ASP G 28 -10.68 15.74 14.68
C ASP G 28 -10.97 15.46 13.20
N VAL G 29 -11.55 16.45 12.50
CA VAL G 29 -11.94 16.36 11.10
C VAL G 29 -10.91 17.06 10.17
N ILE G 30 -10.71 16.49 8.96
CA ILE G 30 -9.80 17.02 7.94
C ILE G 30 -10.49 18.17 7.16
N MET G 31 -9.74 19.26 6.89
CA MET G 31 -10.23 20.43 6.15
C MET G 31 -9.19 20.86 5.09
N ILE G 32 -9.52 20.69 3.78
CA ILE G 32 -8.63 21.05 2.65
C ILE G 32 -8.63 22.57 2.44
N GLU G 33 -7.44 23.16 2.16
CA GLU G 33 -7.32 24.59 1.86
C GLU G 33 -6.82 24.83 0.44
N SER G 34 -5.80 24.07 -0.01
CA SER G 34 -5.24 24.17 -1.36
C SER G 34 -4.86 22.79 -1.91
N ALA G 35 -5.31 22.48 -3.13
CA ALA G 35 -5.03 21.20 -3.79
C ALA G 35 -4.77 21.35 -5.29
N ASN G 36 -3.75 20.64 -5.80
CA ASN G 36 -3.35 20.63 -7.21
C ASN G 36 -2.84 19.25 -7.63
N TYR G 37 -3.31 18.78 -8.80
CA TYR G 37 -2.94 17.50 -9.38
C TYR G 37 -2.26 17.75 -10.74
N GLY G 38 -0.93 17.69 -10.73
CA GLY G 38 -0.11 17.93 -11.92
C GLY G 38 1.36 18.07 -11.60
N ARG G 39 2.00 19.14 -12.11
CA ARG G 39 3.42 19.41 -11.89
C ARG G 39 3.76 20.90 -11.78
N THR G 40 4.37 21.27 -10.64
CA THR G 40 4.83 22.64 -10.33
C THR G 40 6.35 22.62 -10.15
N ASP G 41 6.89 21.57 -9.49
CA ASP G 41 8.32 21.34 -9.26
C ASP G 41 8.71 19.99 -9.89
N ASP G 42 9.94 19.89 -10.43
CA ASP G 42 10.42 18.68 -11.11
C ASP G 42 11.28 17.74 -10.25
N LYS G 43 11.98 18.28 -9.24
CA LYS G 43 12.89 17.51 -8.38
C LYS G 43 12.22 16.74 -7.24
N ILE G 44 10.92 17.02 -6.95
CA ILE G 44 10.18 16.35 -5.85
C ILE G 44 9.96 14.86 -6.15
N CYS G 45 9.27 14.53 -7.25
CA CYS G 45 9.02 13.15 -7.67
C CYS G 45 10.25 12.59 -8.39
N ASP G 46 10.36 11.25 -8.50
CA ASP G 46 11.47 10.59 -9.19
C ASP G 46 10.95 9.68 -10.30
N SER G 47 11.25 10.05 -11.55
CA SER G 47 10.85 9.35 -12.77
C SER G 47 11.80 9.70 -13.94
N ASP G 48 11.33 9.53 -15.18
CA ASP G 48 12.08 9.81 -16.41
C ASP G 48 12.36 11.32 -16.56
N PRO G 49 13.59 11.72 -16.99
CA PRO G 49 13.89 13.16 -17.11
C PRO G 49 13.13 13.92 -18.20
N ALA G 50 12.56 13.20 -19.19
CA ALA G 50 11.80 13.79 -20.30
C ALA G 50 10.50 14.46 -19.83
N GLN G 51 9.85 13.91 -18.78
CA GLN G 51 8.62 14.44 -18.20
C GLN G 51 8.89 15.66 -17.30
N MET G 52 10.12 15.74 -16.76
CA MET G 52 10.58 16.82 -15.86
C MET G 52 11.10 18.02 -16.65
N GLU G 53 11.09 19.22 -16.01
CA GLU G 53 11.57 20.51 -16.54
C GLU G 53 10.93 20.91 -17.90
N ASN G 54 9.66 20.52 -18.13
CA ASN G 54 8.96 20.82 -19.39
C ASN G 54 7.48 21.18 -19.24
N ILE G 55 6.79 20.71 -18.16
CA ILE G 55 5.35 20.92 -18.03
C ILE G 55 4.96 21.69 -16.74
N ARG G 56 4.06 22.69 -16.91
CA ARG G 56 3.43 23.55 -15.91
C ARG G 56 1.97 23.06 -15.88
N CYS G 57 1.77 21.89 -15.24
CA CYS G 57 0.47 21.21 -15.18
C CYS G 57 -0.36 21.59 -13.98
N TYR G 58 -1.64 21.92 -14.23
CA TYR G 58 -2.60 22.33 -13.20
C TYR G 58 -3.97 21.68 -13.37
N LEU G 59 -4.66 21.45 -12.24
CA LEU G 59 -6.02 20.90 -12.18
C LEU G 59 -6.80 21.66 -11.09
N PRO G 60 -7.75 22.54 -11.48
CA PRO G 60 -8.49 23.30 -10.47
C PRO G 60 -9.49 22.47 -9.67
N ASP G 61 -10.15 21.49 -10.34
CA ASP G 61 -11.15 20.59 -9.76
C ASP G 61 -10.61 19.71 -8.63
N ALA G 62 -9.28 19.70 -8.41
CA ALA G 62 -8.61 18.95 -7.35
C ALA G 62 -9.19 19.21 -5.96
N TYR G 63 -9.48 20.48 -5.63
CA TYR G 63 -10.06 20.90 -4.36
C TYR G 63 -11.49 20.35 -4.19
N LYS G 64 -12.30 20.40 -5.26
CA LYS G 64 -13.68 19.91 -5.29
C LYS G 64 -13.77 18.42 -5.02
N ILE G 65 -12.82 17.63 -5.56
CA ILE G 65 -12.74 16.17 -5.40
C ILE G 65 -12.38 15.80 -3.95
N MET G 66 -11.33 16.46 -3.39
CA MET G 66 -10.84 16.24 -2.03
C MET G 66 -11.86 16.62 -0.95
N SER G 67 -12.63 17.70 -1.19
CA SER G 67 -13.67 18.18 -0.27
C SER G 67 -14.85 17.22 -0.20
N GLN G 68 -15.15 16.52 -1.30
CA GLN G 68 -16.25 15.56 -1.39
C GLN G 68 -15.91 14.20 -0.75
N ARG G 69 -14.61 13.90 -0.56
CA ARG G 69 -14.17 12.63 0.00
C ARG G 69 -13.52 12.71 1.39
N CYS G 70 -12.54 13.63 1.56
CA CYS G 70 -11.78 13.77 2.80
C CYS G 70 -12.43 14.67 3.86
N ASN G 71 -13.03 15.80 3.46
CA ASN G 71 -13.66 16.74 4.39
C ASN G 71 -14.84 16.14 5.16
N ASN G 72 -14.97 16.56 6.44
CA ASN G 72 -15.98 16.13 7.41
C ASN G 72 -15.85 14.62 7.74
N ARG G 73 -14.58 14.13 7.78
CA ARG G 73 -14.20 12.74 8.09
C ARG G 73 -12.89 12.69 8.88
N THR G 74 -12.73 11.66 9.73
CA THR G 74 -11.56 11.43 10.58
C THR G 74 -10.33 10.98 9.77
N GLN G 75 -10.51 9.93 8.93
CA GLN G 75 -9.45 9.37 8.08
C GLN G 75 -9.85 9.38 6.59
N CYS G 76 -8.86 9.56 5.69
CA CYS G 76 -9.08 9.61 4.25
C CYS G 76 -7.98 8.92 3.44
N ALA G 77 -8.40 8.18 2.40
CA ALA G 77 -7.52 7.46 1.48
C ALA G 77 -8.03 7.65 0.04
N VAL G 78 -7.31 8.46 -0.75
CA VAL G 78 -7.67 8.78 -2.14
C VAL G 78 -6.54 8.33 -3.07
N VAL G 79 -6.86 7.43 -4.01
CA VAL G 79 -5.91 6.90 -4.99
C VAL G 79 -5.67 7.96 -6.08
N ALA G 80 -4.47 8.57 -6.08
CA ALA G 80 -4.09 9.59 -7.05
C ALA G 80 -3.83 8.97 -8.43
N GLY G 81 -4.93 8.73 -9.16
CA GLY G 81 -4.90 8.13 -10.49
C GLY G 81 -6.09 8.50 -11.35
N PRO G 82 -6.34 7.77 -12.47
CA PRO G 82 -7.48 8.11 -13.34
C PRO G 82 -8.85 7.71 -12.78
N ASP G 83 -8.87 6.90 -11.71
CA ASP G 83 -10.10 6.43 -11.07
C ASP G 83 -10.79 7.54 -10.26
N VAL G 84 -9.99 8.49 -9.71
CA VAL G 84 -10.51 9.59 -8.89
C VAL G 84 -10.19 10.97 -9.50
N PHE G 85 -9.08 11.09 -10.26
CA PHE G 85 -8.66 12.34 -10.87
C PHE G 85 -8.53 12.30 -12.40
N PRO G 86 -9.22 13.21 -13.14
CA PRO G 86 -9.07 13.21 -14.61
C PRO G 86 -7.71 13.76 -15.03
N ASP G 87 -7.09 13.16 -16.07
CA ASP G 87 -5.77 13.54 -16.58
C ASP G 87 -5.77 14.94 -17.26
N PRO G 88 -5.08 15.96 -16.68
CA PRO G 88 -5.05 17.27 -17.32
C PRO G 88 -4.04 17.39 -18.47
N CYS G 89 -2.81 16.86 -18.27
CA CYS G 89 -1.74 16.86 -19.26
C CYS G 89 -1.23 15.43 -19.55
N PRO G 90 -1.45 14.90 -20.77
CA PRO G 90 -1.00 13.53 -21.06
C PRO G 90 0.50 13.44 -21.31
N GLY G 91 1.07 12.27 -20.99
CA GLY G 91 2.50 12.00 -21.15
C GLY G 91 3.38 12.74 -20.16
N THR G 92 2.82 13.03 -18.97
CA THR G 92 3.50 13.74 -17.89
C THR G 92 3.21 13.03 -16.57
N TYR G 93 4.28 12.67 -15.82
CA TYR G 93 4.16 12.00 -14.53
C TYR G 93 3.71 13.04 -13.49
N LYS G 94 2.45 12.92 -13.04
CA LYS G 94 1.82 13.86 -12.11
C LYS G 94 1.95 13.46 -10.63
N TYR G 95 1.54 14.37 -9.72
CA TYR G 95 1.54 14.17 -8.28
C TYR G 95 0.42 14.99 -7.61
N LEU G 96 0.07 14.65 -6.35
CA LEU G 96 -0.98 15.34 -5.60
C LEU G 96 -0.42 16.14 -4.41
N GLU G 97 -0.57 17.48 -4.47
CA GLU G 97 -0.13 18.41 -3.42
C GLU G 97 -1.37 18.90 -2.65
N VAL G 98 -1.49 18.52 -1.36
CA VAL G 98 -2.64 18.88 -0.51
C VAL G 98 -2.20 19.55 0.80
N GLN G 99 -2.82 20.70 1.14
CA GLN G 99 -2.60 21.45 2.37
C GLN G 99 -3.87 21.35 3.22
N TYR G 100 -3.78 20.69 4.39
CA TYR G 100 -4.94 20.48 5.26
C TYR G 100 -4.70 20.80 6.74
N GLU G 101 -5.79 21.18 7.44
CA GLU G 101 -5.82 21.58 8.85
C GLU G 101 -6.84 20.74 9.64
N CYS G 102 -6.53 20.44 10.92
CA CYS G 102 -7.42 19.67 11.80
C CYS G 102 -8.33 20.60 12.61
N VAL G 103 -9.65 20.43 12.46
CA VAL G 103 -10.70 21.23 13.10
C VAL G 103 -11.76 20.32 13.79
N PRO G 104 -12.72 20.83 14.65
CA PRO G 104 -13.71 19.93 15.27
C PRO G 104 -14.56 19.11 14.30
N TYR G 105 -15.12 17.98 14.81
CA TYR G 105 -15.90 16.98 14.08
C TYR G 105 -17.35 17.35 13.69
N LYS G 106 -18.02 18.25 14.45
CA LYS G 106 -19.41 18.65 14.22
C LYS G 106 -19.68 19.17 12.80
N VAL G 107 -20.63 18.52 12.10
CA VAL G 107 -21.03 18.83 10.72
C VAL G 107 -22.50 19.32 10.66
N GLU G 108 -22.84 20.10 9.60
CA GLU G 108 -24.18 20.65 9.36
C GLU G 108 -25.23 19.57 9.03
N GLN G 109 -26.52 19.92 9.12
CA GLN G 109 -27.64 19.02 8.85
C GLN G 109 -28.61 19.54 7.76
N LYS G 110 -29.19 18.59 6.98
CA LYS G 110 -30.18 18.74 5.90
C LYS G 110 -29.66 19.46 4.61
N VAL G 111 -28.38 19.88 4.57
CA VAL G 111 -27.77 20.56 3.41
C VAL G 111 -27.49 19.49 2.32
N PHE G 112 -26.54 18.59 2.59
CA PHE G 112 -26.15 17.48 1.72
C PHE G 112 -27.14 16.32 1.96
N LEU G 113 -27.72 16.28 3.18
CA LEU G 113 -28.65 15.26 3.67
C LEU G 113 -30.00 15.18 2.95
N CYS G 114 -30.48 13.93 2.83
CA CYS G 114 -31.74 13.51 2.24
C CYS G 114 -32.95 14.04 3.04
N PRO G 115 -33.91 14.74 2.39
CA PRO G 115 -35.07 15.25 3.13
C PRO G 115 -36.10 14.17 3.52
N GLY G 116 -35.95 12.98 2.94
CA GLY G 116 -36.80 11.83 3.23
C GLY G 116 -37.38 11.13 2.02
N LEU G 117 -38.37 10.26 2.28
CA LEU G 117 -39.08 9.50 1.25
C LEU G 117 -40.23 10.37 0.71
N LEU G 118 -40.50 10.31 -0.60
CA LEU G 118 -41.57 11.07 -1.23
C LEU G 118 -42.94 10.54 -0.77
N LYS G 119 -43.76 11.44 -0.21
CA LYS G 119 -45.09 11.13 0.31
C LYS G 119 -46.21 11.53 -0.65
N GLY G 120 -46.01 12.65 -1.36
CA GLY G 120 -46.98 13.18 -2.32
C GLY G 120 -46.44 14.30 -3.19
N VAL G 121 -46.95 14.38 -4.43
CA VAL G 121 -46.56 15.41 -5.39
C VAL G 121 -47.75 16.33 -5.66
N TYR G 122 -47.57 17.64 -5.45
CA TYR G 122 -48.61 18.66 -5.65
C TYR G 122 -48.15 19.75 -6.62
N GLN G 123 -49.11 20.43 -7.27
CA GLN G 123 -48.85 21.53 -8.21
C GLN G 123 -48.38 22.76 -7.44
N SER G 124 -47.32 23.43 -7.94
CA SER G 124 -46.77 24.61 -7.26
C SER G 124 -46.80 25.89 -8.10
N GLU G 125 -46.06 25.92 -9.22
CA GLU G 125 -45.96 27.10 -10.09
C GLU G 125 -46.19 26.77 -11.56
N HIS G 126 -46.79 27.73 -12.28
CA HIS G 126 -46.99 27.66 -13.73
C HIS G 126 -46.39 28.93 -14.30
N LEU G 127 -45.26 28.77 -15.02
CA LEU G 127 -44.52 29.89 -15.60
C LEU G 127 -45.15 30.40 -16.89
N PHE G 128 -45.12 29.58 -17.96
CA PHE G 128 -45.67 29.93 -19.28
C PHE G 128 -45.98 28.69 -20.13
N GLU G 129 -46.45 28.93 -21.36
CA GLU G 129 -46.76 27.90 -22.35
C GLU G 129 -45.81 28.12 -23.54
N SER G 130 -44.73 27.32 -23.61
CA SER G 130 -43.71 27.37 -24.66
C SER G 130 -44.25 27.00 -26.04
N ASP G 131 -43.54 27.44 -27.09
CA ASP G 131 -43.85 27.18 -28.50
C ASP G 131 -43.71 25.69 -28.89
N HIS G 132 -42.87 24.94 -28.14
CA HIS G 132 -42.60 23.51 -28.35
C HIS G 132 -43.35 22.63 -27.35
N GLN G 133 -43.88 21.47 -27.81
CA GLN G 133 -44.60 20.51 -26.98
C GLN G 133 -43.64 19.81 -26.03
N SER G 134 -42.43 19.50 -26.51
CA SER G 134 -41.40 18.81 -25.75
C SER G 134 -40.14 19.65 -25.55
N GLY G 135 -39.48 19.41 -24.43
CA GLY G 135 -38.27 20.08 -24.03
C GLY G 135 -37.96 19.85 -22.56
N ALA G 136 -36.91 20.52 -22.05
CA ALA G 136 -36.54 20.38 -20.65
C ALA G 136 -35.91 21.65 -20.11
N TRP G 137 -36.17 21.91 -18.84
CA TRP G 137 -35.67 23.09 -18.13
C TRP G 137 -35.20 22.69 -16.73
N CYS G 138 -34.10 23.29 -16.26
CA CYS G 138 -33.48 23.01 -14.96
C CYS G 138 -32.60 24.15 -14.47
N LYS G 139 -32.21 24.08 -13.19
CA LYS G 139 -31.30 25.04 -12.57
C LYS G 139 -30.07 24.27 -12.09
N ASP G 140 -28.96 25.00 -11.81
CA ASP G 140 -27.74 24.37 -11.28
C ASP G 140 -27.85 24.34 -9.74
N PRO G 141 -27.96 23.14 -9.12
CA PRO G 141 -28.15 23.09 -7.66
C PRO G 141 -26.88 23.34 -6.84
N LEU G 142 -25.69 23.18 -7.46
CA LEU G 142 -24.40 23.38 -6.79
C LEU G 142 -24.09 24.87 -6.64
N GLN G 143 -24.26 25.65 -7.71
CA GLN G 143 -24.02 27.09 -7.71
C GLN G 143 -25.23 27.86 -7.18
N ALA G 144 -25.03 28.66 -6.12
CA ALA G 144 -26.07 29.47 -5.49
C ALA G 144 -26.44 30.67 -6.37
N SER G 145 -27.26 30.41 -7.41
CA SER G 145 -27.72 31.41 -8.37
C SER G 145 -29.12 31.10 -8.88
N ASP G 146 -29.87 32.16 -9.24
CA ASP G 146 -31.24 32.09 -9.76
C ASP G 146 -31.29 31.93 -11.29
N LYS G 147 -30.21 31.37 -11.89
CA LYS G 147 -30.08 31.13 -13.33
C LYS G 147 -30.90 29.94 -13.79
N ILE G 148 -31.69 30.11 -14.87
CA ILE G 148 -32.53 29.05 -15.45
C ILE G 148 -32.02 28.64 -16.84
N TYR G 149 -31.78 27.33 -17.02
CA TYR G 149 -31.28 26.74 -18.26
C TYR G 149 -32.45 26.08 -18.99
N TYR G 150 -32.70 26.52 -20.23
CA TYR G 150 -33.83 26.13 -21.07
C TYR G 150 -33.37 25.53 -22.39
N MET G 151 -33.95 24.37 -22.77
CA MET G 151 -33.62 23.67 -24.02
C MET G 151 -34.82 22.90 -24.61
N PRO G 152 -35.65 23.55 -25.45
CA PRO G 152 -36.79 22.84 -26.07
C PRO G 152 -36.34 21.88 -27.16
N TRP G 153 -36.93 20.68 -27.20
CA TRP G 153 -36.55 19.63 -28.15
C TRP G 153 -37.19 19.78 -29.55
N THR G 154 -36.31 19.82 -30.57
CA THR G 154 -36.63 19.88 -31.99
C THR G 154 -35.95 18.66 -32.65
N PRO G 155 -36.71 17.66 -33.18
CA PRO G 155 -36.05 16.47 -33.75
C PRO G 155 -35.05 16.77 -34.85
N TYR G 156 -33.85 16.18 -34.72
CA TYR G 156 -32.69 16.30 -35.62
C TYR G 156 -32.21 17.77 -35.80
N ARG G 157 -32.54 18.66 -34.84
CA ARG G 157 -32.20 20.09 -34.90
C ARG G 157 -31.80 20.73 -33.56
N THR G 158 -31.87 19.99 -32.43
CA THR G 158 -31.51 20.53 -31.12
C THR G 158 -30.00 20.66 -31.00
N ASP G 159 -29.50 21.90 -30.86
CA ASP G 159 -28.06 22.20 -30.74
C ASP G 159 -27.74 23.48 -29.94
N THR G 160 -28.74 24.04 -29.23
CA THR G 160 -28.56 25.26 -28.42
C THR G 160 -29.20 25.19 -27.03
N LEU G 161 -28.51 25.78 -26.05
CA LEU G 161 -28.97 25.88 -24.67
C LEU G 161 -29.12 27.37 -24.33
N THR G 162 -30.28 27.75 -23.78
CA THR G 162 -30.59 29.14 -23.42
C THR G 162 -30.50 29.39 -21.90
N GLU G 163 -29.79 30.48 -21.51
CA GLU G 163 -29.60 30.87 -20.11
C GLU G 163 -30.41 32.13 -19.80
N TYR G 164 -31.12 32.11 -18.67
CA TYR G 164 -31.94 33.23 -18.19
C TYR G 164 -31.44 33.71 -16.84
N SER G 165 -31.38 35.04 -16.64
CA SER G 165 -30.89 35.66 -15.41
C SER G 165 -31.73 35.37 -14.16
N SER G 166 -33.06 35.40 -14.30
CA SER G 166 -33.99 35.16 -13.18
C SER G 166 -35.32 34.54 -13.65
N LYS G 167 -36.20 34.22 -12.69
CA LYS G 167 -37.53 33.64 -12.89
C LYS G 167 -38.42 34.61 -13.69
N ASP G 168 -38.36 35.92 -13.35
CA ASP G 168 -39.11 36.99 -13.99
C ASP G 168 -38.76 37.12 -15.48
N ASP G 169 -37.46 36.98 -15.81
CA ASP G 169 -36.96 37.05 -17.18
C ASP G 169 -37.35 35.83 -17.99
N PHE G 170 -37.46 34.65 -17.33
CA PHE G 170 -37.84 33.40 -17.96
C PHE G 170 -39.30 33.41 -18.44
N ILE G 171 -40.21 33.99 -17.63
CA ILE G 171 -41.64 34.11 -17.96
C ILE G 171 -41.80 35.16 -19.07
N ALA G 172 -41.14 36.32 -18.92
CA ALA G 172 -41.17 37.44 -19.88
C ALA G 172 -40.45 37.13 -21.21
N GLY G 173 -39.61 36.08 -21.21
CA GLY G 173 -38.86 35.66 -22.39
C GLY G 173 -37.71 36.59 -22.72
N ARG G 174 -36.93 36.98 -21.69
CA ARG G 174 -35.77 37.85 -21.79
C ARG G 174 -34.49 37.02 -21.49
N PRO G 175 -33.83 36.45 -22.52
CA PRO G 175 -32.64 35.63 -22.25
C PRO G 175 -31.37 36.43 -22.06
N THR G 176 -30.45 35.86 -21.26
CA THR G 176 -29.15 36.46 -20.95
C THR G 176 -28.16 36.10 -22.07
N THR G 177 -27.95 34.78 -22.31
CA THR G 177 -27.05 34.26 -23.33
C THR G 177 -27.48 32.87 -23.82
N THR G 178 -27.12 32.54 -25.08
CA THR G 178 -27.41 31.25 -25.72
C THR G 178 -26.09 30.58 -26.10
N TYR G 179 -25.93 29.33 -25.66
CA TYR G 179 -24.73 28.52 -25.89
C TYR G 179 -24.87 27.70 -27.17
N LYS G 180 -23.85 27.77 -28.05
CA LYS G 180 -23.82 26.98 -29.29
C LYS G 180 -23.03 25.71 -29.02
N LEU G 181 -23.76 24.60 -28.88
CA LEU G 181 -23.24 23.28 -28.57
C LEU G 181 -22.43 22.65 -29.69
N PRO G 182 -21.35 21.88 -29.36
CA PRO G 182 -20.53 21.28 -30.44
C PRO G 182 -21.20 20.12 -31.18
N HIS G 183 -22.24 19.51 -30.57
CA HIS G 183 -22.94 18.37 -31.15
C HIS G 183 -24.46 18.49 -31.02
N ARG G 184 -25.21 17.72 -31.83
CA ARG G 184 -26.68 17.69 -31.77
C ARG G 184 -27.10 16.88 -30.54
N VAL G 185 -28.15 17.36 -29.83
CA VAL G 185 -28.64 16.71 -28.61
C VAL G 185 -29.81 15.76 -28.93
N ASP G 186 -29.82 14.59 -28.27
CA ASP G 186 -30.85 13.57 -28.41
C ASP G 186 -31.71 13.50 -27.15
N GLY G 187 -33.01 13.70 -27.33
CA GLY G 187 -33.99 13.66 -26.25
C GLY G 187 -33.95 14.82 -25.27
N THR G 188 -34.88 14.80 -24.31
CA THR G 188 -35.02 15.82 -23.26
C THR G 188 -33.98 15.66 -22.14
N GLY G 189 -33.48 14.43 -21.97
CA GLY G 189 -32.49 14.06 -20.96
C GLY G 189 -31.23 14.89 -20.95
N PHE G 190 -31.14 15.84 -19.98
CA PHE G 190 -30.01 16.76 -19.76
C PHE G 190 -30.12 17.46 -18.39
N VAL G 191 -28.97 17.92 -17.85
CA VAL G 191 -28.83 18.65 -16.58
C VAL G 191 -27.57 19.53 -16.58
N VAL G 192 -27.49 20.45 -15.61
CA VAL G 192 -26.34 21.33 -15.40
C VAL G 192 -25.80 21.01 -13.99
N TYR G 193 -24.53 20.60 -13.93
CA TYR G 193 -23.83 20.23 -12.70
C TYR G 193 -22.55 21.05 -12.54
N ASP G 194 -22.56 22.00 -11.59
CA ASP G 194 -21.45 22.90 -11.21
C ASP G 194 -20.82 23.64 -12.42
N GLY G 195 -21.64 24.47 -13.07
CA GLY G 195 -21.24 25.28 -14.22
C GLY G 195 -20.85 24.53 -15.47
N ALA G 196 -21.28 23.26 -15.59
CA ALA G 196 -21.01 22.39 -16.73
C ALA G 196 -22.26 21.68 -17.18
N LEU G 197 -22.42 21.52 -18.49
CA LEU G 197 -23.58 20.88 -19.10
C LEU G 197 -23.30 19.45 -19.52
N PHE G 198 -24.17 18.54 -19.08
CA PHE G 198 -24.12 17.12 -19.41
C PHE G 198 -25.33 16.80 -20.28
N PHE G 199 -25.09 16.20 -21.45
CA PHE G 199 -26.15 15.87 -22.40
C PHE G 199 -25.84 14.62 -23.21
N ASN G 200 -26.86 14.07 -23.88
CA ASN G 200 -26.71 12.89 -24.73
C ASN G 200 -26.50 13.35 -26.18
N LYS G 201 -25.35 12.98 -26.77
CA LYS G 201 -25.00 13.31 -28.16
C LYS G 201 -25.84 12.44 -29.11
N GLU G 202 -26.40 13.05 -30.19
CA GLU G 202 -27.25 12.41 -31.20
C GLU G 202 -26.58 11.19 -31.85
N ARG G 203 -27.36 10.10 -32.01
CA ARG G 203 -26.96 8.81 -32.60
C ARG G 203 -25.78 8.15 -31.88
N THR G 204 -25.64 8.38 -30.55
CA THR G 204 -24.59 7.80 -29.69
C THR G 204 -25.05 7.60 -28.25
N ARG G 205 -24.45 6.59 -27.58
CA ARG G 205 -24.65 6.26 -26.17
C ARG G 205 -23.62 7.05 -25.31
N ASN G 206 -23.24 8.27 -25.76
CA ASN G 206 -22.24 9.10 -25.10
C ASN G 206 -22.79 10.35 -24.42
N ILE G 207 -22.22 10.69 -23.25
CA ILE G 207 -22.54 11.87 -22.45
C ILE G 207 -21.40 12.88 -22.65
N VAL G 208 -21.77 14.11 -23.07
CA VAL G 208 -20.82 15.17 -23.36
C VAL G 208 -20.81 16.23 -22.25
N LYS G 209 -19.61 16.53 -21.70
CA LYS G 209 -19.40 17.56 -20.68
C LYS G 209 -18.97 18.85 -21.38
N PHE G 210 -19.70 19.94 -21.13
CA PHE G 210 -19.44 21.24 -21.74
C PHE G 210 -19.44 22.34 -20.68
N ASP G 211 -18.26 22.90 -20.38
CA ASP G 211 -18.12 23.98 -19.39
C ASP G 211 -18.67 25.28 -19.97
N LEU G 212 -19.68 25.85 -19.29
CA LEU G 212 -20.38 27.08 -19.70
C LEU G 212 -19.50 28.31 -19.60
N ARG G 213 -18.57 28.34 -18.63
CA ARG G 213 -17.65 29.45 -18.42
C ARG G 213 -16.66 29.57 -19.58
N THR G 214 -15.93 28.49 -19.88
CA THR G 214 -14.93 28.44 -20.96
C THR G 214 -15.55 28.28 -22.35
N ARG G 215 -16.81 27.80 -22.41
CA ARG G 215 -17.59 27.54 -23.64
C ARG G 215 -16.92 26.50 -24.55
N ILE G 216 -16.23 25.53 -23.94
CA ILE G 216 -15.53 24.43 -24.62
C ILE G 216 -15.88 23.07 -24.00
N LYS G 217 -15.85 22.01 -24.83
CA LYS G 217 -16.10 20.63 -24.41
C LYS G 217 -14.90 20.15 -23.59
N SER G 218 -15.18 19.59 -22.39
CA SER G 218 -14.14 19.10 -21.50
C SER G 218 -14.01 17.57 -21.50
N GLY G 219 -15.06 16.88 -21.94
CA GLY G 219 -15.05 15.41 -21.99
C GLY G 219 -16.25 14.76 -22.66
N GLU G 220 -16.10 13.46 -22.97
CA GLU G 220 -17.13 12.63 -23.60
C GLU G 220 -17.02 11.19 -23.06
N ALA G 221 -18.06 10.74 -22.33
CA ALA G 221 -18.12 9.41 -21.72
C ALA G 221 -19.06 8.45 -22.44
N ILE G 222 -18.65 7.18 -22.60
CA ILE G 222 -19.45 6.14 -23.24
C ILE G 222 -20.18 5.33 -22.16
N ILE G 223 -21.51 5.38 -22.16
CA ILE G 223 -22.35 4.63 -21.22
C ILE G 223 -22.50 3.24 -21.83
N ALA G 224 -21.75 2.26 -21.28
CA ALA G 224 -21.69 0.88 -21.76
C ALA G 224 -23.04 0.15 -21.87
N ASN G 225 -23.26 -0.50 -23.03
CA ASN G 225 -24.43 -1.31 -23.42
C ASN G 225 -25.78 -0.56 -23.48
N ALA G 226 -25.75 0.77 -23.24
CA ALA G 226 -26.94 1.62 -23.26
C ALA G 226 -27.57 1.72 -24.64
N ASN G 227 -28.92 1.61 -24.71
CA ASN G 227 -29.69 1.74 -25.94
C ASN G 227 -29.83 3.23 -26.24
N TYR G 228 -29.65 3.61 -27.53
CA TYR G 228 -29.70 5.00 -27.97
C TYR G 228 -30.47 5.23 -29.27
N HIS G 229 -30.94 6.50 -29.49
CA HIS G 229 -31.65 6.99 -30.68
C HIS G 229 -32.95 6.22 -31.00
N ASP G 230 -34.01 6.50 -30.21
CA ASP G 230 -35.37 5.94 -30.28
C ASP G 230 -35.44 4.41 -30.14
N THR G 231 -34.38 3.77 -29.58
CA THR G 231 -34.33 2.33 -29.35
C THR G 231 -35.12 2.00 -28.08
N SER G 232 -34.75 2.64 -26.96
CA SER G 232 -35.44 2.47 -25.68
C SER G 232 -35.73 3.85 -25.02
N PRO G 233 -36.60 4.69 -25.61
CA PRO G 233 -36.90 5.98 -24.97
C PRO G 233 -38.09 5.86 -24.01
N TYR G 234 -38.65 7.00 -23.57
CA TYR G 234 -39.84 6.97 -22.71
C TYR G 234 -41.11 6.71 -23.55
N ARG G 235 -42.30 6.66 -22.91
CA ARG G 235 -43.58 6.37 -23.56
C ARG G 235 -43.84 7.23 -24.81
N TRP G 236 -43.60 8.55 -24.72
CA TRP G 236 -43.79 9.48 -25.83
C TRP G 236 -42.73 9.33 -26.91
N GLY G 237 -41.58 8.77 -26.55
CA GLY G 237 -40.45 8.58 -27.44
C GLY G 237 -39.62 9.83 -27.51
N GLY G 238 -39.31 10.25 -28.74
CA GLY G 238 -38.54 11.46 -29.01
C GLY G 238 -37.09 11.41 -28.58
N LYS G 239 -36.42 10.29 -28.91
CA LYS G 239 -35.00 9.99 -28.64
C LYS G 239 -34.59 10.16 -27.16
N SER G 240 -35.56 9.99 -26.23
CA SER G 240 -35.34 10.12 -24.79
C SER G 240 -34.75 8.84 -24.17
N ASP G 241 -33.86 8.16 -24.92
CA ASP G 241 -33.19 6.91 -24.53
C ASP G 241 -32.31 7.05 -23.29
N ILE G 242 -31.61 8.18 -23.16
CA ILE G 242 -30.73 8.45 -22.02
C ILE G 242 -31.16 9.71 -21.29
N ASP G 243 -31.40 9.57 -19.99
CA ASP G 243 -31.83 10.64 -19.09
C ASP G 243 -30.80 10.84 -18.00
N LEU G 244 -30.50 12.10 -17.69
CA LEU G 244 -29.54 12.44 -16.64
C LEU G 244 -30.27 13.01 -15.44
N ALA G 245 -29.81 12.66 -14.22
CA ALA G 245 -30.42 13.11 -12.97
C ALA G 245 -29.39 13.61 -11.95
N VAL G 246 -29.81 14.57 -11.11
CA VAL G 246 -28.99 15.16 -10.06
C VAL G 246 -29.76 15.08 -8.72
N ASP G 247 -29.11 14.57 -7.67
CA ASP G 247 -29.69 14.44 -6.33
C ASP G 247 -28.66 14.71 -5.21
N GLU G 248 -28.98 14.25 -4.00
CA GLU G 248 -28.13 14.37 -2.80
C GLU G 248 -26.86 13.50 -2.94
N ASN G 249 -26.99 12.33 -3.59
CA ASN G 249 -25.89 11.38 -3.81
C ASN G 249 -24.90 11.80 -4.90
N GLY G 250 -25.35 12.65 -5.83
CA GLY G 250 -24.52 13.16 -6.92
C GLY G 250 -25.17 13.09 -8.29
N LEU G 251 -24.35 12.78 -9.32
CA LEU G 251 -24.78 12.69 -10.72
C LEU G 251 -25.18 11.25 -11.07
N TRP G 252 -26.31 11.10 -11.78
CA TRP G 252 -26.87 9.80 -12.16
C TRP G 252 -27.26 9.72 -13.64
N VAL G 253 -27.27 8.49 -14.19
CA VAL G 253 -27.63 8.21 -15.58
C VAL G 253 -28.73 7.14 -15.62
N ILE G 254 -29.95 7.54 -16.03
CA ILE G 254 -31.11 6.66 -16.18
C ILE G 254 -31.19 6.27 -17.66
N TYR G 255 -31.04 4.97 -17.95
CA TYR G 255 -31.06 4.44 -19.31
C TYR G 255 -31.64 3.03 -19.36
N ALA G 256 -31.38 2.28 -20.45
CA ALA G 256 -31.83 0.89 -20.62
C ALA G 256 -30.85 0.10 -21.48
N THR G 257 -30.67 -1.19 -21.16
CA THR G 257 -29.79 -2.10 -21.91
C THR G 257 -30.58 -3.27 -22.44
N GLU G 258 -30.07 -3.93 -23.49
CA GLU G 258 -30.71 -5.11 -24.05
C GLU G 258 -30.44 -6.35 -23.17
N GLN G 259 -29.41 -6.24 -22.30
CA GLN G 259 -29.00 -7.25 -21.32
C GLN G 259 -30.06 -7.36 -20.22
N ASN G 260 -30.70 -6.22 -19.89
CA ASN G 260 -31.77 -6.14 -18.90
C ASN G 260 -33.16 -6.27 -19.59
N ASN G 261 -33.16 -6.55 -20.92
CA ASN G 261 -34.34 -6.72 -21.78
C ASN G 261 -35.24 -5.48 -21.81
N GLY G 262 -34.64 -4.34 -22.14
CA GLY G 262 -35.33 -3.06 -22.24
C GLY G 262 -35.70 -2.39 -20.93
N LYS G 263 -35.47 -3.08 -19.79
CA LYS G 263 -35.76 -2.56 -18.46
C LYS G 263 -34.78 -1.46 -18.07
N ILE G 264 -35.21 -0.53 -17.19
CA ILE G 264 -34.43 0.63 -16.72
C ILE G 264 -33.16 0.20 -15.96
N VAL G 265 -32.02 0.76 -16.39
CA VAL G 265 -30.70 0.53 -15.80
C VAL G 265 -30.19 1.88 -15.30
N ILE G 266 -29.92 1.98 -13.99
CA ILE G 266 -29.45 3.22 -13.37
C ILE G 266 -27.98 3.10 -12.96
N SER G 267 -27.17 4.09 -13.37
CA SER G 267 -25.74 4.12 -13.09
C SER G 267 -25.25 5.46 -12.59
N GLN G 268 -24.45 5.46 -11.51
CA GLN G 268 -23.87 6.68 -10.97
C GLN G 268 -22.66 7.07 -11.80
N LEU G 269 -22.60 8.32 -12.23
CA LEU G 269 -21.50 8.85 -13.05
C LEU G 269 -20.73 9.92 -12.27
N ASN G 270 -19.39 9.87 -12.37
CA ASN G 270 -18.51 10.84 -11.73
C ASN G 270 -18.49 12.11 -12.61
N PRO G 271 -18.81 13.32 -12.05
CA PRO G 271 -18.84 14.52 -12.90
C PRO G 271 -17.47 15.05 -13.35
N TYR G 272 -16.38 14.48 -12.81
CA TYR G 272 -15.02 14.90 -13.13
C TYR G 272 -14.34 13.93 -14.08
N THR G 273 -14.18 12.66 -13.66
CA THR G 273 -13.53 11.61 -14.45
C THR G 273 -14.40 11.08 -15.59
N LEU G 274 -15.74 11.24 -15.49
CA LEU G 274 -16.73 10.77 -16.46
C LEU G 274 -16.68 9.25 -16.62
N ARG G 275 -16.82 8.52 -15.50
CA ARG G 275 -16.78 7.06 -15.46
C ARG G 275 -17.91 6.51 -14.60
N ILE G 276 -18.32 5.26 -14.88
CA ILE G 276 -19.40 4.57 -14.15
C ILE G 276 -18.88 4.08 -12.79
N GLU G 277 -19.46 4.62 -11.69
CA GLU G 277 -19.11 4.28 -10.31
C GLU G 277 -20.17 3.35 -9.67
N GLY G 278 -20.79 2.52 -10.50
CA GLY G 278 -21.82 1.56 -10.07
C GLY G 278 -22.97 1.46 -11.04
N THR G 279 -23.51 0.24 -11.21
CA THR G 279 -24.62 -0.05 -12.12
C THR G 279 -25.70 -0.88 -11.39
N TRP G 280 -26.98 -0.52 -11.59
CA TRP G 280 -28.13 -1.18 -11.00
C TRP G 280 -29.19 -1.50 -12.07
N ASP G 281 -29.76 -2.71 -12.04
CA ASP G 281 -30.78 -3.14 -12.99
C ASP G 281 -32.15 -3.23 -12.30
N THR G 282 -33.17 -2.59 -12.89
CA THR G 282 -34.54 -2.58 -12.34
C THR G 282 -35.46 -3.56 -13.08
N ALA G 283 -36.73 -3.66 -12.63
CA ALA G 283 -37.75 -4.54 -13.21
C ALA G 283 -38.71 -3.80 -14.16
N TYR G 284 -38.72 -2.45 -14.12
CA TYR G 284 -39.60 -1.61 -14.94
C TYR G 284 -39.04 -1.37 -16.35
N ASP G 285 -39.90 -1.51 -17.38
CA ASP G 285 -39.56 -1.28 -18.79
C ASP G 285 -39.56 0.24 -19.05
N LYS G 286 -38.49 0.75 -19.71
CA LYS G 286 -38.36 2.18 -19.99
C LYS G 286 -39.47 2.76 -20.88
N ARG G 287 -39.87 2.03 -21.96
CA ARG G 287 -40.92 2.47 -22.90
C ARG G 287 -42.30 2.52 -22.23
N SER G 288 -42.51 1.76 -21.15
CA SER G 288 -43.76 1.71 -20.39
C SER G 288 -43.84 2.91 -19.45
N ALA G 289 -42.67 3.49 -19.09
CA ALA G 289 -42.54 4.66 -18.22
C ALA G 289 -42.65 5.96 -19.01
N SER G 290 -43.10 7.05 -18.34
CA SER G 290 -43.24 8.39 -18.92
C SER G 290 -41.99 9.25 -18.68
N ASN G 291 -41.40 9.14 -17.47
CA ASN G 291 -40.17 9.81 -17.00
C ASN G 291 -39.73 9.26 -15.64
N ALA G 292 -38.50 9.58 -15.21
CA ALA G 292 -37.92 9.14 -13.94
C ALA G 292 -37.02 10.20 -13.31
N PHE G 293 -36.92 10.18 -11.97
CA PHE G 293 -36.09 11.11 -11.19
C PHE G 293 -35.45 10.46 -9.96
N MET G 294 -34.27 10.97 -9.56
CA MET G 294 -33.49 10.47 -8.42
C MET G 294 -33.56 11.44 -7.25
N ILE G 295 -33.83 10.91 -6.05
CA ILE G 295 -33.85 11.67 -4.79
C ILE G 295 -33.08 10.81 -3.78
N CYS G 296 -31.95 11.35 -3.29
CA CYS G 296 -31.01 10.72 -2.33
C CYS G 296 -30.83 9.19 -2.55
N GLY G 297 -30.47 8.84 -3.79
CA GLY G 297 -30.21 7.46 -4.20
C GLY G 297 -31.42 6.61 -4.53
N ILE G 298 -32.64 7.19 -4.49
CA ILE G 298 -33.87 6.44 -4.80
C ILE G 298 -34.47 6.86 -6.15
N LEU G 299 -34.72 5.86 -7.03
CA LEU G 299 -35.35 6.09 -8.35
C LEU G 299 -36.87 6.09 -8.19
N TYR G 300 -37.53 7.03 -8.88
CA TYR G 300 -38.99 7.16 -8.86
C TYR G 300 -39.47 7.10 -10.30
N VAL G 301 -40.22 6.04 -10.65
CA VAL G 301 -40.71 5.83 -12.02
C VAL G 301 -42.17 6.31 -12.17
N VAL G 302 -42.39 7.33 -13.03
CA VAL G 302 -43.70 7.94 -13.30
C VAL G 302 -44.41 7.27 -14.48
N LYS G 303 -45.62 6.78 -14.22
CA LYS G 303 -46.51 6.15 -15.20
C LYS G 303 -47.63 7.17 -15.42
N SER G 304 -47.91 7.53 -16.68
CA SER G 304 -48.93 8.53 -17.01
C SER G 304 -49.64 8.29 -18.35
N VAL G 305 -50.81 8.92 -18.53
CA VAL G 305 -51.62 8.86 -19.75
C VAL G 305 -51.23 9.99 -20.72
N TYR G 306 -51.36 9.71 -22.03
CA TYR G 306 -51.06 10.66 -23.10
C TYR G 306 -52.29 10.95 -23.95
N GLU G 307 -52.29 12.11 -24.65
CA GLU G 307 -53.38 12.59 -25.50
C GLU G 307 -53.83 11.57 -26.56
N ASP G 308 -52.86 10.85 -27.16
CA ASP G 308 -53.07 9.83 -28.17
C ASP G 308 -53.60 8.51 -27.59
N ASP G 309 -53.38 8.26 -26.27
CA ASP G 309 -53.83 7.05 -25.59
C ASP G 309 -55.35 7.03 -25.51
N ASP G 310 -55.97 5.98 -26.07
CA ASP G 310 -57.42 5.81 -26.09
C ASP G 310 -57.95 5.21 -24.78
N ASN G 311 -58.20 6.09 -23.78
CA ASN G 311 -58.70 5.75 -22.44
C ASN G 311 -57.87 4.62 -21.79
N GLU G 312 -56.66 4.97 -21.33
CA GLU G 312 -55.74 4.00 -20.74
C GLU G 312 -55.99 3.73 -19.26
N ALA G 313 -55.81 2.46 -18.86
CA ALA G 313 -55.95 2.00 -17.48
C ALA G 313 -54.73 2.46 -16.64
N THR G 314 -53.82 3.23 -17.27
CA THR G 314 -52.61 3.78 -16.63
C THR G 314 -52.87 5.20 -16.17
N GLY G 315 -53.13 5.35 -14.87
CA GLY G 315 -53.35 6.65 -14.24
C GLY G 315 -52.04 7.37 -14.03
N ASN G 316 -52.10 8.69 -13.79
CA ASN G 316 -50.90 9.49 -13.59
C ASN G 316 -50.39 9.41 -12.15
N LYS G 317 -49.62 8.33 -11.86
CA LYS G 317 -49.04 8.02 -10.55
C LYS G 317 -47.64 7.41 -10.66
N ILE G 318 -46.85 7.52 -9.58
CA ILE G 318 -45.52 6.91 -9.48
C ILE G 318 -45.81 5.49 -8.94
N ASP G 319 -45.54 4.46 -9.76
CA ASP G 319 -45.88 3.08 -9.39
C ASP G 319 -44.68 2.16 -9.05
N TYR G 320 -43.43 2.66 -9.20
CA TYR G 320 -42.22 1.88 -8.93
C TYR G 320 -41.12 2.72 -8.31
N ILE G 321 -40.36 2.12 -7.39
CA ILE G 321 -39.21 2.72 -6.69
C ILE G 321 -38.05 1.76 -6.61
N TYR G 322 -36.82 2.27 -6.70
CA TYR G 322 -35.61 1.46 -6.60
C TYR G 322 -34.54 2.16 -5.77
N ASN G 323 -34.08 1.48 -4.70
CA ASN G 323 -33.03 1.99 -3.82
C ASN G 323 -31.68 1.42 -4.28
N THR G 324 -30.65 2.27 -4.32
CA THR G 324 -29.30 1.87 -4.76
C THR G 324 -28.47 1.29 -3.63
N ASP G 325 -28.57 1.88 -2.42
CA ASP G 325 -27.84 1.45 -1.22
C ASP G 325 -28.29 0.06 -0.75
N GLN G 326 -29.61 -0.19 -0.78
CA GLN G 326 -30.22 -1.45 -0.37
C GLN G 326 -30.32 -2.46 -1.51
N SER G 327 -30.33 -1.97 -2.78
CA SER G 327 -30.48 -2.75 -4.02
C SER G 327 -31.78 -3.56 -4.04
N LYS G 328 -32.85 -2.96 -3.47
CA LYS G 328 -34.19 -3.53 -3.36
C LYS G 328 -35.23 -2.61 -4.01
N ASP G 329 -36.28 -3.20 -4.62
CA ASP G 329 -37.35 -2.46 -5.29
C ASP G 329 -38.73 -2.71 -4.67
N SER G 330 -39.64 -1.72 -4.81
CA SER G 330 -41.01 -1.77 -4.30
C SER G 330 -42.02 -1.13 -5.25
N LEU G 331 -43.29 -1.59 -5.18
CA LEU G 331 -44.38 -1.05 -5.98
C LEU G 331 -45.16 -0.04 -5.16
N VAL G 332 -45.13 1.24 -5.58
CA VAL G 332 -45.80 2.35 -4.89
C VAL G 332 -47.05 2.84 -5.64
N ASP G 333 -47.73 3.88 -5.11
CA ASP G 333 -48.93 4.47 -5.69
C ASP G 333 -49.06 5.92 -5.19
N VAL G 334 -48.14 6.80 -5.62
CA VAL G 334 -48.11 8.22 -5.23
C VAL G 334 -48.83 9.07 -6.31
N PRO G 335 -49.85 9.89 -5.95
CA PRO G 335 -50.54 10.70 -6.98
C PRO G 335 -49.67 11.81 -7.59
N PHE G 336 -49.62 11.85 -8.94
CA PHE G 336 -48.85 12.80 -9.73
C PHE G 336 -49.73 13.75 -10.57
N PRO G 337 -49.41 15.06 -10.66
CA PRO G 337 -50.24 15.99 -11.46
C PRO G 337 -50.36 15.64 -12.95
N ASN G 338 -51.61 15.65 -13.43
CA ASN G 338 -52.07 15.26 -14.78
C ASN G 338 -52.81 16.34 -15.56
N SER G 339 -52.57 17.64 -15.24
CA SER G 339 -53.28 18.76 -15.85
C SER G 339 -53.37 18.67 -17.37
N TYR G 340 -52.23 18.38 -18.02
CA TYR G 340 -52.08 18.22 -19.46
C TYR G 340 -51.82 16.74 -19.77
N GLN G 341 -51.51 16.38 -21.03
CA GLN G 341 -51.33 14.97 -21.35
C GLN G 341 -49.94 14.55 -21.88
N TYR G 342 -49.13 15.48 -22.43
CA TYR G 342 -47.83 15.11 -22.99
C TYR G 342 -46.62 15.45 -22.07
N ILE G 343 -46.30 14.54 -21.11
CA ILE G 343 -45.17 14.72 -20.18
C ILE G 343 -43.85 14.49 -20.91
N ALA G 344 -43.05 15.55 -21.05
CA ALA G 344 -41.78 15.54 -21.76
C ALA G 344 -40.60 15.17 -20.87
N ALA G 345 -40.36 15.96 -19.80
CA ALA G 345 -39.25 15.73 -18.88
C ALA G 345 -39.61 16.05 -17.44
N VAL G 346 -39.03 15.28 -16.49
CA VAL G 346 -39.22 15.46 -15.04
C VAL G 346 -37.82 15.36 -14.41
N ASP G 347 -37.33 16.47 -13.86
CA ASP G 347 -36.01 16.55 -13.20
C ASP G 347 -36.14 17.08 -11.78
N TYR G 348 -35.37 16.51 -10.84
CA TYR G 348 -35.38 16.91 -9.43
C TYR G 348 -34.17 17.80 -9.10
N ASN G 349 -34.41 18.89 -8.37
CA ASN G 349 -33.35 19.82 -7.94
C ASN G 349 -33.17 19.71 -6.41
N PRO G 350 -32.04 19.14 -5.93
CA PRO G 350 -31.85 18.96 -4.48
C PRO G 350 -31.76 20.25 -3.64
N ARG G 351 -31.44 21.40 -4.27
CA ARG G 351 -31.33 22.68 -3.56
C ARG G 351 -32.70 23.24 -3.12
N ASP G 352 -33.70 23.17 -4.02
CA ASP G 352 -35.05 23.67 -3.75
C ASP G 352 -36.08 22.58 -3.43
N ASN G 353 -35.71 21.28 -3.67
CA ASN G 353 -36.54 20.09 -3.44
C ASN G 353 -37.87 20.14 -4.24
N LEU G 354 -37.80 20.60 -5.50
CA LEU G 354 -38.95 20.73 -6.40
C LEU G 354 -38.74 19.94 -7.69
N LEU G 355 -39.82 19.74 -8.47
CA LEU G 355 -39.74 19.05 -9.75
C LEU G 355 -39.85 20.05 -10.91
N TYR G 356 -38.86 20.03 -11.82
CA TYR G 356 -38.79 20.89 -12.98
C TYR G 356 -39.35 20.12 -14.17
N VAL G 357 -40.67 20.32 -14.43
CA VAL G 357 -41.44 19.56 -15.43
C VAL G 357 -41.85 20.37 -16.67
N TRP G 358 -42.02 19.65 -17.79
CA TRP G 358 -42.46 20.12 -19.09
C TRP G 358 -43.64 19.20 -19.49
N ASN G 359 -44.88 19.73 -19.46
CA ASN G 359 -46.08 18.95 -19.77
C ASN G 359 -46.96 19.61 -20.85
N ASN G 360 -46.86 19.10 -22.10
CA ASN G 360 -47.58 19.51 -23.32
C ASN G 360 -47.53 21.02 -23.50
N TYR G 361 -46.37 21.53 -23.96
CA TYR G 361 -46.07 22.96 -24.17
C TYR G 361 -45.86 23.75 -22.87
N HIS G 362 -46.50 23.33 -21.75
CA HIS G 362 -46.43 24.03 -20.46
C HIS G 362 -45.20 23.72 -19.64
N VAL G 363 -44.63 24.77 -19.04
CA VAL G 363 -43.44 24.75 -18.18
C VAL G 363 -43.95 24.95 -16.74
N VAL G 364 -43.86 23.89 -15.91
CA VAL G 364 -44.35 23.89 -14.52
C VAL G 364 -43.35 23.37 -13.48
N LYS G 365 -43.56 23.80 -12.22
CA LYS G 365 -42.80 23.44 -11.02
C LYS G 365 -43.77 22.70 -10.08
N TYR G 366 -43.33 21.57 -9.50
CA TYR G 366 -44.16 20.80 -8.56
C TYR G 366 -43.57 20.77 -7.15
N SER G 367 -44.42 21.02 -6.12
CA SER G 367 -44.05 21.01 -4.71
C SER G 367 -44.02 19.56 -4.19
N LEU G 368 -43.10 19.26 -3.26
CA LEU G 368 -42.98 17.90 -2.73
C LEU G 368 -43.24 17.80 -1.24
N ASP G 369 -43.89 16.69 -0.82
CA ASP G 369 -44.17 16.38 0.58
C ASP G 369 -43.28 15.19 0.95
N PHE G 370 -42.43 15.36 1.97
CA PHE G 370 -41.51 14.31 2.40
C PHE G 370 -41.88 13.69 3.73
N GLY G 371 -41.76 12.37 3.77
CA GLY G 371 -42.00 11.55 4.95
C GLY G 371 -40.69 11.05 5.53
N PRO G 372 -40.60 10.87 6.88
CA PRO G 372 -39.31 10.41 7.47
C PRO G 372 -39.01 8.91 7.29
N LEU G 373 -39.69 8.23 6.35
CA LEU G 373 -39.53 6.80 6.06
C LEU G 373 -38.14 6.48 5.46
N ASP G 374 -37.11 6.36 6.34
CA ASP G 374 -35.73 6.06 5.96
C ASP G 374 -35.04 5.16 6.99
N GLY G 375 -34.89 5.65 8.23
CA GLY G 375 -34.24 4.93 9.33
C GLY G 375 -32.72 4.83 9.14
N LEU H 113 -13.77 67.24 2.91
CA LEU H 113 -13.12 66.36 1.95
C LEU H 113 -14.04 65.86 0.85
N CYS H 114 -15.32 65.56 1.19
CA CYS H 114 -16.33 65.02 0.28
C CYS H 114 -16.67 65.97 -0.88
N PRO H 115 -16.56 65.54 -2.16
CA PRO H 115 -16.93 66.42 -3.28
C PRO H 115 -18.44 66.56 -3.51
N GLY H 116 -19.22 65.62 -2.97
CA GLY H 116 -20.68 65.61 -3.08
C GLY H 116 -21.26 64.31 -3.62
N LEU H 117 -22.43 64.40 -4.26
CA LEU H 117 -23.15 63.27 -4.87
C LEU H 117 -22.79 63.18 -6.36
N LEU H 118 -22.52 61.95 -6.86
CA LEU H 118 -22.12 61.68 -8.24
C LEU H 118 -23.22 62.03 -9.26
N LYS H 119 -22.95 63.08 -10.07
CA LYS H 119 -23.83 63.61 -11.10
C LYS H 119 -23.75 62.81 -12.41
N GLY H 120 -22.53 62.44 -12.81
CA GLY H 120 -22.29 61.70 -14.03
C GLY H 120 -20.86 61.22 -14.22
N VAL H 121 -20.69 60.15 -15.03
CA VAL H 121 -19.38 59.54 -15.33
C VAL H 121 -19.07 59.74 -16.82
N TYR H 122 -17.85 60.24 -17.12
CA TYR H 122 -17.38 60.48 -18.49
C TYR H 122 -15.99 59.88 -18.70
N GLN H 123 -15.65 59.56 -19.96
CA GLN H 123 -14.35 58.99 -20.34
C GLN H 123 -13.26 60.06 -20.23
N SER H 124 -12.10 59.69 -19.64
CA SER H 124 -11.01 60.65 -19.46
C SER H 124 -9.70 60.25 -20.14
N GLU H 125 -9.09 59.13 -19.72
CA GLU H 125 -7.80 58.67 -20.26
C GLU H 125 -7.81 57.22 -20.70
N HIS H 126 -7.04 56.92 -21.76
CA HIS H 126 -6.80 55.57 -22.26
C HIS H 126 -5.29 55.39 -22.30
N LEU H 127 -4.77 54.54 -21.41
CA LEU H 127 -3.34 54.29 -21.28
C LEU H 127 -2.82 53.32 -22.32
N PHE H 128 -3.24 52.03 -22.25
CA PHE H 128 -2.83 50.98 -23.18
C PHE H 128 -3.81 49.81 -23.22
N GLU H 129 -3.48 48.78 -24.03
CA GLU H 129 -4.25 47.57 -24.18
C GLU H 129 -3.46 46.40 -23.59
N SER H 130 -3.80 46.03 -22.34
CA SER H 130 -3.23 44.96 -21.52
C SER H 130 -3.34 43.59 -22.17
N ASP H 131 -2.44 42.68 -21.75
CA ASP H 131 -2.36 41.29 -22.19
C ASP H 131 -3.49 40.43 -21.68
N HIS H 132 -4.16 40.87 -20.59
CA HIS H 132 -5.25 40.12 -19.95
C HIS H 132 -6.60 40.80 -20.05
N GLN H 133 -7.66 39.99 -20.18
CA GLN H 133 -9.05 40.43 -20.27
C GLN H 133 -9.53 40.98 -18.93
N SER H 134 -9.10 40.37 -17.82
CA SER H 134 -9.49 40.81 -16.48
C SER H 134 -8.30 41.15 -15.60
N GLY H 135 -8.50 42.11 -14.70
CA GLY H 135 -7.50 42.61 -13.76
C GLY H 135 -7.94 43.84 -13.01
N ALA H 136 -7.00 44.51 -12.34
CA ALA H 136 -7.25 45.73 -11.57
C ALA H 136 -6.02 46.61 -11.51
N TRP H 137 -6.23 47.93 -11.54
CA TRP H 137 -5.16 48.94 -11.45
C TRP H 137 -5.61 50.07 -10.51
N CYS H 138 -4.69 50.58 -9.66
CA CYS H 138 -4.97 51.64 -8.69
C CYS H 138 -3.70 52.34 -8.20
N LYS H 139 -3.87 53.54 -7.60
CA LYS H 139 -2.83 54.37 -7.00
C LYS H 139 -3.15 54.53 -5.51
N ASP H 140 -2.12 54.68 -4.65
CA ASP H 140 -2.32 54.86 -3.20
C ASP H 140 -2.78 56.32 -2.95
N PRO H 141 -4.02 56.54 -2.47
CA PRO H 141 -4.49 57.93 -2.28
C PRO H 141 -3.95 58.64 -1.05
N LEU H 142 -3.45 57.88 -0.06
CA LEU H 142 -2.90 58.44 1.18
C LEU H 142 -1.50 59.01 0.95
N GLN H 143 -0.63 58.24 0.27
CA GLN H 143 0.74 58.68 -0.01
C GLN H 143 0.79 59.54 -1.27
N ALA H 144 1.33 60.77 -1.14
CA ALA H 144 1.46 61.72 -2.24
C ALA H 144 2.60 61.29 -3.18
N SER H 145 2.29 60.31 -4.05
CA SER H 145 3.23 59.74 -5.01
C SER H 145 2.52 59.32 -6.30
N ASP H 146 3.25 59.39 -7.43
CA ASP H 146 2.73 59.03 -8.76
C ASP H 146 2.94 57.53 -9.09
N LYS H 147 3.02 56.68 -8.05
CA LYS H 147 3.20 55.23 -8.16
C LYS H 147 1.92 54.53 -8.58
N ILE H 148 2.01 53.64 -9.59
CA ILE H 148 0.87 52.87 -10.11
C ILE H 148 1.05 51.38 -9.82
N TYR H 149 0.03 50.78 -9.18
CA TYR H 149 -0.01 49.37 -8.81
C TYR H 149 -0.90 48.62 -9.80
N TYR H 150 -0.31 47.64 -10.53
CA TYR H 150 -0.94 46.85 -11.60
C TYR H 150 -1.08 45.37 -11.18
N MET H 151 -2.33 44.86 -11.21
CA MET H 151 -2.66 43.48 -10.81
C MET H 151 -3.57 42.76 -11.84
N PRO H 152 -3.00 42.09 -12.87
CA PRO H 152 -3.85 41.37 -13.84
C PRO H 152 -4.36 40.05 -13.27
N TRP H 153 -5.58 39.64 -13.65
CA TRP H 153 -6.15 38.40 -13.14
C TRP H 153 -6.03 37.22 -14.10
N THR H 154 -5.53 36.10 -13.56
CA THR H 154 -5.36 34.81 -14.23
C THR H 154 -5.99 33.75 -13.30
N PRO H 155 -6.84 32.82 -13.80
CA PRO H 155 -7.48 31.85 -12.88
C PRO H 155 -6.52 30.86 -12.22
N TYR H 156 -6.59 30.78 -10.86
CA TYR H 156 -5.81 29.87 -10.00
C TYR H 156 -4.29 30.06 -10.12
N ARG H 157 -3.84 31.26 -10.56
CA ARG H 157 -2.44 31.59 -10.77
C ARG H 157 -2.01 33.02 -10.37
N THR H 158 -2.96 33.87 -9.91
CA THR H 158 -2.65 35.25 -9.51
C THR H 158 -1.93 35.26 -8.16
N ASP H 159 -0.66 35.72 -8.15
CA ASP H 159 0.17 35.77 -6.95
C ASP H 159 1.24 36.89 -6.96
N THR H 160 1.19 37.83 -7.94
CA THR H 160 2.16 38.93 -8.05
C THR H 160 1.53 40.29 -8.31
N LEU H 161 2.10 41.33 -7.69
CA LEU H 161 1.71 42.73 -7.85
C LEU H 161 2.89 43.50 -8.43
N THR H 162 2.65 44.30 -9.49
CA THR H 162 3.71 45.09 -10.08
C THR H 162 3.56 46.56 -9.70
N GLU H 163 4.70 47.25 -9.54
CA GLU H 163 4.77 48.66 -9.19
C GLU H 163 5.47 49.44 -10.31
N TYR H 164 4.90 50.60 -10.68
CA TYR H 164 5.43 51.48 -11.72
C TYR H 164 5.75 52.85 -11.13
N SER H 165 6.90 53.45 -11.52
CA SER H 165 7.36 54.74 -11.02
C SER H 165 6.46 55.93 -11.38
N SER H 166 5.96 55.97 -12.64
CA SER H 166 5.10 57.05 -13.13
C SER H 166 4.11 56.58 -14.21
N LYS H 167 3.24 57.50 -14.67
CA LYS H 167 2.22 57.28 -15.71
C LYS H 167 2.88 56.92 -17.04
N ASP H 168 3.98 57.64 -17.38
CA ASP H 168 4.77 57.46 -18.60
C ASP H 168 5.40 56.06 -18.68
N ASP H 169 5.89 55.54 -17.52
CA ASP H 169 6.49 54.21 -17.41
C ASP H 169 5.44 53.11 -17.51
N PHE H 170 4.21 53.39 -17.03
CA PHE H 170 3.09 52.44 -17.06
C PHE H 170 2.62 52.16 -18.48
N ILE H 171 2.56 53.21 -19.33
CA ILE H 171 2.15 53.10 -20.74
C ILE H 171 3.27 52.40 -21.53
N ALA H 172 4.53 52.82 -21.31
CA ALA H 172 5.73 52.26 -21.97
C ALA H 172 6.06 50.83 -21.52
N GLY H 173 5.50 50.41 -20.38
CA GLY H 173 5.72 49.08 -19.82
C GLY H 173 7.09 48.92 -19.18
N ARG H 174 7.50 49.92 -18.38
CA ARG H 174 8.76 49.96 -17.67
C ARG H 174 8.49 49.84 -16.15
N PRO H 175 8.50 48.60 -15.59
CA PRO H 175 8.20 48.46 -14.16
C PRO H 175 9.38 48.75 -13.24
N THR H 176 9.09 49.21 -12.02
CA THR H 176 10.07 49.52 -10.99
C THR H 176 10.42 48.24 -10.23
N THR H 177 9.41 47.59 -9.62
CA THR H 177 9.55 46.35 -8.84
C THR H 177 8.27 45.51 -8.83
N THR H 178 8.43 44.18 -8.67
CA THR H 178 7.35 43.20 -8.60
C THR H 178 7.37 42.50 -7.24
N TYR H 179 6.23 42.50 -6.53
CA TYR H 179 6.05 41.92 -5.21
C TYR H 179 5.55 40.48 -5.31
N LYS H 180 6.23 39.55 -4.60
CA LYS H 180 5.82 38.15 -4.57
C LYS H 180 4.95 37.93 -3.33
N LEU H 181 3.65 37.81 -3.56
CA LEU H 181 2.62 37.67 -2.52
C LEU H 181 2.67 36.32 -1.80
N PRO H 182 2.36 36.28 -0.47
CA PRO H 182 2.43 35.00 0.25
C PRO H 182 1.31 34.01 -0.08
N HIS H 183 0.19 34.51 -0.65
CA HIS H 183 -0.96 33.69 -1.01
C HIS H 183 -1.53 34.02 -2.39
N ARG H 184 -2.34 33.10 -2.94
CA ARG H 184 -3.00 33.28 -4.24
C ARG H 184 -4.17 34.25 -4.06
N VAL H 185 -4.37 35.16 -5.02
CA VAL H 185 -5.43 36.17 -4.96
C VAL H 185 -6.67 35.71 -5.73
N ASP H 186 -7.86 35.97 -5.15
CA ASP H 186 -9.16 35.64 -5.72
C ASP H 186 -9.89 36.91 -6.17
N GLY H 187 -10.23 36.97 -7.45
CA GLY H 187 -10.94 38.08 -8.05
C GLY H 187 -10.14 39.37 -8.18
N THR H 188 -10.81 40.45 -8.63
CA THR H 188 -10.21 41.77 -8.83
C THR H 188 -10.59 42.75 -7.72
N GLY H 189 -10.55 42.27 -6.47
CA GLY H 189 -10.87 43.05 -5.28
C GLY H 189 -9.66 43.69 -4.62
N PHE H 190 -8.53 43.78 -5.35
CA PHE H 190 -7.25 44.35 -4.90
C PHE H 190 -7.39 45.84 -4.53
N VAL H 191 -6.66 46.30 -3.50
CA VAL H 191 -6.66 47.69 -3.05
C VAL H 191 -5.36 48.06 -2.31
N VAL H 192 -4.92 49.33 -2.41
CA VAL H 192 -3.71 49.86 -1.77
C VAL H 192 -4.11 50.98 -0.78
N TYR H 193 -3.70 50.85 0.50
CA TYR H 193 -4.01 51.82 1.55
C TYR H 193 -2.79 52.07 2.43
N ASP H 194 -2.19 53.27 2.29
CA ASP H 194 -1.02 53.77 3.03
C ASP H 194 0.16 52.79 3.05
N GLY H 195 0.72 52.51 1.87
CA GLY H 195 1.87 51.64 1.66
C GLY H 195 1.66 50.18 2.01
N ALA H 196 0.39 49.72 2.06
CA ALA H 196 0.02 48.34 2.38
C ALA H 196 -1.03 47.85 1.40
N LEU H 197 -0.88 46.60 0.91
CA LEU H 197 -1.80 45.98 -0.04
C LEU H 197 -2.82 45.07 0.66
N PHE H 198 -4.10 45.30 0.38
CA PHE H 198 -5.23 44.52 0.89
C PHE H 198 -5.83 43.70 -0.24
N PHE H 199 -5.94 42.37 -0.04
CA PHE H 199 -6.48 41.46 -1.05
C PHE H 199 -7.21 40.25 -0.46
N ASN H 200 -8.09 39.65 -1.27
CA ASN H 200 -8.85 38.47 -0.90
C ASN H 200 -8.03 37.22 -1.21
N LYS H 201 -7.74 36.41 -0.18
CA LYS H 201 -6.97 35.16 -0.30
C LYS H 201 -7.87 34.09 -0.93
N GLU H 202 -7.32 33.33 -1.91
CA GLU H 202 -8.00 32.27 -2.67
C GLU H 202 -8.63 31.21 -1.76
N ARG H 203 -9.89 30.81 -2.07
CA ARG H 203 -10.72 29.82 -1.37
C ARG H 203 -10.96 30.16 0.11
N THR H 204 -11.01 31.48 0.46
CA THR H 204 -11.27 31.98 1.81
C THR H 204 -11.97 33.34 1.81
N ARG H 205 -12.75 33.60 2.87
CA ARG H 205 -13.46 34.87 3.13
C ARG H 205 -12.54 35.81 3.96
N ASN H 206 -11.21 35.71 3.73
CA ASN H 206 -10.21 36.48 4.46
C ASN H 206 -9.50 37.56 3.64
N ILE H 207 -9.23 38.72 4.29
CA ILE H 207 -8.51 39.86 3.72
C ILE H 207 -7.08 39.86 4.29
N VAL H 208 -6.08 39.89 3.41
CA VAL H 208 -4.67 39.83 3.78
C VAL H 208 -4.00 41.21 3.64
N LYS H 209 -3.39 41.70 4.75
CA LYS H 209 -2.64 42.97 4.77
C LYS H 209 -1.17 42.65 4.54
N PHE H 210 -0.57 43.30 3.53
CA PHE H 210 0.83 43.09 3.14
C PHE H 210 1.54 44.43 2.97
N ASP H 211 2.46 44.77 3.89
CA ASP H 211 3.22 46.01 3.85
C ASP H 211 4.29 45.92 2.75
N LEU H 212 4.21 46.83 1.77
CA LEU H 212 5.10 46.89 0.60
C LEU H 212 6.53 47.28 0.96
N ARG H 213 6.71 48.10 2.01
CA ARG H 213 8.01 48.56 2.48
C ARG H 213 8.81 47.39 3.08
N THR H 214 8.22 46.69 4.08
CA THR H 214 8.85 45.55 4.76
C THR H 214 8.78 44.25 3.96
N ARG H 215 7.86 44.17 2.98
CA ARG H 215 7.60 43.01 2.10
C ARG H 215 7.16 41.76 2.88
N ILE H 216 6.45 41.98 4.00
CA ILE H 216 5.93 40.92 4.87
C ILE H 216 4.45 41.13 5.19
N LYS H 217 3.73 40.02 5.44
CA LYS H 217 2.32 40.03 5.81
C LYS H 217 2.19 40.54 7.25
N SER H 218 1.32 41.53 7.46
CA SER H 218 1.09 42.13 8.77
C SER H 218 -0.19 41.65 9.47
N GLY H 219 -1.13 41.14 8.69
CA GLY H 219 -2.39 40.64 9.22
C GLY H 219 -3.31 39.93 8.25
N GLU H 220 -4.31 39.22 8.79
CA GLU H 220 -5.31 38.47 8.05
C GLU H 220 -6.65 38.53 8.81
N ALA H 221 -7.67 39.16 8.20
CA ALA H 221 -9.00 39.35 8.81
C ALA H 221 -10.08 38.51 8.15
N ILE H 222 -10.95 37.85 8.96
CA ILE H 222 -12.07 37.03 8.50
C ILE H 222 -13.34 37.87 8.43
N ILE H 223 -14.08 37.85 7.31
CA ILE H 223 -15.34 38.58 7.23
C ILE H 223 -16.47 37.58 7.44
N ALA H 224 -17.15 37.69 8.60
CA ALA H 224 -18.24 36.80 9.00
C ALA H 224 -19.39 36.75 8.00
N ASN H 225 -19.77 35.51 7.61
CA ASN H 225 -20.85 35.13 6.71
C ASN H 225 -20.63 35.48 5.22
N ALA H 226 -19.46 36.08 4.85
CA ALA H 226 -19.17 36.46 3.46
C ALA H 226 -19.03 35.26 2.54
N ASN H 227 -19.69 35.30 1.35
CA ASN H 227 -19.61 34.25 0.33
C ASN H 227 -18.30 34.43 -0.43
N TYR H 228 -17.58 33.32 -0.70
CA TYR H 228 -16.28 33.34 -1.37
C TYR H 228 -16.10 32.25 -2.44
N HIS H 229 -15.15 32.47 -3.37
CA HIS H 229 -14.74 31.59 -4.47
C HIS H 229 -15.89 31.19 -5.42
N ASP H 230 -16.28 32.12 -6.31
CA ASP H 230 -17.33 32.03 -7.33
C ASP H 230 -18.74 31.69 -6.78
N THR H 231 -18.96 31.91 -5.46
CA THR H 231 -20.27 31.69 -4.82
C THR H 231 -21.19 32.87 -5.13
N SER H 232 -20.74 34.09 -4.79
CA SER H 232 -21.48 35.32 -5.06
C SER H 232 -20.56 36.40 -5.69
N PRO H 233 -20.04 36.19 -6.93
CA PRO H 233 -19.19 37.21 -7.55
C PRO H 233 -20.03 38.20 -8.38
N TYR H 234 -19.37 39.03 -9.20
CA TYR H 234 -20.10 39.96 -10.08
C TYR H 234 -20.68 39.20 -11.29
N ARG H 235 -21.35 39.91 -12.21
CA ARG H 235 -21.98 39.35 -13.40
C ARG H 235 -21.03 38.47 -14.23
N TRP H 236 -19.76 38.89 -14.33
CA TRP H 236 -18.71 38.18 -15.09
C TRP H 236 -18.09 37.00 -14.34
N GLY H 237 -18.33 36.91 -13.03
CA GLY H 237 -17.76 35.86 -12.20
C GLY H 237 -16.29 36.13 -11.93
N GLY H 238 -15.46 35.13 -12.19
CA GLY H 238 -14.01 35.20 -12.01
C GLY H 238 -13.55 35.38 -10.57
N LYS H 239 -14.29 34.77 -9.61
CA LYS H 239 -14.02 34.78 -8.16
C LYS H 239 -14.04 36.20 -7.52
N SER H 240 -14.81 37.12 -8.13
CA SER H 240 -14.94 38.50 -7.66
C SER H 240 -15.98 38.64 -6.51
N ASP H 241 -16.02 37.62 -5.62
CA ASP H 241 -16.90 37.54 -4.45
C ASP H 241 -16.69 38.64 -3.43
N ILE H 242 -15.42 39.04 -3.21
CA ILE H 242 -15.07 40.11 -2.27
C ILE H 242 -14.30 41.22 -3.00
N ASP H 243 -14.81 42.47 -2.93
CA ASP H 243 -14.25 43.66 -3.56
C ASP H 243 -13.95 44.72 -2.48
N LEU H 244 -12.74 45.27 -2.49
CA LEU H 244 -12.31 46.29 -1.53
C LEU H 244 -12.39 47.69 -2.14
N ALA H 245 -12.78 48.68 -1.32
CA ALA H 245 -12.93 50.07 -1.76
C ALA H 245 -12.31 51.08 -0.80
N VAL H 246 -11.84 52.21 -1.35
CA VAL H 246 -11.23 53.33 -0.61
C VAL H 246 -11.95 54.63 -0.99
N ASP H 247 -12.36 55.41 0.03
CA ASP H 247 -13.04 56.70 -0.16
C ASP H 247 -12.64 57.73 0.91
N GLU H 248 -13.46 58.78 1.07
CA GLU H 248 -13.27 59.85 2.05
C GLU H 248 -13.46 59.33 3.48
N ASN H 249 -14.39 58.37 3.67
CA ASN H 249 -14.71 57.76 4.96
C ASN H 249 -13.65 56.75 5.45
N GLY H 250 -12.90 56.16 4.53
CA GLY H 250 -11.85 55.20 4.85
C GLY H 250 -11.85 53.95 4.00
N LEU H 251 -11.53 52.80 4.62
CA LEU H 251 -11.47 51.49 3.97
C LEU H 251 -12.81 50.75 4.07
N TRP H 252 -13.26 50.16 2.94
CA TRP H 252 -14.54 49.45 2.85
C TRP H 252 -14.43 48.07 2.21
N VAL H 253 -15.38 47.17 2.55
CA VAL H 253 -15.46 45.81 2.03
C VAL H 253 -16.85 45.57 1.43
N ILE H 254 -16.91 45.40 0.10
CA ILE H 254 -18.14 45.13 -0.65
C ILE H 254 -18.18 43.61 -0.90
N TYR H 255 -19.19 42.94 -0.34
CA TYR H 255 -19.35 41.48 -0.44
C TYR H 255 -20.84 41.08 -0.44
N ALA H 256 -21.13 39.80 -0.16
CA ALA H 256 -22.49 39.26 -0.09
C ALA H 256 -22.57 38.11 0.91
N THR H 257 -23.70 38.00 1.63
CA THR H 257 -23.95 36.94 2.61
C THR H 257 -25.21 36.17 2.23
N GLU H 258 -25.32 34.91 2.71
CA GLU H 258 -26.49 34.08 2.47
C GLU H 258 -27.66 34.54 3.36
N GLN H 259 -27.34 35.28 4.44
CA GLN H 259 -28.28 35.87 5.40
C GLN H 259 -29.08 36.99 4.72
N ASN H 260 -28.43 37.71 3.78
CA ASN H 260 -29.04 38.78 3.00
C ASN H 260 -29.57 38.23 1.65
N ASN H 261 -29.51 36.89 1.47
CA ASN H 261 -29.96 36.14 0.29
C ASN H 261 -29.25 36.56 -1.00
N GLY H 262 -27.92 36.53 -0.96
CA GLY H 262 -27.06 36.89 -2.10
C GLY H 262 -26.93 38.37 -2.39
N LYS H 263 -27.71 39.22 -1.68
CA LYS H 263 -27.68 40.67 -1.85
C LYS H 263 -26.39 41.28 -1.29
N ILE H 264 -25.97 42.43 -1.84
CA ILE H 264 -24.73 43.14 -1.47
C ILE H 264 -24.74 43.61 -0.02
N VAL H 265 -23.66 43.25 0.71
CA VAL H 265 -23.44 43.60 2.12
C VAL H 265 -22.15 44.44 2.17
N ILE H 266 -22.26 45.69 2.65
CA ILE H 266 -21.11 46.59 2.75
C ILE H 266 -20.69 46.80 4.20
N SER H 267 -19.39 46.62 4.48
CA SER H 267 -18.83 46.75 5.82
C SER H 267 -17.57 47.58 5.85
N GLN H 268 -17.47 48.51 6.81
CA GLN H 268 -16.28 49.35 6.99
C GLN H 268 -15.24 48.55 7.76
N LEU H 269 -14.02 48.51 7.24
CA LEU H 269 -12.91 47.79 7.85
C LEU H 269 -11.82 48.76 8.32
N ASN H 270 -11.28 48.53 9.53
CA ASN H 270 -10.20 49.33 10.08
C ASN H 270 -8.88 48.89 9.43
N PRO H 271 -8.10 49.81 8.82
CA PRO H 271 -6.86 49.37 8.14
C PRO H 271 -5.71 48.96 9.07
N TYR H 272 -5.86 49.19 10.39
CA TYR H 272 -4.84 48.87 11.38
C TYR H 272 -5.18 47.59 12.15
N THR H 273 -6.33 47.60 12.87
CA THR H 273 -6.79 46.47 13.69
C THR H 273 -7.37 45.32 12.86
N LEU H 274 -7.81 45.60 11.61
CA LEU H 274 -8.43 44.64 10.68
C LEU H 274 -9.70 44.02 11.28
N ARG H 275 -10.65 44.88 11.66
CA ARG H 275 -11.92 44.49 12.27
C ARG H 275 -13.09 45.25 11.64
N ILE H 276 -14.29 44.65 11.68
CA ILE H 276 -15.51 45.25 11.14
C ILE H 276 -16.03 46.35 12.08
N GLU H 277 -16.06 47.60 11.59
CA GLU H 277 -16.53 48.78 12.33
C GLU H 277 -17.94 49.22 11.86
N GLY H 278 -18.75 48.25 11.44
CA GLY H 278 -20.11 48.48 10.96
C GLY H 278 -20.46 47.64 9.75
N THR H 279 -21.72 47.16 9.69
CA THR H 279 -22.24 46.33 8.61
C THR H 279 -23.59 46.88 8.10
N TRP H 280 -23.76 46.91 6.76
CA TRP H 280 -24.96 47.40 6.10
C TRP H 280 -25.44 46.40 5.05
N ASP H 281 -26.75 46.11 5.01
CA ASP H 281 -27.34 45.19 4.04
C ASP H 281 -28.16 45.95 3.00
N THR H 282 -27.89 45.69 1.70
CA THR H 282 -28.58 46.35 0.60
C THR H 282 -29.66 45.45 -0.02
N ALA H 283 -30.39 45.97 -1.04
CA ALA H 283 -31.46 45.26 -1.73
C ALA H 283 -31.00 44.67 -3.09
N TYR H 284 -29.84 45.11 -3.60
CA TYR H 284 -29.28 44.69 -4.89
C TYR H 284 -28.51 43.36 -4.79
N ASP H 285 -28.76 42.43 -5.73
CA ASP H 285 -28.08 41.13 -5.83
C ASP H 285 -26.70 41.33 -6.45
N LYS H 286 -25.65 40.72 -5.84
CA LYS H 286 -24.27 40.86 -6.31
C LYS H 286 -24.00 40.29 -7.72
N ARG H 287 -24.61 39.13 -8.06
CA ARG H 287 -24.46 38.49 -9.38
C ARG H 287 -25.15 39.27 -10.51
N SER H 288 -26.15 40.10 -10.15
CA SER H 288 -26.88 40.95 -11.09
C SER H 288 -26.07 42.21 -11.41
N ALA H 289 -25.16 42.59 -10.49
CA ALA H 289 -24.28 43.76 -10.61
C ALA H 289 -23.00 43.42 -11.38
N SER H 290 -22.41 44.42 -12.05
CA SER H 290 -21.18 44.29 -12.82
C SER H 290 -19.95 44.65 -11.98
N ASN H 291 -20.07 45.71 -11.13
CA ASN H 291 -19.06 46.23 -10.20
C ASN H 291 -19.65 47.28 -9.26
N ALA H 292 -18.88 47.68 -8.22
CA ALA H 292 -19.32 48.69 -7.24
C ALA H 292 -18.17 49.52 -6.69
N PHE H 293 -18.46 50.77 -6.30
CA PHE H 293 -17.49 51.71 -5.73
C PHE H 293 -18.08 52.61 -4.64
N MET H 294 -17.22 53.03 -3.68
CA MET H 294 -17.60 53.88 -2.55
C MET H 294 -17.08 55.31 -2.71
N ILE H 295 -17.93 56.31 -2.44
CA ILE H 295 -17.64 57.75 -2.42
C ILE H 295 -18.45 58.36 -1.26
N CYS H 296 -17.76 58.99 -0.28
CA CYS H 296 -18.35 59.64 0.92
C CYS H 296 -19.24 58.70 1.75
N GLY H 297 -18.95 57.40 1.70
CA GLY H 297 -19.72 56.39 2.42
C GLY H 297 -21.00 56.03 1.69
N ILE H 298 -21.06 56.32 0.39
CA ILE H 298 -22.20 56.02 -0.49
C ILE H 298 -21.77 54.99 -1.53
N LEU H 299 -22.52 53.87 -1.62
CA LEU H 299 -22.26 52.79 -2.55
C LEU H 299 -22.92 53.09 -3.90
N TYR H 300 -22.22 52.80 -4.99
CA TYR H 300 -22.72 53.01 -6.35
C TYR H 300 -22.64 51.68 -7.08
N VAL H 301 -23.81 51.11 -7.44
CA VAL H 301 -23.93 49.80 -8.12
C VAL H 301 -24.02 49.97 -9.64
N VAL H 302 -23.04 49.42 -10.36
CA VAL H 302 -22.95 49.47 -11.83
C VAL H 302 -23.57 48.22 -12.46
N LYS H 303 -24.50 48.42 -13.40
CA LYS H 303 -25.21 47.38 -14.16
C LYS H 303 -24.80 47.57 -15.62
N SER H 304 -24.13 46.57 -16.23
CA SER H 304 -23.65 46.67 -17.61
C SER H 304 -23.80 45.39 -18.46
N VAL H 305 -23.63 45.55 -19.79
CA VAL H 305 -23.69 44.47 -20.78
C VAL H 305 -22.26 43.99 -21.04
N TYR H 306 -22.09 42.66 -21.13
CA TYR H 306 -20.83 41.97 -21.38
C TYR H 306 -20.86 41.30 -22.75
N GLU H 307 -19.69 40.78 -23.22
CA GLU H 307 -19.60 39.99 -24.45
C GLU H 307 -20.37 38.69 -24.14
N ASP H 308 -20.89 38.01 -25.17
CA ASP H 308 -21.69 36.76 -25.04
C ASP H 308 -23.19 37.05 -24.82
N ASP H 309 -23.55 38.27 -24.34
CA ASP H 309 -24.94 38.67 -24.15
C ASP H 309 -25.64 38.79 -25.49
N ASP H 310 -26.82 38.17 -25.61
CA ASP H 310 -27.57 38.13 -26.86
C ASP H 310 -28.23 39.43 -27.30
N ASN H 311 -28.61 40.34 -26.37
CA ASN H 311 -29.35 41.55 -26.75
C ASN H 311 -28.53 42.84 -26.92
N GLU H 312 -27.69 43.24 -25.92
CA GLU H 312 -26.90 44.49 -25.88
C GLU H 312 -27.77 45.75 -25.63
N ALA H 313 -29.10 45.63 -25.88
CA ALA H 313 -30.12 46.68 -25.73
C ALA H 313 -30.32 47.13 -24.28
N THR H 314 -30.13 46.22 -23.30
CA THR H 314 -30.25 46.52 -21.86
C THR H 314 -29.25 47.58 -21.44
N GLY H 315 -29.63 48.35 -20.43
CA GLY H 315 -28.84 49.46 -19.91
C GLY H 315 -27.42 49.18 -19.47
N ASN H 316 -26.60 50.24 -19.49
CA ASN H 316 -25.20 50.30 -19.06
C ASN H 316 -25.10 51.56 -18.20
N LYS H 317 -25.75 51.50 -17.01
CA LYS H 317 -25.87 52.62 -16.08
C LYS H 317 -25.75 52.20 -14.62
N ILE H 318 -25.59 53.19 -13.72
CA ILE H 318 -25.59 52.99 -12.27
C ILE H 318 -27.07 53.10 -11.89
N ASP H 319 -27.68 51.99 -11.42
CA ASP H 319 -29.11 51.97 -11.12
C ASP H 319 -29.48 51.89 -9.62
N TYR H 320 -28.48 51.79 -8.72
CA TYR H 320 -28.71 51.68 -7.28
C TYR H 320 -27.65 52.40 -6.47
N ILE H 321 -28.07 53.03 -5.36
CA ILE H 321 -27.21 53.74 -4.41
C ILE H 321 -27.60 53.41 -2.98
N TYR H 322 -26.61 53.32 -2.09
CA TYR H 322 -26.84 53.05 -0.67
C TYR H 322 -25.98 53.94 0.21
N ASN H 323 -26.61 54.74 1.08
CA ASN H 323 -25.92 55.62 2.01
C ASN H 323 -25.74 54.89 3.34
N THR H 324 -24.54 55.00 3.94
CA THR H 324 -24.22 54.35 5.22
C THR H 324 -24.64 55.18 6.43
N ASP H 325 -24.44 56.52 6.35
CA ASP H 325 -24.79 57.47 7.42
C ASP H 325 -26.29 57.54 7.63
N GLN H 326 -27.07 57.56 6.54
CA GLN H 326 -28.54 57.64 6.57
C GLN H 326 -29.20 56.26 6.63
N SER H 327 -28.48 55.20 6.18
CA SER H 327 -28.93 53.80 6.10
C SER H 327 -30.20 53.66 5.22
N LYS H 328 -30.26 54.48 4.15
CA LYS H 328 -31.36 54.53 3.19
C LYS H 328 -30.84 54.30 1.77
N ASP H 329 -31.66 53.65 0.92
CA ASP H 329 -31.31 53.35 -0.47
C ASP H 329 -32.25 54.00 -1.48
N SER H 330 -31.73 54.25 -2.71
CA SER H 330 -32.48 54.86 -3.81
C SER H 330 -32.12 54.25 -5.16
N LEU H 331 -33.06 54.31 -6.11
CA LEU H 331 -32.88 53.82 -7.48
C LEU H 331 -32.51 54.98 -8.39
N VAL H 332 -31.28 54.95 -8.93
CA VAL H 332 -30.75 56.01 -9.80
C VAL H 332 -30.69 55.56 -11.27
N ASP H 333 -30.20 56.46 -12.16
CA ASP H 333 -30.04 56.22 -13.59
C ASP H 333 -28.94 57.13 -14.14
N VAL H 334 -27.71 56.91 -13.67
CA VAL H 334 -26.54 57.68 -14.07
C VAL H 334 -25.84 56.92 -15.21
N PRO H 335 -25.75 57.50 -16.43
CA PRO H 335 -25.10 56.79 -17.54
C PRO H 335 -23.61 56.50 -17.29
N PHE H 336 -23.27 55.19 -17.27
CA PHE H 336 -21.91 54.70 -17.06
C PHE H 336 -21.29 54.29 -18.40
N PRO H 337 -20.08 54.77 -18.73
CA PRO H 337 -19.48 54.40 -20.03
C PRO H 337 -18.70 53.10 -20.03
N ASN H 338 -18.88 52.33 -21.12
CA ASN H 338 -18.18 51.08 -21.42
C ASN H 338 -18.19 50.83 -22.93
N SER H 339 -17.17 51.37 -23.61
CA SER H 339 -16.98 51.26 -25.04
C SER H 339 -16.74 49.80 -25.42
N TYR H 340 -16.09 49.07 -24.51
CA TYR H 340 -15.78 47.64 -24.60
C TYR H 340 -16.87 46.96 -23.75
N GLN H 341 -16.86 45.63 -23.59
CA GLN H 341 -17.98 45.07 -22.82
C GLN H 341 -17.59 44.27 -21.56
N TYR H 342 -16.37 43.69 -21.50
CA TYR H 342 -15.98 42.90 -20.33
C TYR H 342 -15.41 43.74 -19.15
N ILE H 343 -16.30 44.40 -18.36
CA ILE H 343 -15.90 45.20 -17.18
C ILE H 343 -15.37 44.27 -16.08
N ALA H 344 -14.07 44.40 -15.76
CA ALA H 344 -13.44 43.57 -14.73
C ALA H 344 -13.54 44.22 -13.36
N ALA H 345 -12.94 45.42 -13.19
CA ALA H 345 -12.93 46.14 -11.91
C ALA H 345 -13.13 47.66 -12.06
N VAL H 346 -13.81 48.27 -11.08
CA VAL H 346 -14.07 49.72 -11.00
C VAL H 346 -13.72 50.17 -9.57
N ASP H 347 -12.66 50.98 -9.43
CA ASP H 347 -12.19 51.50 -8.14
C ASP H 347 -12.13 53.03 -8.16
N TYR H 348 -12.54 53.66 -7.04
CA TYR H 348 -12.52 55.12 -6.88
C TYR H 348 -11.33 55.58 -6.06
N ASN H 349 -10.65 56.65 -6.51
CA ASN H 349 -9.51 57.24 -5.82
C ASN H 349 -9.91 58.62 -5.27
N PRO H 350 -10.02 58.78 -3.93
CA PRO H 350 -10.44 60.08 -3.37
C PRO H 350 -9.48 61.26 -3.54
N ARG H 351 -8.18 61.01 -3.82
CA ARG H 351 -7.18 62.07 -4.03
C ARG H 351 -7.39 62.82 -5.35
N ASP H 352 -7.64 62.08 -6.44
CA ASP H 352 -7.82 62.66 -7.78
C ASP H 352 -9.29 62.72 -8.23
N ASN H 353 -10.21 62.04 -7.49
CA ASN H 353 -11.65 61.96 -7.75
C ASN H 353 -11.96 61.37 -9.14
N LEU H 354 -11.23 60.30 -9.50
CA LEU H 354 -11.35 59.61 -10.79
C LEU H 354 -11.55 58.10 -10.58
N LEU H 355 -12.17 57.45 -11.57
CA LEU H 355 -12.41 56.00 -11.55
C LEU H 355 -11.31 55.26 -12.32
N TYR H 356 -10.81 54.18 -11.71
CA TYR H 356 -9.75 53.31 -12.23
C TYR H 356 -10.41 52.02 -12.74
N VAL H 357 -10.80 52.03 -14.02
CA VAL H 357 -11.56 50.95 -14.67
C VAL H 357 -10.70 50.10 -15.64
N TRP H 358 -10.91 48.77 -15.58
CA TRP H 358 -10.32 47.75 -16.44
C TRP H 358 -11.49 47.13 -17.22
N ASN H 359 -11.76 47.65 -18.42
CA ASN H 359 -12.84 47.15 -19.27
C ASN H 359 -12.22 46.46 -20.47
N ASN H 360 -12.47 45.14 -20.59
CA ASN H 360 -11.92 44.20 -21.57
C ASN H 360 -10.38 44.23 -21.48
N TYR H 361 -9.68 44.14 -22.60
CA TYR H 361 -8.22 44.19 -22.57
C TYR H 361 -7.68 45.62 -22.40
N HIS H 362 -8.57 46.62 -22.23
CA HIS H 362 -8.22 48.03 -22.11
C HIS H 362 -8.21 48.60 -20.69
N VAL H 363 -7.17 49.37 -20.35
CA VAL H 363 -6.99 50.02 -19.04
C VAL H 363 -7.32 51.50 -19.21
N VAL H 364 -8.47 51.95 -18.64
CA VAL H 364 -8.96 53.32 -18.78
C VAL H 364 -9.19 54.04 -17.44
N LYS H 365 -9.24 55.39 -17.51
CA LYS H 365 -9.50 56.29 -16.38
C LYS H 365 -10.75 57.11 -16.72
N TYR H 366 -11.65 57.28 -15.75
CA TYR H 366 -12.90 58.02 -15.95
C TYR H 366 -13.00 59.29 -15.10
N SER H 367 -13.41 60.41 -15.75
CA SER H 367 -13.60 61.70 -15.09
C SER H 367 -14.97 61.73 -14.41
N LEU H 368 -15.07 62.47 -13.27
CA LEU H 368 -16.32 62.53 -12.50
C LEU H 368 -16.86 63.94 -12.27
N ASP H 369 -18.19 64.08 -12.43
CA ASP H 369 -18.98 65.30 -12.22
C ASP H 369 -19.76 65.13 -10.92
N PHE H 370 -19.90 66.21 -10.13
CA PHE H 370 -20.60 66.15 -8.84
C PHE H 370 -21.68 67.21 -8.63
N GLY H 371 -22.60 66.91 -7.72
CA GLY H 371 -23.72 67.76 -7.32
C GLY H 371 -23.79 67.91 -5.81
N PRO H 372 -24.46 68.96 -5.28
CA PRO H 372 -24.53 69.12 -3.81
C PRO H 372 -25.64 68.31 -3.11
N LEU H 373 -26.48 67.60 -3.91
CA LEU H 373 -27.62 66.81 -3.44
C LEU H 373 -27.15 65.57 -2.66
#